data_8BIK
#
_entry.id   8BIK
#
_cell.length_a   75.313
_cell.length_b   127.975
_cell.length_c   139.215
_cell.angle_alpha   90.000
_cell.angle_beta   92.910
_cell.angle_gamma   90.000
#
_symmetry.space_group_name_H-M   'P 1 21 1'
#
loop_
_entity.id
_entity.type
_entity.pdbx_description
1 polymer "5'-AMP-activated protein kinase catalytic subunit alpha-2"
2 polymer "5'-AMP-activated protein kinase subunit beta-1"
3 polymer "5'-AMP-activated protein kinase subunit gamma-1"
4 non-polymer STAUROSPORINE
5 non-polymer (3~{R},3~{a}~{R},6~{R},6~{a}~{R})-6-[[6-chloranyl-5-[4-[4-[[dimethyl(oxidanyl)-$l^{4}-sulfanyl]amino]phenyl]phenyl]-3~{H}-imidazo[4,5-b]pyridin-2-yl]oxy]-2,3,3~{a},5,6,6~{a}-hexahydrofuro[3,2-b]furan-3-ol
6 non-polymer 'ADENOSINE MONOPHOSPHATE'
7 water water
#
loop_
_entity_poly.entity_id
_entity_poly.type
_entity_poly.pdbx_seq_one_letter_code
_entity_poly.pdbx_strand_id
1 'polypeptide(L)'
;MHHHHHHMAEKQKHDGRVKIGHYVLGDTLGVGTFGKVKIGEHQLTGHKVAVKILNRQKIRSLDVVGKIKREIQNLKLFRH
PHIIKLYQVISTPTDFFMVMEYVSGGELFDYICKHGRVEEMEARRLFQQILSAVDYCHRHMVVHRDLKPENVLLDAHMNA
KIADFGLSNMMSDGEFLRTSCGSPNYAAPEVISGRLYAGPEVDIWSCGVILYALLCGTLPFDDEHVPTLFKKIRGGVFYI
PEYLNRSVATLLMHMLQVDPLKRATIKDIREHEWFKQDLPSYLFPEDPSYDANVIDDEAVKEVCEKFECTESEVMNSLYS
GDPQDQLAVAYHLIIDNRRIMNQASEFYLASSPPSGSFMDDSAMHIPPGLKPHPERMPPLIADSPKARCPLDALNTTKPK
SLAVKKAKWHLGIRSQSKPYDIMAEVYRAMKQLDFEWKVVNAYHLRVRRKNPVTGNYVKMSLQLYLVDNRSYLLDFKSID
DEVVEQRSGSSTPQRSCSAAGLHRPRSSFDSTTAESHSLSGSLTGSLTGSTLSSVSPRLGSHTMDFFEMCASLITTLAR
;
A,D
2 'polypeptide(L)'
;MGNTSSERAALERHGGHKTPRRDSSGGTKDGDRPKILMDSPEDADLFHSEEIKAPEKEEFLAWQHDLEVNDKAPAQARPT
VFRWTGGGKEVYLSGSFNNWSKLPLTR(SEP)HNNFVAILDLPEGEHQYKFFVDGQWTHDPSEPIVTSQLGTVNNIIQVK
KTDFEVFDALMVDSQKCSDVSELSSSPPGPYHQEPYVCKPEERFRAPPILPPHLLQVILNKDTGISCDPALLPEPNHVML
NHLYALSIKDGVMVLSATHRYKKKYVTTLLYKPI
;
B,E
3 'polypeptide(L)'
;METVISSDSSPAVENEHPQETPESNNSVYTSFMKSHRCYDLIPTSSKLVVFDTSLQVKKAFFALVTNGVRAAPLWDSKKQ
SFVGMLTITDFINILHRYYKSALVQIYELEEHKIETWREVYLQDSFKPLVCISPNASLFDAVSSLIRNKIHRLPVIDPES
GNTLYILTHKRILKFLKLFITEFPKPEFMSKSLEELQIGTYANIAMVRTTTPVYVALGIFVQHRVSALPVVDEKGRVVDI
YSKFDVINLAAEKTYNNLDVSVTKALQHRSHYFEGVLKCYLHETLETIINRLVEAEVHRLVVVDENDVVKGIVSLSDILQ
ALVLTGGEKKP
;
C,F
#
# COMPACT_ATOMS: atom_id res chain seq x y z
N ASP A 15 60.13 18.45 4.36
CA ASP A 15 59.70 18.75 2.98
C ASP A 15 59.28 20.22 2.80
N GLY A 16 58.45 20.71 3.73
CA GLY A 16 57.95 22.07 3.81
C GLY A 16 56.75 22.40 2.96
N ARG A 17 56.71 21.88 1.72
CA ARG A 17 55.67 22.18 0.77
C ARG A 17 54.31 21.48 1.11
N VAL A 18 53.19 22.05 0.59
CA VAL A 18 51.83 21.56 0.84
C VAL A 18 51.39 20.78 -0.40
N LYS A 19 51.19 19.48 -0.26
CA LYS A 19 50.87 18.61 -1.38
C LYS A 19 49.49 17.91 -1.30
N ILE A 20 48.77 17.90 -2.42
CA ILE A 20 47.50 17.23 -2.57
C ILE A 20 47.59 16.51 -3.89
N GLY A 21 47.51 15.19 -3.85
CA GLY A 21 47.74 14.38 -5.04
C GLY A 21 49.23 14.40 -5.26
N HIS A 22 49.67 14.71 -6.50
CA HIS A 22 51.10 14.84 -6.82
C HIS A 22 51.43 16.33 -7.05
N TYR A 23 50.49 17.20 -6.68
CA TYR A 23 50.53 18.63 -6.87
C TYR A 23 50.89 19.40 -5.61
N VAL A 24 51.93 20.22 -5.72
CA VAL A 24 52.40 21.10 -4.65
C VAL A 24 51.62 22.40 -4.80
N LEU A 25 50.95 22.82 -3.74
CA LEU A 25 50.13 24.03 -3.73
C LEU A 25 50.98 25.30 -3.56
N GLY A 26 50.69 26.29 -4.39
CA GLY A 26 51.35 27.59 -4.36
C GLY A 26 50.40 28.70 -3.93
N ASP A 27 50.56 29.87 -4.53
CA ASP A 27 49.77 31.05 -4.19
C ASP A 27 48.34 31.02 -4.66
N THR A 28 47.51 31.80 -3.97
CA THR A 28 46.10 32.01 -4.28
C THR A 28 46.01 32.74 -5.62
N LEU A 29 45.22 32.20 -6.55
CA LEU A 29 44.96 32.78 -7.88
C LEU A 29 43.91 33.87 -7.74
N GLY A 30 42.95 33.59 -6.85
CA GLY A 30 41.81 34.39 -6.41
C GLY A 30 40.85 33.61 -5.52
N VAL A 31 39.82 34.27 -5.03
CA VAL A 31 38.72 33.69 -4.23
C VAL A 31 37.46 33.93 -5.06
N GLY A 32 36.73 32.84 -5.31
CA GLY A 32 35.52 32.91 -6.10
C GLY A 32 34.32 33.11 -5.22
N THR A 33 33.14 32.92 -5.81
CA THR A 33 31.87 33.10 -5.11
C THR A 33 31.82 32.15 -3.91
N PHE A 34 32.41 30.96 -4.05
CA PHE A 34 32.46 29.99 -2.96
C PHE A 34 33.69 29.10 -3.14
N GLY A 35 34.66 29.20 -2.24
CA GLY A 35 35.93 28.47 -2.36
C GLY A 35 37.13 29.37 -2.65
N LYS A 36 38.31 28.84 -2.35
CA LYS A 36 39.61 29.53 -2.53
C LYS A 36 40.41 28.75 -3.58
N VAL A 37 40.92 29.48 -4.58
CA VAL A 37 41.64 28.91 -5.72
C VAL A 37 43.13 29.22 -5.57
N LYS A 38 43.93 28.16 -5.59
CA LYS A 38 45.38 28.21 -5.51
C LYS A 38 45.93 27.53 -6.72
N ILE A 39 47.18 27.89 -7.07
CA ILE A 39 47.90 27.26 -8.17
C ILE A 39 48.53 25.99 -7.60
N GLY A 40 48.57 24.95 -8.39
CA GLY A 40 49.20 23.68 -8.03
C GLY A 40 50.20 23.31 -9.08
N GLU A 41 51.35 22.78 -8.67
CA GLU A 41 52.41 22.39 -9.60
C GLU A 41 52.82 20.95 -9.37
N HIS A 42 52.76 20.14 -10.42
CA HIS A 42 53.13 18.70 -10.37
C HIS A 42 54.56 18.50 -9.92
N GLN A 43 54.72 17.78 -8.78
CA GLN A 43 56.00 17.48 -8.09
C GLN A 43 57.08 16.83 -8.97
N LEU A 44 56.69 16.13 -10.07
CA LEU A 44 57.62 15.45 -10.98
C LEU A 44 57.81 16.18 -12.30
N THR A 45 56.71 16.60 -12.93
CA THR A 45 56.71 17.25 -14.24
C THR A 45 56.63 18.79 -14.29
N GLY A 46 56.13 19.42 -13.21
CA GLY A 46 55.95 20.87 -13.19
C GLY A 46 54.66 21.32 -13.86
N HIS A 47 53.79 20.35 -14.23
CA HIS A 47 52.49 20.59 -14.85
C HIS A 47 51.66 21.44 -13.87
N LYS A 48 51.05 22.50 -14.41
CA LYS A 48 50.26 23.41 -13.59
C LYS A 48 48.77 23.14 -13.66
N VAL A 49 48.12 23.25 -12.51
CA VAL A 49 46.67 23.12 -12.34
C VAL A 49 46.18 24.29 -11.47
N ALA A 50 44.87 24.53 -11.50
CA ALA A 50 44.20 25.47 -10.61
C ALA A 50 43.37 24.58 -9.64
N VAL A 51 43.62 24.67 -8.35
CA VAL A 51 42.94 23.86 -7.32
C VAL A 51 41.93 24.70 -6.51
N LYS A 52 40.63 24.38 -6.64
CA LYS A 52 39.57 25.03 -5.88
C LYS A 52 39.32 24.23 -4.59
N ILE A 53 39.51 24.88 -3.43
CA ILE A 53 39.32 24.27 -2.12
C ILE A 53 37.91 24.61 -1.59
N LEU A 54 37.18 23.58 -1.16
CA LEU A 54 35.85 23.72 -0.55
C LEU A 54 35.86 23.10 0.83
N ASN A 55 35.52 23.88 1.87
CA ASN A 55 35.42 23.40 3.26
C ASN A 55 34.09 22.65 3.50
N ARG A 56 34.18 21.38 3.92
CA ARG A 56 33.06 20.50 4.23
C ARG A 56 32.10 21.07 5.29
N GLN A 57 32.66 21.60 6.40
CA GLN A 57 31.92 22.23 7.50
C GLN A 57 31.16 23.47 7.03
N LYS A 58 31.75 24.28 6.12
CA LYS A 58 31.10 25.46 5.56
C LYS A 58 29.89 25.07 4.73
N ILE A 59 30.01 24.01 3.93
CA ILE A 59 28.93 23.48 3.08
C ILE A 59 27.79 22.98 3.99
N ARG A 60 28.11 22.27 5.09
CA ARG A 60 27.13 21.77 6.05
C ARG A 60 26.36 22.89 6.74
N SER A 61 27.09 23.88 7.29
CA SER A 61 26.51 24.99 8.02
C SER A 61 25.66 25.91 7.15
N LEU A 62 26.01 26.05 5.87
CA LEU A 62 25.24 26.86 4.93
C LEU A 62 24.11 26.05 4.29
N ASP A 63 24.10 24.71 4.54
CA ASP A 63 23.18 23.67 4.05
C ASP A 63 23.08 23.68 2.52
N VAL A 64 24.24 23.65 1.85
CA VAL A 64 24.33 23.73 0.39
C VAL A 64 24.97 22.49 -0.19
N VAL A 65 24.78 21.32 0.50
CA VAL A 65 25.40 20.03 0.14
C VAL A 65 24.96 19.58 -1.26
N GLY A 66 23.65 19.67 -1.54
CA GLY A 66 23.06 19.34 -2.84
C GLY A 66 23.56 20.21 -3.97
N LYS A 67 23.62 21.56 -3.73
CA LYS A 67 24.13 22.57 -4.65
C LYS A 67 25.57 22.20 -5.07
N ILE A 68 26.44 21.85 -4.08
CA ILE A 68 27.83 21.47 -4.32
C ILE A 68 27.88 20.14 -5.07
N LYS A 69 27.07 19.15 -4.65
CA LYS A 69 27.00 17.83 -5.30
C LYS A 69 26.70 17.98 -6.79
N ARG A 70 25.67 18.78 -7.15
CA ARG A 70 25.27 19.06 -8.54
C ARG A 70 26.35 19.79 -9.32
N GLU A 71 26.95 20.83 -8.72
CA GLU A 71 28.07 21.61 -9.29
C GLU A 71 29.22 20.65 -9.71
N ILE A 72 29.58 19.69 -8.83
CA ILE A 72 30.63 18.68 -9.06
C ILE A 72 30.22 17.71 -10.14
N GLN A 73 28.95 17.23 -10.09
CA GLN A 73 28.36 16.33 -11.12
C GLN A 73 28.42 17.00 -12.49
N ASN A 74 28.09 18.32 -12.55
CA ASN A 74 28.07 19.12 -13.78
C ASN A 74 29.43 19.33 -14.34
N LEU A 75 30.42 19.72 -13.53
CA LEU A 75 31.79 19.89 -14.00
C LEU A 75 32.45 18.58 -14.41
N LYS A 76 32.12 17.46 -13.76
CA LYS A 76 32.64 16.14 -14.14
C LYS A 76 32.12 15.76 -15.52
N LEU A 77 30.88 16.11 -15.82
CA LEU A 77 30.22 15.84 -17.09
C LEU A 77 30.68 16.75 -18.26
N PHE A 78 30.85 18.07 -18.01
CA PHE A 78 31.19 19.06 -19.03
C PHE A 78 32.55 18.82 -19.65
N ARG A 79 32.61 18.91 -20.99
CA ARG A 79 33.83 18.73 -21.78
C ARG A 79 33.71 19.63 -23.00
N HIS A 80 33.86 20.92 -22.79
CA HIS A 80 33.75 21.92 -23.84
C HIS A 80 35.11 22.62 -23.98
N PRO A 81 35.58 22.96 -25.21
CA PRO A 81 36.90 23.64 -25.31
C PRO A 81 36.94 25.06 -24.71
N HIS A 82 35.76 25.60 -24.29
CA HIS A 82 35.69 26.98 -23.79
C HIS A 82 35.07 27.05 -22.39
N ILE A 83 35.18 25.94 -21.63
CA ILE A 83 34.78 25.86 -20.23
C ILE A 83 35.96 25.23 -19.51
N ILE A 84 36.40 25.84 -18.37
CA ILE A 84 37.50 25.26 -17.60
C ILE A 84 37.12 23.80 -17.23
N LYS A 85 37.97 22.86 -17.59
CA LYS A 85 37.81 21.43 -17.32
C LYS A 85 38.12 21.01 -15.87
N LEU A 86 37.31 20.12 -15.30
CA LEU A 86 37.58 19.52 -13.99
C LEU A 86 38.31 18.19 -14.23
N TYR A 87 39.56 18.06 -13.76
CA TYR A 87 40.33 16.83 -13.94
C TYR A 87 40.02 15.80 -12.85
N GLN A 88 40.03 16.19 -11.58
CA GLN A 88 39.73 15.28 -10.47
C GLN A 88 39.28 16.01 -9.24
N VAL A 89 38.64 15.30 -8.32
CA VAL A 89 38.33 15.91 -7.04
C VAL A 89 38.86 14.98 -5.95
N ILE A 90 39.79 15.50 -5.13
CA ILE A 90 40.41 14.81 -4.00
C ILE A 90 39.65 15.19 -2.72
N SER A 91 39.02 14.18 -2.08
CA SER A 91 38.21 14.30 -0.86
C SER A 91 39.10 13.99 0.35
N THR A 92 38.94 14.74 1.43
CA THR A 92 39.69 14.58 2.69
C THR A 92 38.65 14.73 3.86
N PRO A 93 38.98 14.38 5.13
CA PRO A 93 38.00 14.54 6.23
C PRO A 93 37.40 15.93 6.46
N THR A 94 38.08 17.01 6.03
CA THR A 94 37.63 18.39 6.26
C THR A 94 37.35 19.21 4.99
N ASP A 95 37.97 18.85 3.80
CA ASP A 95 37.90 19.63 2.57
C ASP A 95 37.87 18.84 1.23
N PHE A 96 37.33 19.47 0.18
CA PHE A 96 37.33 18.91 -1.17
C PHE A 96 38.26 19.75 -2.03
N PHE A 97 39.10 19.09 -2.82
CA PHE A 97 40.08 19.76 -3.70
C PHE A 97 39.72 19.45 -5.10
N MET A 98 39.25 20.45 -5.85
CA MET A 98 38.86 20.30 -7.25
C MET A 98 40.03 20.72 -8.13
N VAL A 99 40.68 19.72 -8.73
CA VAL A 99 41.84 19.90 -9.59
C VAL A 99 41.32 20.22 -10.96
N MET A 100 41.60 21.44 -11.43
CA MET A 100 41.10 21.95 -12.72
C MET A 100 42.20 22.37 -13.65
N GLU A 101 41.83 22.55 -14.91
CA GLU A 101 42.68 23.06 -16.00
C GLU A 101 43.15 24.49 -15.60
N TYR A 102 44.44 24.75 -15.70
CA TYR A 102 45.05 26.07 -15.45
C TYR A 102 45.27 26.80 -16.79
N VAL A 103 44.89 28.09 -16.86
CA VAL A 103 45.11 28.93 -18.03
C VAL A 103 45.94 30.15 -17.63
N SER A 104 47.06 30.38 -18.33
CA SER A 104 48.04 31.39 -17.94
C SER A 104 47.75 32.84 -18.31
N GLY A 105 46.83 33.06 -19.27
CA GLY A 105 46.49 34.40 -19.76
C GLY A 105 45.76 35.34 -18.81
N GLY A 106 45.21 34.82 -17.73
CA GLY A 106 44.44 35.60 -16.77
C GLY A 106 43.07 36.03 -17.29
N GLU A 107 42.42 36.94 -16.54
CA GLU A 107 41.08 37.41 -16.83
C GLU A 107 40.99 38.16 -18.15
N LEU A 108 39.84 38.01 -18.87
CA LEU A 108 39.54 38.78 -20.07
C LEU A 108 39.42 40.27 -19.66
N PHE A 109 38.98 40.53 -18.41
CA PHE A 109 38.86 41.84 -17.81
C PHE A 109 40.16 42.66 -17.94
N ASP A 110 41.27 42.11 -17.42
CA ASP A 110 42.60 42.73 -17.46
C ASP A 110 43.07 42.94 -18.89
N TYR A 111 42.69 42.05 -19.81
CA TYR A 111 43.05 42.15 -21.23
C TYR A 111 42.42 43.38 -21.85
N ILE A 112 41.13 43.60 -21.58
CA ILE A 112 40.38 44.75 -22.09
C ILE A 112 40.96 46.05 -21.48
N CYS A 113 41.47 45.98 -20.25
CA CYS A 113 42.08 47.12 -19.59
C CYS A 113 43.45 47.45 -20.13
N LYS A 114 44.29 46.41 -20.36
CA LYS A 114 45.64 46.51 -20.92
C LYS A 114 45.50 47.18 -22.29
N HIS A 115 44.80 46.54 -23.24
CA HIS A 115 44.47 47.14 -24.54
C HIS A 115 43.46 48.25 -24.22
N GLY A 116 43.02 49.01 -25.20
CA GLY A 116 42.01 50.01 -24.88
C GLY A 116 40.64 49.37 -24.82
N ARG A 117 40.30 48.80 -25.96
CA ARG A 117 39.14 48.03 -26.33
C ARG A 117 39.73 47.00 -27.29
N VAL A 118 38.92 46.05 -27.70
CA VAL A 118 39.40 44.98 -28.56
C VAL A 118 38.94 45.23 -30.00
N GLU A 119 39.88 45.06 -30.93
CA GLU A 119 39.70 45.16 -32.38
C GLU A 119 38.61 44.17 -32.78
N GLU A 120 37.66 44.63 -33.61
CA GLU A 120 36.45 43.96 -34.09
C GLU A 120 36.61 42.48 -34.38
N MET A 121 37.64 42.08 -35.11
CA MET A 121 37.92 40.70 -35.50
C MET A 121 38.21 39.79 -34.32
N GLU A 122 39.05 40.26 -33.38
CA GLU A 122 39.41 39.51 -32.17
C GLU A 122 38.26 39.53 -31.15
N ALA A 123 37.47 40.62 -31.10
CA ALA A 123 36.30 40.76 -30.23
C ALA A 123 35.21 39.76 -30.65
N ARG A 124 34.97 39.67 -31.98
CA ARG A 124 34.00 38.77 -32.56
C ARG A 124 34.36 37.33 -32.22
N ARG A 125 35.63 36.98 -32.42
CA ARG A 125 36.16 35.65 -32.18
C ARG A 125 36.05 35.20 -30.70
N LEU A 126 36.37 36.10 -29.76
CA LEU A 126 36.26 35.83 -28.32
C LEU A 126 34.78 35.66 -27.91
N PHE A 127 33.91 36.53 -28.44
CA PHE A 127 32.47 36.49 -28.20
C PHE A 127 31.84 35.18 -28.71
N GLN A 128 32.26 34.73 -29.91
CA GLN A 128 31.76 33.47 -30.49
C GLN A 128 32.10 32.30 -29.59
N GLN A 129 33.30 32.32 -28.95
CA GLN A 129 33.80 31.27 -28.05
C GLN A 129 33.04 31.28 -26.72
N ILE A 130 32.77 32.47 -26.17
CA ILE A 130 32.01 32.65 -24.93
C ILE A 130 30.58 32.14 -25.12
N LEU A 131 29.92 32.53 -26.23
CA LEU A 131 28.55 32.09 -26.54
C LEU A 131 28.42 30.58 -26.72
N SER A 132 29.42 29.97 -27.36
CA SER A 132 29.51 28.54 -27.58
C SER A 132 29.47 27.81 -26.24
N ALA A 133 30.27 28.25 -25.28
CA ALA A 133 30.37 27.75 -23.91
C ALA A 133 29.04 27.93 -23.15
N VAL A 134 28.37 29.09 -23.32
CA VAL A 134 27.09 29.42 -22.67
C VAL A 134 25.95 28.54 -23.22
N ASP A 135 25.90 28.34 -24.55
CA ASP A 135 24.94 27.46 -25.23
C ASP A 135 25.05 26.00 -24.72
N TYR A 136 26.27 25.51 -24.62
CA TYR A 136 26.58 24.19 -24.14
C TYR A 136 26.03 24.04 -22.73
N CYS A 137 26.17 25.07 -21.85
CA CYS A 137 25.64 25.02 -20.50
C CYS A 137 24.13 24.87 -20.53
N HIS A 138 23.45 25.74 -21.29
CA HIS A 138 21.99 25.76 -21.41
C HIS A 138 21.41 24.47 -21.95
N ARG A 139 22.12 23.84 -22.91
CA ARG A 139 21.75 22.55 -23.49
C ARG A 139 21.86 21.45 -22.46
N HIS A 140 22.70 21.62 -21.46
CA HIS A 140 22.90 20.69 -20.34
C HIS A 140 22.10 21.14 -19.15
N MET A 141 21.17 22.09 -19.35
CA MET A 141 20.19 22.62 -18.36
C MET A 141 20.84 23.36 -17.20
N VAL A 142 21.97 24.03 -17.46
CA VAL A 142 22.68 24.82 -16.47
C VAL A 142 22.76 26.29 -16.93
N VAL A 143 22.46 27.24 -16.04
CA VAL A 143 22.66 28.69 -16.23
C VAL A 143 23.83 29.14 -15.35
N HIS A 144 24.81 29.86 -15.92
CA HIS A 144 26.01 30.30 -15.20
C HIS A 144 25.66 31.35 -14.12
N ARG A 145 24.92 32.42 -14.53
CA ARG A 145 24.44 33.52 -13.69
C ARG A 145 25.49 34.52 -13.22
N ASP A 146 26.76 34.28 -13.51
CA ASP A 146 27.82 35.20 -13.09
C ASP A 146 28.83 35.43 -14.22
N LEU A 147 28.30 35.59 -15.45
CA LEU A 147 29.08 35.86 -16.66
C LEU A 147 29.52 37.33 -16.69
N LYS A 148 30.84 37.54 -16.75
CA LYS A 148 31.50 38.86 -16.74
C LYS A 148 32.96 38.67 -17.18
N PRO A 149 33.67 39.71 -17.68
CA PRO A 149 35.05 39.50 -18.15
C PRO A 149 36.02 38.97 -17.09
N GLU A 150 35.69 39.19 -15.79
CA GLU A 150 36.49 38.69 -14.66
C GLU A 150 36.37 37.15 -14.53
N ASN A 151 35.23 36.57 -15.02
CA ASN A 151 34.93 35.13 -14.97
C ASN A 151 35.23 34.39 -16.29
N VAL A 152 35.78 35.14 -17.27
CA VAL A 152 36.19 34.60 -18.56
C VAL A 152 37.71 34.64 -18.55
N LEU A 153 38.33 33.47 -18.61
CA LEU A 153 39.77 33.38 -18.56
C LEU A 153 40.40 33.14 -19.95
N LEU A 154 41.65 33.54 -20.11
CA LEU A 154 42.35 33.39 -21.39
C LEU A 154 43.52 32.42 -21.30
N ASP A 155 43.64 31.54 -22.28
CA ASP A 155 44.79 30.63 -22.31
C ASP A 155 45.98 31.33 -23.04
N ALA A 156 47.13 30.65 -23.16
CA ALA A 156 48.34 31.17 -23.83
C ALA A 156 48.09 31.55 -25.33
N HIS A 157 47.08 30.95 -26.00
CA HIS A 157 46.72 31.25 -27.41
C HIS A 157 45.52 32.15 -27.53
N MET A 158 45.22 32.90 -26.46
CA MET A 158 44.11 33.88 -26.42
C MET A 158 42.72 33.26 -26.59
N ASN A 159 42.53 31.99 -26.19
CA ASN A 159 41.24 31.30 -26.22
C ASN A 159 40.53 31.55 -24.92
N ALA A 160 39.24 31.78 -25.00
CA ALA A 160 38.39 32.07 -23.85
C ALA A 160 37.95 30.79 -23.16
N LYS A 161 37.84 30.84 -21.84
CA LYS A 161 37.38 29.73 -20.99
C LYS A 161 36.48 30.31 -19.86
N ILE A 162 35.18 29.95 -19.81
CA ILE A 162 34.33 30.42 -18.72
C ILE A 162 34.66 29.63 -17.45
N ALA A 163 34.64 30.28 -16.29
CA ALA A 163 34.93 29.65 -15.00
C ALA A 163 34.00 30.16 -13.90
N ASP A 164 34.12 29.58 -12.70
CA ASP A 164 33.32 29.87 -11.50
C ASP A 164 31.81 29.59 -11.71
N PHE A 165 31.44 28.33 -11.44
CA PHE A 165 30.08 27.85 -11.49
C PHE A 165 29.42 27.90 -10.10
N GLY A 166 30.01 28.68 -9.21
CA GLY A 166 29.57 28.92 -7.84
C GLY A 166 28.18 29.51 -7.71
N LEU A 167 27.76 30.36 -8.67
CA LEU A 167 26.43 30.99 -8.69
C LEU A 167 25.44 30.27 -9.60
N SER A 168 25.94 29.30 -10.40
CA SER A 168 25.12 28.52 -11.34
C SER A 168 23.92 27.80 -10.71
N ASN A 169 22.99 27.37 -11.55
CA ASN A 169 21.81 26.62 -11.13
C ASN A 169 21.30 25.76 -12.26
N MET A 170 20.51 24.76 -11.88
CA MET A 170 19.82 23.87 -12.79
C MET A 170 18.54 24.51 -13.25
N MET A 171 18.23 24.32 -14.53
CA MET A 171 17.01 24.75 -15.19
C MET A 171 16.07 23.52 -15.00
N SER A 172 15.07 23.62 -14.09
CA SER A 172 14.14 22.52 -13.81
C SER A 172 12.83 22.78 -14.52
N ASP A 173 12.21 21.70 -15.04
CA ASP A 173 10.92 21.72 -15.74
C ASP A 173 9.82 22.32 -14.91
N GLY A 174 9.21 23.38 -15.45
CA GLY A 174 8.10 24.12 -14.85
C GLY A 174 8.47 25.07 -13.73
N GLU A 175 9.76 25.27 -13.52
CA GLU A 175 10.35 26.05 -12.44
C GLU A 175 11.02 27.31 -12.90
N PHE A 176 10.96 28.33 -12.02
CA PHE A 176 11.55 29.66 -12.20
C PHE A 176 12.63 29.92 -11.17
N LEU A 177 13.58 30.78 -11.53
CA LEU A 177 14.66 31.12 -10.60
C LEU A 177 14.41 32.53 -10.05
N ARG A 178 14.81 32.77 -8.81
CA ARG A 178 14.66 34.10 -8.19
C ARG A 178 15.95 34.67 -7.69
N THR A 179 16.89 33.81 -7.27
CA THR A 179 18.19 34.20 -6.72
C THR A 179 18.74 35.45 -7.47
N SER A 180 18.68 36.61 -6.83
CA SER A 180 19.20 37.85 -7.42
C SER A 180 20.70 37.77 -7.16
N CYS A 181 21.46 37.32 -8.17
CA CYS A 181 22.89 37.11 -7.98
C CYS A 181 23.78 37.61 -9.14
N GLY A 182 25.02 38.00 -8.77
CA GLY A 182 26.02 38.51 -9.69
C GLY A 182 26.29 40.00 -9.59
N SER A 183 27.25 40.49 -10.42
CA SER A 183 27.66 41.88 -10.53
C SER A 183 26.48 42.73 -11.02
N PRO A 184 26.21 43.91 -10.39
CA PRO A 184 25.05 44.73 -10.83
C PRO A 184 25.16 45.24 -12.25
N ASN A 185 26.38 45.61 -12.67
CA ASN A 185 26.70 46.09 -14.01
C ASN A 185 26.34 45.09 -15.09
N TYR A 186 26.37 43.78 -14.76
CA TYR A 186 26.10 42.64 -15.67
C TYR A 186 24.72 42.00 -15.48
N ALA A 187 23.99 42.40 -14.42
CA ALA A 187 22.67 41.87 -14.09
C ALA A 187 21.54 42.47 -14.93
N ALA A 188 20.68 41.56 -15.43
CA ALA A 188 19.51 41.84 -16.25
C ALA A 188 18.47 42.66 -15.48
N PRO A 189 17.64 43.48 -16.16
CA PRO A 189 16.63 44.28 -15.43
C PRO A 189 15.77 43.46 -14.46
N GLU A 190 15.30 42.24 -14.88
CA GLU A 190 14.47 41.33 -14.06
C GLU A 190 15.21 40.75 -12.83
N VAL A 191 16.54 40.69 -12.89
CA VAL A 191 17.38 40.18 -11.79
C VAL A 191 17.48 41.25 -10.70
N ILE A 192 17.80 42.51 -11.08
CA ILE A 192 17.92 43.64 -10.15
C ILE A 192 16.56 44.00 -9.53
N SER A 193 15.47 43.65 -10.22
CA SER A 193 14.09 43.91 -9.77
C SER A 193 13.55 42.84 -8.79
N GLY A 194 14.29 41.75 -8.58
CA GLY A 194 13.88 40.66 -7.69
C GLY A 194 12.71 39.84 -8.20
N ARG A 195 12.51 39.86 -9.53
CA ARG A 195 11.45 39.14 -10.23
C ARG A 195 11.89 37.70 -10.55
N LEU A 196 10.91 36.83 -10.83
CA LEU A 196 11.15 35.45 -11.22
C LEU A 196 11.58 35.45 -12.70
N TYR A 197 12.60 34.63 -13.03
CA TYR A 197 13.11 34.56 -14.40
C TYR A 197 13.34 33.11 -14.80
N ALA A 198 13.49 32.85 -16.10
CA ALA A 198 13.68 31.49 -16.58
C ALA A 198 15.12 30.99 -16.36
N GLY A 199 16.09 31.80 -16.76
CA GLY A 199 17.53 31.55 -16.64
C GLY A 199 18.28 31.94 -17.89
N PRO A 200 18.06 31.25 -19.06
CA PRO A 200 18.86 31.54 -20.25
C PRO A 200 18.93 33.00 -20.69
N GLU A 201 17.79 33.74 -20.64
CA GLU A 201 17.71 35.16 -21.04
C GLU A 201 18.60 36.07 -20.17
N VAL A 202 18.86 35.64 -18.94
CA VAL A 202 19.64 36.35 -17.95
C VAL A 202 21.12 36.23 -18.29
N ASP A 203 21.55 35.05 -18.76
CA ASP A 203 22.90 34.79 -19.23
C ASP A 203 23.11 35.55 -20.56
N ILE A 204 22.04 35.69 -21.37
CA ILE A 204 22.14 36.38 -22.66
C ILE A 204 22.40 37.87 -22.47
N TRP A 205 21.75 38.48 -21.46
CA TRP A 205 21.93 39.88 -21.11
C TRP A 205 23.41 40.16 -20.73
N SER A 206 24.00 39.34 -19.82
CA SER A 206 25.38 39.40 -19.37
C SER A 206 26.34 39.32 -20.53
N CYS A 207 26.04 38.47 -21.53
CA CYS A 207 26.84 38.31 -22.76
C CYS A 207 26.77 39.57 -23.60
N GLY A 208 25.63 40.26 -23.56
CA GLY A 208 25.43 41.52 -24.25
C GLY A 208 26.36 42.57 -23.66
N VAL A 209 26.47 42.59 -22.32
CA VAL A 209 27.33 43.51 -21.58
C VAL A 209 28.80 43.21 -21.92
N ILE A 210 29.21 41.94 -21.93
CA ILE A 210 30.57 41.48 -22.26
C ILE A 210 30.93 41.91 -23.70
N LEU A 211 30.01 41.73 -24.67
CA LEU A 211 30.22 42.16 -26.06
C LEU A 211 30.48 43.68 -26.13
N TYR A 212 29.66 44.48 -25.43
CA TYR A 212 29.81 45.91 -25.36
C TYR A 212 31.19 46.28 -24.77
N ALA A 213 31.63 45.58 -23.70
CA ALA A 213 32.92 45.75 -23.05
C ALA A 213 34.08 45.39 -24.00
N LEU A 214 33.94 44.33 -24.82
CA LEU A 214 35.02 43.94 -25.74
C LEU A 214 35.21 45.02 -26.79
N LEU A 215 34.10 45.45 -27.38
CA LEU A 215 34.12 46.45 -28.43
C LEU A 215 34.43 47.88 -28.00
N CYS A 216 33.92 48.33 -26.84
CA CYS A 216 34.05 49.72 -26.40
C CYS A 216 35.09 49.98 -25.31
N GLY A 217 35.40 48.97 -24.51
CA GLY A 217 36.33 49.11 -23.40
C GLY A 217 35.71 49.81 -22.21
N THR A 218 34.37 49.91 -22.22
CA THR A 218 33.55 50.54 -21.18
C THR A 218 32.24 49.74 -21.02
N LEU A 219 31.51 49.96 -19.92
CA LEU A 219 30.24 49.29 -19.66
C LEU A 219 29.07 50.13 -20.23
N PRO A 220 27.97 49.49 -20.72
CA PRO A 220 26.86 50.28 -21.25
C PRO A 220 26.00 50.97 -20.17
N PHE A 221 26.00 50.41 -18.95
CA PHE A 221 25.27 50.98 -17.81
C PHE A 221 26.27 51.06 -16.67
N ASP A 222 26.63 52.30 -16.29
CA ASP A 222 27.56 52.52 -15.20
C ASP A 222 27.28 53.81 -14.44
N ASP A 223 27.30 53.73 -13.10
CA ASP A 223 27.08 54.84 -12.18
C ASP A 223 27.63 54.48 -10.79
N GLU A 224 28.34 55.45 -10.13
CA GLU A 224 28.87 55.26 -8.78
C GLU A 224 27.74 55.12 -7.76
N HIS A 225 26.61 55.80 -8.02
CA HIS A 225 25.41 55.74 -7.19
C HIS A 225 24.52 54.61 -7.71
N VAL A 226 24.57 53.45 -7.01
CA VAL A 226 23.87 52.20 -7.32
C VAL A 226 22.39 52.44 -7.71
N PRO A 227 21.55 53.20 -6.96
CA PRO A 227 20.16 53.41 -7.42
C PRO A 227 20.02 53.97 -8.83
N THR A 228 20.96 54.84 -9.27
CA THR A 228 20.98 55.44 -10.62
C THR A 228 21.30 54.36 -11.66
N LEU A 229 22.31 53.53 -11.35
CA LEU A 229 22.74 52.43 -12.18
C LEU A 229 21.54 51.49 -12.43
N PHE A 230 20.85 51.04 -11.35
CA PHE A 230 19.68 50.16 -11.42
C PHE A 230 18.60 50.71 -12.32
N LYS A 231 18.34 52.00 -12.19
CA LYS A 231 17.37 52.77 -12.97
C LYS A 231 17.79 52.81 -14.45
N LYS A 232 19.10 52.99 -14.70
CA LYS A 232 19.70 53.02 -16.06
C LYS A 232 19.51 51.67 -16.77
N ILE A 233 19.72 50.55 -16.03
CA ILE A 233 19.54 49.15 -16.46
C ILE A 233 18.06 48.91 -16.78
N ARG A 234 17.14 49.23 -15.82
CA ARG A 234 15.68 49.09 -15.97
C ARG A 234 15.16 49.89 -17.17
N GLY A 235 15.77 51.06 -17.42
CA GLY A 235 15.46 51.94 -18.53
C GLY A 235 15.90 51.37 -19.88
N GLY A 236 17.06 50.70 -19.88
CA GLY A 236 17.65 50.11 -21.07
C GLY A 236 18.23 51.09 -22.07
N VAL A 237 18.40 52.35 -21.67
CA VAL A 237 19.01 53.33 -22.57
C VAL A 237 20.52 53.28 -22.34
N PHE A 238 21.26 53.02 -23.43
CA PHE A 238 22.72 52.96 -23.46
C PHE A 238 23.23 53.60 -24.75
N TYR A 239 24.48 54.07 -24.74
CA TYR A 239 25.10 54.76 -25.85
C TYR A 239 25.86 53.79 -26.75
N ILE A 240 25.53 53.82 -28.06
CA ILE A 240 26.22 53.02 -29.06
C ILE A 240 27.19 53.97 -29.81
N PRO A 241 28.54 53.84 -29.58
CA PRO A 241 29.50 54.73 -30.27
C PRO A 241 29.46 54.65 -31.79
N GLU A 242 29.94 55.72 -32.44
CA GLU A 242 29.94 55.86 -33.89
C GLU A 242 30.86 54.87 -34.63
N TYR A 243 31.98 54.44 -33.99
CA TYR A 243 32.95 53.50 -34.58
C TYR A 243 32.40 52.08 -34.77
N LEU A 244 31.31 51.78 -34.07
CA LEU A 244 30.56 50.53 -34.12
C LEU A 244 29.60 50.62 -35.31
N ASN A 245 29.72 49.66 -36.23
CA ASN A 245 28.88 49.54 -37.44
C ASN A 245 27.42 49.21 -37.10
N ARG A 246 26.51 49.56 -38.01
CA ARG A 246 25.06 49.35 -37.85
C ARG A 246 24.69 47.89 -37.60
N SER A 247 25.50 46.94 -38.13
CA SER A 247 25.31 45.49 -37.99
C SER A 247 25.43 45.05 -36.52
N VAL A 248 26.59 45.31 -35.89
CA VAL A 248 26.84 44.92 -34.49
C VAL A 248 25.93 45.69 -33.51
N ALA A 249 25.56 46.93 -33.85
CA ALA A 249 24.68 47.78 -33.05
C ALA A 249 23.28 47.15 -32.91
N THR A 250 22.73 46.59 -33.99
CA THR A 250 21.40 45.90 -33.96
C THR A 250 21.47 44.65 -33.05
N LEU A 251 22.59 43.91 -33.13
CA LEU A 251 22.86 42.73 -32.29
C LEU A 251 22.86 43.13 -30.81
N LEU A 252 23.61 44.18 -30.46
CA LEU A 252 23.70 44.75 -29.12
C LEU A 252 22.34 45.15 -28.57
N MET A 253 21.56 45.86 -29.40
CA MET A 253 20.22 46.32 -29.07
C MET A 253 19.23 45.19 -28.78
N HIS A 254 19.37 44.07 -29.49
CA HIS A 254 18.54 42.87 -29.35
C HIS A 254 18.93 42.03 -28.11
N MET A 255 20.23 41.98 -27.76
CA MET A 255 20.73 41.26 -26.60
C MET A 255 20.44 42.00 -25.31
N LEU A 256 20.43 43.34 -25.39
CA LEU A 256 20.21 44.20 -24.24
C LEU A 256 18.80 44.79 -24.19
N GLN A 257 17.80 44.01 -24.64
CA GLN A 257 16.37 44.34 -24.59
C GLN A 257 15.92 44.21 -23.13
N VAL A 258 15.21 45.22 -22.63
CA VAL A 258 14.67 45.21 -21.27
C VAL A 258 13.63 44.07 -21.10
N ASP A 259 12.70 43.94 -22.09
CA ASP A 259 11.66 42.94 -22.12
C ASP A 259 12.29 41.59 -22.48
N PRO A 260 12.31 40.61 -21.52
CA PRO A 260 12.95 39.30 -21.79
C PRO A 260 12.36 38.50 -22.94
N LEU A 261 11.08 38.71 -23.22
CA LEU A 261 10.37 38.05 -24.31
C LEU A 261 10.76 38.64 -25.69
N LYS A 262 11.24 39.90 -25.73
CA LYS A 262 11.70 40.54 -26.97
C LYS A 262 13.22 40.33 -27.13
N ARG A 263 13.94 39.89 -26.05
CA ARG A 263 15.40 39.67 -26.03
C ARG A 263 15.87 38.58 -26.98
N ALA A 264 17.05 38.77 -27.58
CA ALA A 264 17.70 37.79 -28.46
C ALA A 264 17.92 36.48 -27.71
N THR A 265 17.72 35.37 -28.43
CA THR A 265 18.00 34.01 -27.95
C THR A 265 19.34 33.66 -28.65
N ILE A 266 19.98 32.53 -28.25
CA ILE A 266 21.21 32.06 -28.87
C ILE A 266 20.96 31.77 -30.38
N LYS A 267 19.74 31.31 -30.71
CA LYS A 267 19.32 31.05 -32.10
C LYS A 267 19.31 32.38 -32.89
N ASP A 268 18.75 33.44 -32.30
CA ASP A 268 18.73 34.78 -32.87
C ASP A 268 20.15 35.26 -33.13
N ILE A 269 21.05 35.14 -32.13
CA ILE A 269 22.47 35.55 -32.24
C ILE A 269 23.20 34.75 -33.35
N ARG A 270 23.02 33.42 -33.36
CA ARG A 270 23.67 32.57 -34.37
C ARG A 270 23.28 32.87 -35.82
N GLU A 271 22.06 33.43 -36.01
CA GLU A 271 21.48 33.85 -37.29
C GLU A 271 21.96 35.27 -37.70
N HIS A 272 22.49 36.07 -36.75
CA HIS A 272 22.94 37.43 -36.98
C HIS A 272 24.17 37.51 -37.86
N GLU A 273 24.10 38.37 -38.89
CA GLU A 273 25.13 38.59 -39.90
C GLU A 273 26.50 38.89 -39.35
N TRP A 274 26.59 39.66 -38.27
CA TRP A 274 27.86 40.02 -37.64
C TRP A 274 28.48 38.83 -36.92
N PHE A 275 27.65 37.96 -36.32
CA PHE A 275 28.08 36.77 -35.57
C PHE A 275 28.53 35.65 -36.52
N LYS A 276 27.81 35.46 -37.65
CA LYS A 276 28.10 34.43 -38.65
C LYS A 276 29.47 34.62 -39.31
N GLN A 277 29.92 35.87 -39.44
CA GLN A 277 31.20 36.21 -40.06
C GLN A 277 32.38 35.52 -39.39
N ASP A 278 33.17 34.78 -40.20
CA ASP A 278 34.37 34.05 -39.79
C ASP A 278 34.14 33.07 -38.64
N LEU A 279 32.89 32.61 -38.45
CA LEU A 279 32.54 31.69 -37.37
C LEU A 279 33.16 30.31 -37.58
N PRO A 280 34.03 29.84 -36.64
CA PRO A 280 34.60 28.49 -36.78
C PRO A 280 33.48 27.46 -36.71
N SER A 281 33.62 26.33 -37.40
CA SER A 281 32.55 25.33 -37.53
C SER A 281 32.43 24.33 -36.38
N TYR A 282 33.30 24.39 -35.36
CA TYR A 282 33.25 23.44 -34.24
C TYR A 282 32.45 23.93 -33.02
N LEU A 283 31.94 25.16 -33.03
CA LEU A 283 31.34 25.81 -31.84
C LEU A 283 29.91 25.45 -31.48
N PHE A 284 29.02 25.23 -32.45
CA PHE A 284 27.62 24.91 -32.14
C PHE A 284 27.19 23.55 -32.73
N PRO A 285 26.22 22.85 -32.07
CA PRO A 285 25.89 21.46 -32.43
C PRO A 285 25.41 21.19 -33.85
N GLU A 286 24.90 22.21 -34.50
CA GLU A 286 24.38 22.02 -35.86
C GLU A 286 25.38 22.45 -36.94
N ASP A 287 26.61 22.84 -36.53
CA ASP A 287 27.72 23.25 -37.40
C ASP A 287 28.55 22.01 -37.81
N PRO A 288 29.29 22.06 -38.96
CA PRO A 288 29.94 20.84 -39.48
C PRO A 288 30.94 20.10 -38.58
N SER A 289 31.83 20.81 -37.85
CA SER A 289 32.90 20.17 -37.04
C SER A 289 32.55 19.87 -35.59
N TYR A 290 31.38 20.28 -35.06
CA TYR A 290 31.00 20.04 -33.65
C TYR A 290 31.07 18.57 -33.23
N ASP A 291 30.39 17.65 -33.95
CA ASP A 291 30.37 16.21 -33.62
C ASP A 291 31.74 15.53 -33.62
N ALA A 292 32.68 16.01 -34.44
CA ALA A 292 34.04 15.46 -34.51
C ALA A 292 34.92 15.87 -33.31
N ASN A 293 34.59 17.00 -32.64
CA ASN A 293 35.38 17.57 -31.56
C ASN A 293 34.72 17.54 -30.17
N VAL A 294 33.42 17.91 -30.07
CA VAL A 294 32.71 17.92 -28.79
C VAL A 294 31.90 16.62 -28.54
N ILE A 295 32.24 15.91 -27.43
CA ILE A 295 31.61 14.69 -26.93
C ILE A 295 30.10 14.86 -26.67
N ASP A 296 29.32 13.84 -27.04
CA ASP A 296 27.89 13.78 -26.76
C ASP A 296 27.71 12.79 -25.60
N ASP A 297 27.46 13.35 -24.42
CA ASP A 297 27.26 12.66 -23.15
C ASP A 297 26.13 11.62 -23.17
N GLU A 298 25.01 11.96 -23.83
CA GLU A 298 23.83 11.10 -24.02
C GLU A 298 24.20 9.84 -24.83
N ALA A 299 25.00 10.01 -25.91
CA ALA A 299 25.47 8.92 -26.76
C ALA A 299 26.47 8.05 -25.99
N VAL A 300 27.31 8.64 -25.13
CA VAL A 300 28.25 7.86 -24.30
C VAL A 300 27.44 6.90 -23.38
N LYS A 301 26.37 7.43 -22.73
CA LYS A 301 25.45 6.68 -21.88
C LYS A 301 24.76 5.54 -22.64
N GLU A 302 24.30 5.80 -23.89
CA GLU A 302 23.67 4.78 -24.74
C GLU A 302 24.60 3.61 -25.00
N VAL A 303 25.89 3.88 -25.22
CA VAL A 303 26.94 2.90 -25.48
C VAL A 303 27.16 2.04 -24.22
N CYS A 304 27.27 2.68 -23.02
CA CYS A 304 27.44 2.01 -21.72
C CYS A 304 26.29 1.02 -21.47
N GLU A 305 25.06 1.42 -21.86
CA GLU A 305 23.81 0.66 -21.77
C GLU A 305 23.81 -0.51 -22.79
N LYS A 306 23.92 -0.23 -24.13
CA LYS A 306 23.92 -1.20 -25.23
C LYS A 306 24.94 -2.32 -25.02
N PHE A 307 26.11 -1.95 -24.43
CA PHE A 307 27.21 -2.85 -24.10
C PHE A 307 27.13 -3.10 -22.59
N GLU A 308 28.22 -2.84 -21.85
CA GLU A 308 28.32 -2.98 -20.39
C GLU A 308 29.70 -2.46 -20.00
N CYS A 309 29.88 -1.15 -20.17
CA CYS A 309 31.16 -0.51 -19.94
C CYS A 309 31.03 0.77 -19.16
N THR A 310 32.19 1.37 -18.87
CA THR A 310 32.33 2.65 -18.20
C THR A 310 32.27 3.72 -19.26
N GLU A 311 31.99 4.96 -18.82
CA GLU A 311 32.00 6.14 -19.66
C GLU A 311 33.44 6.35 -20.14
N SER A 312 34.43 6.19 -19.23
CA SER A 312 35.86 6.33 -19.53
C SER A 312 36.32 5.35 -20.59
N GLU A 313 35.83 4.09 -20.56
CA GLU A 313 36.10 3.07 -21.57
C GLU A 313 35.63 3.55 -22.97
N VAL A 314 34.46 4.25 -23.03
CA VAL A 314 33.90 4.81 -24.26
C VAL A 314 34.77 5.96 -24.76
N MET A 315 35.11 6.89 -23.86
CA MET A 315 35.92 8.05 -24.18
C MET A 315 37.33 7.71 -24.60
N ASN A 316 37.92 6.65 -23.99
CA ASN A 316 39.27 6.20 -24.31
C ASN A 316 39.40 5.68 -25.74
N SER A 317 38.39 4.92 -26.22
CA SER A 317 38.35 4.42 -27.61
C SER A 317 38.18 5.56 -28.64
N LEU A 318 37.63 6.69 -28.19
CA LEU A 318 37.42 7.89 -29.02
C LEU A 318 38.68 8.76 -29.07
N TYR A 319 39.22 9.07 -27.87
CA TYR A 319 40.40 9.91 -27.69
C TYR A 319 41.70 9.23 -28.12
N SER A 320 41.84 7.90 -27.96
CA SER A 320 43.10 7.23 -28.30
C SER A 320 42.93 5.84 -28.91
N GLY A 321 41.70 5.45 -29.22
CA GLY A 321 41.46 4.14 -29.80
C GLY A 321 41.67 4.07 -31.29
N ASP A 322 41.39 2.88 -31.84
CA ASP A 322 41.48 2.56 -33.26
C ASP A 322 40.16 2.96 -33.89
N PRO A 323 40.14 3.29 -35.20
CA PRO A 323 38.86 3.69 -35.85
C PRO A 323 37.80 2.58 -35.91
N GLN A 324 38.26 1.30 -36.01
CA GLN A 324 37.42 0.11 -36.11
C GLN A 324 36.89 -0.41 -34.75
N ASP A 325 37.36 0.19 -33.60
CA ASP A 325 36.97 -0.13 -32.19
C ASP A 325 35.45 -0.28 -32.04
N GLN A 326 34.97 -1.34 -31.32
CA GLN A 326 33.54 -1.64 -31.12
C GLN A 326 32.74 -0.48 -30.50
N LEU A 327 33.30 0.15 -29.44
CA LEU A 327 32.71 1.28 -28.68
C LEU A 327 32.61 2.58 -29.50
N ALA A 328 33.69 2.94 -30.23
CA ALA A 328 33.80 4.12 -31.08
C ALA A 328 32.82 3.99 -32.27
N VAL A 329 32.74 2.78 -32.85
CA VAL A 329 31.83 2.46 -33.96
C VAL A 329 30.37 2.72 -33.52
N ALA A 330 29.99 2.16 -32.35
CA ALA A 330 28.69 2.28 -31.71
C ALA A 330 28.37 3.77 -31.46
N TYR A 331 29.34 4.51 -30.86
CA TYR A 331 29.22 5.95 -30.58
C TYR A 331 28.94 6.76 -31.88
N HIS A 332 29.76 6.57 -32.93
CA HIS A 332 29.62 7.31 -34.19
C HIS A 332 28.35 6.97 -34.94
N LEU A 333 27.84 5.73 -34.80
CA LEU A 333 26.59 5.32 -35.41
C LEU A 333 25.38 6.07 -34.77
N ILE A 334 25.41 6.28 -33.44
CA ILE A 334 24.39 7.04 -32.74
C ILE A 334 24.36 8.49 -33.28
N ILE A 335 25.55 9.12 -33.41
CA ILE A 335 25.75 10.51 -33.88
C ILE A 335 25.39 10.66 -35.34
N ASP A 336 25.69 9.65 -36.16
CA ASP A 336 25.36 9.67 -37.58
C ASP A 336 23.86 9.67 -37.75
N ASN A 337 23.17 8.76 -36.99
CA ASN A 337 21.70 8.62 -36.99
C ASN A 337 21.01 9.85 -36.47
N ARG A 338 21.58 10.46 -35.43
CA ARG A 338 21.11 11.70 -34.80
C ARG A 338 21.19 12.83 -35.81
N ARG A 339 22.23 12.84 -36.67
CA ARG A 339 22.39 13.86 -37.72
C ARG A 339 21.29 13.76 -38.77
N ILE A 340 20.99 12.52 -39.23
CA ILE A 340 19.90 12.23 -40.19
C ILE A 340 18.60 12.87 -39.68
N MET A 341 18.28 12.56 -38.39
CA MET A 341 17.07 13.02 -37.70
C MET A 341 17.05 14.53 -37.55
N ASN A 342 18.16 15.13 -37.11
CA ASN A 342 18.35 16.58 -36.93
C ASN A 342 18.24 17.36 -38.21
N GLN A 343 18.58 16.74 -39.35
CA GLN A 343 18.52 17.42 -40.64
C GLN A 343 17.16 17.24 -41.35
N ALA A 344 16.22 16.54 -40.69
CA ALA A 344 14.82 16.41 -41.13
C ALA A 344 14.04 17.15 -40.01
N SER A 345 14.39 18.43 -39.78
CA SER A 345 13.87 19.28 -38.68
C SER A 345 12.36 19.50 -38.70
N GLU A 346 11.79 19.60 -39.93
CA GLU A 346 10.35 19.79 -40.24
C GLU A 346 9.50 18.53 -39.96
N PHE A 347 10.17 17.38 -39.77
CA PHE A 347 9.62 16.09 -39.46
C PHE A 347 9.52 15.92 -37.94
N TYR A 348 10.34 16.65 -37.16
CA TYR A 348 10.37 16.56 -35.71
C TYR A 348 9.76 17.78 -34.97
N LEU A 349 9.76 18.96 -35.62
CA LEU A 349 9.24 20.21 -35.06
C LEU A 349 8.39 21.00 -36.03
N ALA A 350 7.49 21.85 -35.49
CA ALA A 350 6.66 22.70 -36.33
C ALA A 350 7.39 23.96 -36.70
N SER A 351 7.18 24.34 -37.97
CA SER A 351 7.72 25.53 -38.65
C SER A 351 6.93 26.74 -38.16
N SER A 352 7.56 27.93 -38.16
CA SER A 352 6.87 29.18 -37.79
C SER A 352 6.06 29.70 -39.01
N PRO A 353 4.88 30.35 -38.83
CA PRO A 353 4.11 30.78 -40.02
C PRO A 353 4.62 32.08 -40.65
N LEU A 370 2.99 28.46 -48.72
CA LEU A 370 3.53 27.17 -49.17
C LEU A 370 2.40 26.17 -49.55
N LYS A 371 2.75 24.92 -49.96
CA LYS A 371 1.71 23.92 -50.29
C LYS A 371 1.19 23.32 -48.95
N PRO A 372 -0.14 23.45 -48.65
CA PRO A 372 -0.65 22.91 -47.38
C PRO A 372 -0.45 21.40 -47.23
N HIS A 373 -0.21 20.92 -45.99
CA HIS A 373 -0.10 19.53 -45.64
C HIS A 373 -1.42 18.83 -46.02
N PRO A 374 -1.39 17.62 -46.64
CA PRO A 374 -2.65 16.93 -47.03
C PRO A 374 -3.69 16.76 -45.91
N GLU A 375 -3.23 16.67 -44.67
CA GLU A 375 -4.11 16.48 -43.53
C GLU A 375 -4.50 17.78 -42.78
N ARG A 376 -4.29 18.97 -43.41
CA ARG A 376 -4.72 20.25 -42.83
C ARG A 376 -6.24 20.32 -42.90
N MET A 377 -6.86 20.46 -41.74
CA MET A 377 -8.31 20.52 -41.57
C MET A 377 -8.85 21.87 -41.96
N PRO A 378 -10.07 21.91 -42.58
CA PRO A 378 -10.74 23.22 -42.81
C PRO A 378 -11.22 23.75 -41.45
N PRO A 379 -11.40 25.08 -41.24
CA PRO A 379 -11.91 25.54 -39.92
C PRO A 379 -13.36 25.07 -39.63
N LEU A 380 -13.73 24.98 -38.33
CA LEU A 380 -15.10 24.62 -37.94
C LEU A 380 -16.04 25.82 -38.15
N ILE A 381 -17.05 25.63 -39.00
CA ILE A 381 -18.04 26.65 -39.34
C ILE A 381 -19.06 26.78 -38.19
N ALA A 382 -19.45 28.03 -37.85
CA ALA A 382 -20.44 28.31 -36.79
C ALA A 382 -21.90 28.07 -37.32
N ASP A 383 -22.81 27.63 -36.42
CA ASP A 383 -24.24 27.33 -36.69
C ASP A 383 -24.45 26.14 -37.65
N LYS A 405 -15.37 31.18 -34.53
CA LYS A 405 -14.58 32.03 -33.63
C LYS A 405 -13.44 31.23 -32.98
N LYS A 406 -12.18 31.70 -33.14
CA LYS A 406 -10.99 31.04 -32.58
C LYS A 406 -10.91 31.21 -31.06
N ALA A 407 -11.09 30.10 -30.32
CA ALA A 407 -11.07 30.09 -28.85
C ALA A 407 -9.64 30.18 -28.37
N LYS A 408 -9.43 30.88 -27.24
CA LYS A 408 -8.11 31.08 -26.70
C LYS A 408 -7.87 30.38 -25.37
N TRP A 409 -6.72 29.74 -25.29
CA TRP A 409 -6.23 29.04 -24.12
C TRP A 409 -5.69 30.04 -23.13
N HIS A 410 -5.89 29.76 -21.86
CA HIS A 410 -5.40 30.61 -20.81
C HIS A 410 -4.77 29.77 -19.73
N LEU A 411 -3.85 30.36 -18.99
CA LEU A 411 -3.12 29.73 -17.91
C LEU A 411 -3.96 29.73 -16.63
N GLY A 412 -4.06 28.56 -16.01
CA GLY A 412 -4.77 28.36 -14.75
C GLY A 412 -6.14 29.01 -14.70
N ILE A 413 -6.44 29.65 -13.56
CA ILE A 413 -7.69 30.37 -13.32
C ILE A 413 -7.41 31.76 -12.73
N ARG A 414 -8.15 32.78 -13.18
CA ARG A 414 -8.00 34.15 -12.70
C ARG A 414 -9.09 34.54 -11.70
N SER A 415 -8.76 35.45 -10.77
CA SER A 415 -9.69 35.95 -9.75
C SER A 415 -9.39 37.43 -9.42
N GLN A 416 -10.46 38.24 -9.25
CA GLN A 416 -10.38 39.67 -8.89
C GLN A 416 -10.46 39.88 -7.36
N SER A 417 -10.72 38.78 -6.60
CA SER A 417 -10.84 38.76 -5.14
C SER A 417 -9.50 39.07 -4.45
N LYS A 418 -9.55 39.34 -3.14
CA LYS A 418 -8.36 39.64 -2.34
C LYS A 418 -7.52 38.35 -2.16
N PRO A 419 -6.15 38.41 -2.20
CA PRO A 419 -5.33 37.21 -2.04
C PRO A 419 -5.74 36.21 -0.94
N TYR A 420 -5.90 36.67 0.32
CA TYR A 420 -6.30 35.86 1.49
C TYR A 420 -7.72 35.24 1.30
N ASP A 421 -8.58 35.91 0.53
CA ASP A 421 -9.94 35.46 0.22
C ASP A 421 -9.93 34.37 -0.86
N ILE A 422 -8.94 34.40 -1.78
CA ILE A 422 -8.74 33.39 -2.83
C ILE A 422 -8.22 32.11 -2.16
N MET A 423 -7.23 32.25 -1.26
CA MET A 423 -6.61 31.14 -0.52
C MET A 423 -7.61 30.43 0.38
N ALA A 424 -8.46 31.19 1.10
CA ALA A 424 -9.50 30.64 1.98
C ALA A 424 -10.51 29.85 1.15
N GLU A 425 -10.71 30.25 -0.11
CA GLU A 425 -11.63 29.55 -1.00
C GLU A 425 -10.98 28.26 -1.53
N VAL A 426 -9.61 28.22 -1.65
CA VAL A 426 -8.92 27.01 -2.12
C VAL A 426 -8.93 26.00 -0.95
N TYR A 427 -8.63 26.44 0.29
CA TYR A 427 -8.68 25.62 1.51
C TYR A 427 -10.05 24.96 1.74
N ARG A 428 -11.16 25.70 1.56
CA ARG A 428 -12.49 25.13 1.77
C ARG A 428 -12.89 24.17 0.63
N ALA A 429 -12.41 24.43 -0.60
CA ALA A 429 -12.70 23.53 -1.71
C ALA A 429 -11.85 22.25 -1.63
N MET A 430 -10.61 22.36 -1.13
CA MET A 430 -9.72 21.19 -0.98
C MET A 430 -10.23 20.19 0.05
N LYS A 431 -10.65 20.68 1.25
CA LYS A 431 -11.19 19.86 2.35
C LYS A 431 -12.45 19.13 1.91
N GLN A 432 -13.33 19.81 1.16
CA GLN A 432 -14.58 19.28 0.60
C GLN A 432 -14.30 18.08 -0.34
N LEU A 433 -13.14 18.12 -1.05
CA LEU A 433 -12.70 17.08 -1.99
C LEU A 433 -11.86 16.01 -1.32
N ASP A 434 -11.57 16.19 -0.02
CA ASP A 434 -10.72 15.32 0.81
C ASP A 434 -9.28 15.26 0.24
N PHE A 435 -8.74 16.46 -0.04
CA PHE A 435 -7.37 16.62 -0.50
C PHE A 435 -6.58 16.98 0.75
N GLU A 436 -5.33 16.53 0.80
CA GLU A 436 -4.38 16.83 1.87
C GLU A 436 -3.36 17.82 1.31
N TRP A 437 -2.73 18.61 2.18
CA TRP A 437 -1.75 19.59 1.71
C TRP A 437 -0.64 19.89 2.69
N LYS A 438 0.36 20.62 2.17
CA LYS A 438 1.53 21.15 2.84
C LYS A 438 1.66 22.61 2.41
N VAL A 439 1.73 23.53 3.38
CA VAL A 439 1.88 24.97 3.11
C VAL A 439 3.38 25.26 2.92
N VAL A 440 3.80 25.65 1.69
CA VAL A 440 5.20 26.01 1.39
C VAL A 440 5.38 27.47 1.88
N ASN A 441 4.35 28.30 1.64
CA ASN A 441 4.21 29.69 2.04
C ASN A 441 2.76 30.10 1.84
N ALA A 442 2.39 31.32 2.24
CA ALA A 442 1.01 31.80 2.10
C ALA A 442 0.41 31.63 0.69
N TYR A 443 1.21 31.72 -0.37
CA TYR A 443 0.67 31.63 -1.72
C TYR A 443 1.16 30.42 -2.50
N HIS A 444 1.77 29.45 -1.80
CA HIS A 444 2.29 28.24 -2.43
C HIS A 444 2.04 27.00 -1.60
N LEU A 445 1.19 26.09 -2.13
CA LEU A 445 0.79 24.83 -1.51
C LEU A 445 1.17 23.62 -2.38
N ARG A 446 1.51 22.51 -1.70
CA ARG A 446 1.81 21.20 -2.27
C ARG A 446 0.60 20.38 -1.86
N VAL A 447 -0.21 19.93 -2.83
CA VAL A 447 -1.46 19.25 -2.52
C VAL A 447 -1.46 17.81 -3.05
N ARG A 448 -2.14 16.93 -2.32
CA ARG A 448 -2.18 15.50 -2.60
C ARG A 448 -3.57 14.88 -2.46
N ARG A 449 -3.84 13.82 -3.23
CA ARG A 449 -5.09 13.05 -3.25
C ARG A 449 -4.79 11.61 -3.65
N LYS A 450 -5.50 10.62 -3.06
CA LYS A 450 -5.33 9.21 -3.41
C LYS A 450 -6.32 8.81 -4.55
N ASN A 451 -5.80 8.18 -5.64
CA ASN A 451 -6.66 7.69 -6.72
C ASN A 451 -7.34 6.40 -6.19
N PRO A 452 -8.67 6.36 -6.02
CA PRO A 452 -9.29 5.16 -5.44
C PRO A 452 -9.28 3.91 -6.31
N VAL A 453 -9.05 4.07 -7.62
CA VAL A 453 -9.03 2.96 -8.58
C VAL A 453 -7.63 2.33 -8.66
N THR A 454 -6.60 3.17 -8.83
CA THR A 454 -5.21 2.73 -9.00
C THR A 454 -4.43 2.64 -7.67
N GLY A 455 -4.94 3.25 -6.61
CA GLY A 455 -4.30 3.26 -5.30
C GLY A 455 -3.18 4.29 -5.09
N ASN A 456 -2.59 4.78 -6.20
CA ASN A 456 -1.50 5.77 -6.19
C ASN A 456 -1.95 7.15 -5.72
N TYR A 457 -1.02 7.93 -5.17
CA TYR A 457 -1.26 9.32 -4.79
C TYR A 457 -0.99 10.21 -5.99
N VAL A 458 -1.73 11.33 -6.08
CA VAL A 458 -1.61 12.31 -7.16
C VAL A 458 -1.17 13.62 -6.49
N LYS A 459 -0.10 14.21 -6.99
CA LYS A 459 0.44 15.44 -6.41
C LYS A 459 0.49 16.57 -7.42
N MET A 460 0.20 17.77 -6.95
CA MET A 460 0.28 19.01 -7.71
C MET A 460 0.69 20.18 -6.81
N SER A 461 1.23 21.22 -7.43
CA SER A 461 1.63 22.44 -6.76
C SER A 461 0.72 23.60 -7.18
N LEU A 462 0.27 24.39 -6.20
CA LEU A 462 -0.60 25.56 -6.44
C LEU A 462 0.18 26.83 -6.09
N GLN A 463 0.26 27.77 -7.03
CA GLN A 463 0.93 29.04 -6.81
C GLN A 463 0.01 30.18 -7.17
N LEU A 464 -0.19 31.14 -6.22
CA LEU A 464 -0.97 32.34 -6.50
C LEU A 464 0.02 33.40 -6.96
N TYR A 465 -0.36 34.14 -8.00
CA TYR A 465 0.46 35.18 -8.61
C TYR A 465 -0.32 36.46 -8.79
N LEU A 466 0.40 37.58 -8.89
CA LEU A 466 -0.16 38.90 -9.18
C LEU A 466 -0.01 39.14 -10.67
N VAL A 467 -1.10 39.53 -11.35
CA VAL A 467 -1.07 39.79 -12.80
C VAL A 467 -0.99 41.30 -13.08
N ASP A 468 -2.00 42.07 -12.60
CA ASP A 468 -2.12 43.52 -12.74
C ASP A 468 -2.61 44.11 -11.41
N ASN A 469 -3.17 45.33 -11.45
CA ASN A 469 -3.72 45.99 -10.27
C ASN A 469 -5.03 45.27 -9.89
N ARG A 470 -4.94 44.51 -8.77
CA ARG A 470 -5.96 43.66 -8.12
C ARG A 470 -6.54 42.54 -9.05
N SER A 471 -5.70 42.03 -9.98
CA SER A 471 -6.01 40.91 -10.87
C SER A 471 -5.05 39.79 -10.45
N TYR A 472 -5.58 38.61 -10.08
CA TYR A 472 -4.71 37.49 -9.66
C TYR A 472 -4.88 36.25 -10.51
N LEU A 473 -3.92 35.32 -10.44
CA LEU A 473 -3.94 34.06 -11.18
C LEU A 473 -3.47 32.91 -10.30
N LEU A 474 -4.23 31.81 -10.30
CA LEU A 474 -3.85 30.61 -9.57
C LEU A 474 -3.34 29.57 -10.56
N ASP A 475 -2.04 29.27 -10.45
CA ASP A 475 -1.30 28.34 -11.28
C ASP A 475 -1.35 26.90 -10.75
N PHE A 476 -1.61 25.92 -11.65
CA PHE A 476 -1.63 24.47 -11.39
C PHE A 476 -0.43 23.86 -12.10
N LYS A 477 0.41 23.11 -11.36
CA LYS A 477 1.65 22.47 -11.84
C LYS A 477 1.70 21.00 -11.38
N SER A 478 1.99 20.06 -12.28
CA SER A 478 2.04 18.64 -11.90
C SER A 478 3.36 18.30 -11.26
N ILE A 479 3.36 17.28 -10.40
CA ILE A 479 4.57 16.81 -9.71
C ILE A 479 4.90 15.40 -10.20
N ASP A 480 6.19 15.17 -10.57
CA ASP A 480 6.90 13.99 -11.14
C ASP A 480 7.05 14.12 -12.65
N PRO A 537 1.87 6.24 -13.16
CA PRO A 537 0.89 5.46 -12.45
C PRO A 537 0.73 4.01 -12.89
N ARG A 538 1.46 3.56 -13.98
CA ARG A 538 1.46 2.21 -14.59
C ARG A 538 0.03 1.75 -14.95
N LEU A 539 -0.82 1.50 -13.92
CA LEU A 539 -2.24 1.18 -13.97
C LEU A 539 -3.15 2.29 -14.60
N GLY A 540 -2.89 3.55 -14.32
CA GLY A 540 -3.66 4.64 -14.91
C GLY A 540 -2.78 5.44 -15.83
N SER A 541 -2.85 6.77 -15.72
CA SER A 541 -2.01 7.72 -16.46
C SER A 541 -1.71 8.93 -15.56
N HIS A 542 -0.40 9.27 -15.43
CA HIS A 542 0.06 10.40 -14.62
C HIS A 542 -0.55 11.72 -15.08
N THR A 543 -0.56 11.97 -16.41
CA THR A 543 -1.15 13.17 -17.05
C THR A 543 -2.68 13.21 -16.85
N MET A 544 -3.36 12.07 -16.98
CA MET A 544 -4.80 12.00 -16.75
C MET A 544 -5.14 12.31 -15.31
N ASP A 545 -4.33 11.81 -14.37
CA ASP A 545 -4.50 12.05 -12.94
C ASP A 545 -4.35 13.52 -12.62
N PHE A 546 -3.39 14.19 -13.23
CA PHE A 546 -3.18 15.62 -13.02
C PHE A 546 -4.41 16.41 -13.49
N PHE A 547 -4.88 16.14 -14.73
CA PHE A 547 -6.06 16.82 -15.29
C PHE A 547 -7.31 16.55 -14.47
N GLU A 548 -7.49 15.32 -13.97
CA GLU A 548 -8.68 15.01 -13.16
C GLU A 548 -8.70 15.68 -11.81
N MET A 549 -7.53 15.84 -11.19
CA MET A 549 -7.40 16.49 -9.88
C MET A 549 -7.69 17.98 -10.05
N CYS A 550 -7.15 18.57 -11.14
CA CYS A 550 -7.35 19.96 -11.55
C CYS A 550 -8.80 20.23 -11.81
N ALA A 551 -9.44 19.42 -12.67
CA ALA A 551 -10.84 19.56 -13.05
C ALA A 551 -11.73 19.53 -11.83
N SER A 552 -11.51 18.60 -10.87
CA SER A 552 -12.33 18.54 -9.65
C SER A 552 -12.11 19.74 -8.71
N LEU A 553 -10.92 20.33 -8.68
CA LEU A 553 -10.67 21.52 -7.86
C LEU A 553 -11.26 22.77 -8.51
N ILE A 554 -11.08 22.96 -9.83
CA ILE A 554 -11.62 24.09 -10.58
C ILE A 554 -13.16 24.15 -10.45
N THR A 555 -13.79 22.98 -10.62
CA THR A 555 -15.23 22.72 -10.57
C THR A 555 -15.82 23.12 -9.19
N THR A 556 -15.20 22.68 -8.08
CA THR A 556 -15.66 22.98 -6.72
C THR A 556 -15.23 24.37 -6.19
N LEU A 557 -14.38 25.10 -6.94
CA LEU A 557 -13.94 26.45 -6.56
C LEU A 557 -15.07 27.46 -6.86
N ALA A 558 -15.27 28.46 -5.98
CA ALA A 558 -16.31 29.48 -6.15
C ALA A 558 -15.89 30.56 -7.13
N ALA B 77 47.74 8.91 -0.43
CA ALA B 77 46.73 7.85 -0.43
C ALA B 77 45.49 8.27 0.39
N ARG B 78 45.74 8.78 1.59
CA ARG B 78 44.77 9.20 2.61
C ARG B 78 45.10 10.63 3.17
N PRO B 79 45.02 11.71 2.34
CA PRO B 79 45.36 13.06 2.83
C PRO B 79 44.42 13.65 3.89
N THR B 80 45.02 14.19 4.94
CA THR B 80 44.35 14.81 6.08
C THR B 80 44.91 16.21 6.27
N VAL B 81 44.03 17.21 6.26
CA VAL B 81 44.39 18.62 6.44
C VAL B 81 44.43 19.00 7.93
N PHE B 82 45.53 19.62 8.34
CA PHE B 82 45.72 20.19 9.68
C PHE B 82 45.92 21.70 9.44
N ARG B 83 44.91 22.49 9.78
CA ARG B 83 44.94 23.94 9.49
C ARG B 83 44.72 24.73 10.74
N TRP B 84 45.56 25.73 10.98
CA TRP B 84 45.46 26.64 12.12
C TRP B 84 45.15 28.05 11.61
N THR B 85 44.03 28.65 12.02
CA THR B 85 43.59 30.00 11.58
C THR B 85 43.76 31.06 12.68
N GLY B 86 43.98 30.61 13.91
CA GLY B 86 44.10 31.47 15.10
C GLY B 86 45.22 32.49 15.10
N GLY B 87 46.09 32.50 14.09
CA GLY B 87 47.22 33.41 14.01
C GLY B 87 48.42 32.97 14.87
N GLY B 88 49.49 33.75 14.79
CA GLY B 88 50.74 33.50 15.48
C GLY B 88 51.93 33.71 14.55
N LYS B 89 53.13 33.57 15.08
CA LYS B 89 54.37 33.74 14.32
C LYS B 89 54.84 32.36 13.79
N GLU B 90 54.82 31.34 14.65
CA GLU B 90 55.20 29.99 14.27
C GLU B 90 54.34 28.99 14.93
N VAL B 91 53.87 28.05 14.11
CA VAL B 91 52.93 27.02 14.50
C VAL B 91 53.52 25.66 14.19
N TYR B 92 53.45 24.76 15.17
CA TYR B 92 53.90 23.39 15.03
C TYR B 92 52.74 22.44 15.31
N LEU B 93 52.76 21.28 14.65
CA LEU B 93 51.76 20.25 14.83
C LEU B 93 52.43 19.04 15.50
N SER B 94 51.81 18.52 16.57
CA SER B 94 52.23 17.33 17.32
C SER B 94 51.02 16.39 17.42
N GLY B 95 51.28 15.11 17.43
CA GLY B 95 50.24 14.11 17.53
C GLY B 95 50.73 12.69 17.60
N SER B 96 49.80 11.76 17.79
CA SER B 96 50.07 10.33 17.87
C SER B 96 50.84 9.84 16.63
N PHE B 97 50.56 10.43 15.47
CA PHE B 97 51.16 10.13 14.17
C PHE B 97 52.62 10.45 14.00
N ASN B 98 53.17 11.36 14.83
CA ASN B 98 54.59 11.73 14.73
C ASN B 98 55.33 11.62 16.05
N ASN B 99 54.74 10.87 17.02
CA ASN B 99 55.28 10.62 18.36
C ASN B 99 55.48 11.92 19.17
N TRP B 100 54.54 12.86 19.00
CA TRP B 100 54.53 14.16 19.69
C TRP B 100 55.79 15.03 19.47
N SER B 101 56.37 14.96 18.24
CA SER B 101 57.47 15.76 17.69
C SER B 101 56.83 17.10 17.22
N LYS B 102 57.64 18.13 16.93
CA LYS B 102 57.08 19.39 16.44
C LYS B 102 57.19 19.48 14.92
N LEU B 103 56.07 19.35 14.22
CA LEU B 103 56.09 19.48 12.76
C LEU B 103 55.82 20.95 12.38
N PRO B 104 56.82 21.68 11.83
CA PRO B 104 56.59 23.10 11.48
C PRO B 104 55.62 23.28 10.34
N LEU B 105 54.58 24.12 10.51
CA LEU B 105 53.59 24.34 9.46
C LEU B 105 53.95 25.57 8.62
N THR B 106 53.58 25.56 7.35
CA THR B 106 53.81 26.68 6.43
C THR B 106 52.56 27.54 6.37
N ARG B 107 52.79 28.84 6.22
CA ARG B 107 51.76 29.86 6.18
C ARG B 107 51.49 30.37 4.77
N HIS B 109 48.66 33.68 3.52
CA HIS B 109 48.54 35.04 4.09
C HIS B 109 48.05 34.94 5.52
N ASN B 110 47.15 33.97 5.83
CA ASN B 110 46.69 33.76 7.21
C ASN B 110 46.89 32.36 7.72
N ASN B 111 46.40 31.34 6.99
CA ASN B 111 46.43 29.94 7.42
C ASN B 111 47.80 29.28 7.48
N PHE B 112 48.02 28.48 8.54
CA PHE B 112 49.17 27.62 8.74
C PHE B 112 48.61 26.23 8.47
N VAL B 113 49.27 25.46 7.59
CA VAL B 113 48.71 24.18 7.17
C VAL B 113 49.78 23.08 7.01
N ALA B 114 49.30 21.83 7.02
CA ALA B 114 50.04 20.61 6.75
C ALA B 114 49.04 19.57 6.28
N ILE B 115 49.43 18.78 5.27
CA ILE B 115 48.59 17.71 4.72
C ILE B 115 49.38 16.43 4.94
N LEU B 116 48.85 15.53 5.76
CA LEU B 116 49.52 14.28 6.11
C LEU B 116 48.73 13.08 5.66
N ASP B 117 49.42 11.96 5.47
CA ASP B 117 48.77 10.71 5.10
C ASP B 117 48.46 9.95 6.36
N LEU B 118 47.18 9.83 6.71
CA LEU B 118 46.76 9.12 7.90
C LEU B 118 45.81 7.96 7.60
N PRO B 119 46.03 6.78 8.21
CA PRO B 119 45.09 5.66 8.03
C PRO B 119 43.74 5.95 8.70
N GLU B 120 42.72 5.14 8.43
CA GLU B 120 41.42 5.30 9.09
C GLU B 120 41.57 5.11 10.63
N GLY B 121 40.62 5.68 11.35
CA GLY B 121 40.58 5.61 12.81
C GLY B 121 40.78 6.92 13.53
N GLU B 122 40.92 6.81 14.86
CA GLU B 122 41.11 7.95 15.76
C GLU B 122 42.58 8.38 15.76
N HIS B 123 42.81 9.71 15.75
CA HIS B 123 44.13 10.34 15.79
C HIS B 123 44.07 11.55 16.72
N GLN B 124 45.00 11.53 17.68
CA GLN B 124 45.14 12.57 18.69
C GLN B 124 46.21 13.56 18.25
N TYR B 125 45.94 14.84 18.43
CA TYR B 125 46.85 15.90 17.98
C TYR B 125 46.71 17.15 18.84
N LYS B 126 47.66 18.07 18.70
CA LYS B 126 47.67 19.35 19.39
C LYS B 126 48.59 20.29 18.62
N PHE B 127 48.27 21.58 18.63
CA PHE B 127 49.07 22.63 18.01
C PHE B 127 49.95 23.29 19.05
N PHE B 128 51.13 23.72 18.62
CA PHE B 128 52.08 24.41 19.46
C PHE B 128 52.32 25.74 18.79
N VAL B 129 51.78 26.79 19.39
CA VAL B 129 51.81 28.15 18.83
C VAL B 129 52.64 29.05 19.75
N ASP B 130 53.79 29.53 19.23
CA ASP B 130 54.70 30.46 19.91
C ASP B 130 55.00 30.01 21.35
N GLY B 131 55.62 28.84 21.46
CA GLY B 131 56.01 28.25 22.74
C GLY B 131 54.89 27.74 23.63
N GLN B 132 53.64 27.75 23.14
CA GLN B 132 52.49 27.29 23.94
C GLN B 132 51.61 26.25 23.30
N TRP B 133 51.21 25.23 24.07
CA TRP B 133 50.23 24.24 23.61
C TRP B 133 48.87 24.95 23.52
N THR B 134 48.22 24.85 22.34
CA THR B 134 46.95 25.51 22.01
C THR B 134 45.91 24.53 21.51
N HIS B 135 44.77 24.61 22.15
CA HIS B 135 43.56 23.86 21.85
C HIS B 135 42.93 24.35 20.49
N ASP B 136 42.55 23.41 19.61
CA ASP B 136 41.86 23.72 18.35
C ASP B 136 40.33 23.73 18.68
N PRO B 137 39.61 24.88 18.57
CA PRO B 137 38.19 24.89 18.93
C PRO B 137 37.27 24.25 17.90
N SER B 138 37.74 24.12 16.66
CA SER B 138 37.00 23.53 15.55
C SER B 138 36.88 21.99 15.62
N GLU B 139 37.45 21.34 16.66
CA GLU B 139 37.47 19.89 16.81
C GLU B 139 37.19 19.38 18.26
N PRO B 140 36.71 18.12 18.43
CA PRO B 140 36.51 17.63 19.81
C PRO B 140 37.82 17.33 20.52
N ILE B 141 37.78 17.20 21.83
CA ILE B 141 38.95 16.94 22.68
C ILE B 141 38.81 15.63 23.45
N VAL B 142 39.93 15.15 24.01
CA VAL B 142 40.00 13.93 24.81
C VAL B 142 40.98 14.17 25.99
N THR B 143 40.68 13.63 27.18
CA THR B 143 41.52 13.84 28.36
C THR B 143 42.09 12.51 28.85
N SER B 144 43.42 12.43 29.02
CA SER B 144 44.10 11.21 29.45
C SER B 144 44.05 11.03 30.97
N GLN B 145 44.46 9.86 31.47
CA GLN B 145 44.54 9.53 32.90
C GLN B 145 45.36 10.56 33.68
N LEU B 146 46.43 11.09 33.06
CA LEU B 146 47.33 12.05 33.68
C LEU B 146 46.98 13.51 33.35
N GLY B 147 45.78 13.73 32.81
CA GLY B 147 45.24 15.05 32.50
C GLY B 147 45.70 15.75 31.24
N THR B 148 46.30 15.01 30.28
CA THR B 148 46.71 15.59 29.00
C THR B 148 45.46 15.80 28.13
N VAL B 149 45.25 17.02 27.65
CA VAL B 149 44.11 17.37 26.82
C VAL B 149 44.57 17.53 25.38
N ASN B 150 44.10 16.64 24.51
CA ASN B 150 44.42 16.64 23.10
C ASN B 150 43.19 16.74 22.25
N ASN B 151 43.34 17.32 21.03
CA ASN B 151 42.25 17.32 20.04
C ASN B 151 42.19 15.93 19.42
N ILE B 152 41.03 15.55 18.96
CA ILE B 152 40.85 14.24 18.39
C ILE B 152 40.16 14.35 17.03
N ILE B 153 40.63 13.55 16.05
CA ILE B 153 40.08 13.47 14.68
C ILE B 153 39.67 12.03 14.34
N GLN B 154 38.62 11.89 13.52
CA GLN B 154 38.17 10.60 13.01
C GLN B 154 38.38 10.60 11.50
N VAL B 155 39.15 9.62 11.02
CA VAL B 155 39.43 9.46 9.60
C VAL B 155 38.54 8.26 9.23
N LYS B 156 37.42 8.50 8.50
CA LYS B 156 36.43 7.48 8.06
C LYS B 156 36.68 7.07 6.62
N LYS B 157 36.14 5.90 6.21
CA LYS B 157 36.26 5.40 4.85
C LYS B 157 35.61 6.40 3.89
N THR B 158 34.41 6.91 4.29
CA THR B 158 33.58 7.84 3.53
C THR B 158 34.26 9.18 3.21
N ASP B 159 35.37 9.49 3.89
CA ASP B 159 36.08 10.76 3.69
C ASP B 159 36.91 10.81 2.43
N PHE B 160 37.19 9.66 1.80
CA PHE B 160 38.12 9.64 0.66
C PHE B 160 37.50 9.49 -0.74
N GLU B 161 36.18 9.68 -0.85
CA GLU B 161 35.47 9.71 -2.11
C GLU B 161 34.37 10.76 -1.95
N VAL B 162 34.38 11.79 -2.83
CA VAL B 162 33.41 12.91 -2.80
C VAL B 162 31.97 12.55 -2.55
N PHE B 163 31.42 11.63 -3.36
CA PHE B 163 30.01 11.31 -3.29
C PHE B 163 29.66 10.57 -2.00
N ASP B 164 30.58 9.76 -1.44
CA ASP B 164 30.37 9.15 -0.11
C ASP B 164 30.39 10.27 0.94
N ALA B 165 31.40 11.17 0.87
CA ALA B 165 31.53 12.29 1.81
C ALA B 165 30.30 13.19 1.74
N LEU B 166 29.82 13.51 0.54
CA LEU B 166 28.63 14.35 0.31
C LEU B 166 27.35 13.69 0.79
N MET B 167 27.28 12.35 0.72
CA MET B 167 26.11 11.61 1.19
C MET B 167 26.04 11.64 2.71
N VAL B 168 27.20 11.51 3.38
CA VAL B 168 27.36 11.55 4.84
C VAL B 168 26.98 12.96 5.31
N ASP B 169 27.52 13.97 4.63
CA ASP B 169 27.31 15.38 4.94
C ASP B 169 25.83 15.79 4.86
N SER B 170 25.10 15.30 3.84
CA SER B 170 23.69 15.62 3.65
C SER B 170 22.88 14.98 4.74
N GLN B 171 23.25 13.72 5.13
CA GLN B 171 22.62 12.99 6.21
C GLN B 171 22.70 13.79 7.54
N LYS B 172 23.83 14.49 7.82
CA LYS B 172 24.00 15.33 9.01
C LYS B 172 23.06 16.54 8.97
N CYS B 173 22.84 17.10 7.77
CA CYS B 173 21.92 18.22 7.50
C CYS B 173 20.45 17.79 7.66
N SER B 174 20.12 16.53 7.22
CA SER B 174 18.79 15.92 7.33
C SER B 174 18.53 15.64 8.83
N ASP B 175 19.57 15.15 9.56
CA ASP B 175 19.52 14.86 11.00
C ASP B 175 19.24 16.15 11.77
N VAL B 176 19.85 17.27 11.31
CA VAL B 176 19.68 18.61 11.86
C VAL B 176 18.25 19.14 11.52
N SER B 177 17.74 18.79 10.32
CA SER B 177 16.40 19.17 9.84
C SER B 177 15.27 18.60 10.72
N GLU B 178 15.49 17.38 11.25
CA GLU B 178 14.56 16.65 12.13
C GLU B 178 14.42 17.36 13.49
N LEU B 179 15.55 17.77 14.09
CA LEU B 179 15.64 18.48 15.38
C LEU B 179 14.92 19.85 15.38
N SER B 180 14.98 20.59 14.25
CA SER B 180 14.34 21.89 14.07
C SER B 180 12.81 21.76 13.94
N PRO B 186 4.87 16.77 6.66
CA PRO B 186 3.68 15.95 6.96
C PRO B 186 2.40 16.49 6.32
N TYR B 187 1.68 15.66 5.54
CA TYR B 187 0.42 16.05 4.89
C TYR B 187 -0.70 16.21 5.90
N HIS B 188 -1.44 17.32 5.80
CA HIS B 188 -2.51 17.68 6.73
C HIS B 188 -3.65 18.43 6.03
N GLN B 189 -4.70 18.78 6.78
CA GLN B 189 -5.84 19.54 6.25
C GLN B 189 -6.09 20.85 7.04
N GLU B 190 -5.00 21.50 7.50
CA GLU B 190 -5.13 22.75 8.24
C GLU B 190 -4.65 23.98 7.43
N PRO B 191 -5.57 24.97 7.21
CA PRO B 191 -5.20 26.21 6.48
C PRO B 191 -4.17 27.07 7.22
N TYR B 192 -3.41 27.91 6.47
CA TYR B 192 -2.35 28.78 7.00
C TYR B 192 -2.87 30.04 7.72
N VAL B 193 -2.09 30.51 8.73
CA VAL B 193 -2.33 31.69 9.58
C VAL B 193 -2.64 32.95 8.77
N ALA B 202 2.14 40.19 -0.08
CA ALA B 202 1.54 40.23 -1.42
C ALA B 202 2.08 39.08 -2.32
N PRO B 203 1.25 38.43 -3.18
CA PRO B 203 1.75 37.31 -4.03
C PRO B 203 2.77 37.74 -5.10
N PRO B 204 3.71 36.84 -5.53
CA PRO B 204 4.72 37.24 -6.52
C PRO B 204 4.14 37.57 -7.88
N ILE B 205 4.80 38.48 -8.63
CA ILE B 205 4.40 38.90 -9.98
C ILE B 205 4.56 37.68 -10.89
N LEU B 206 3.53 37.45 -11.74
CA LEU B 206 3.49 36.36 -12.71
C LEU B 206 4.62 36.45 -13.75
N PRO B 207 5.43 35.36 -13.92
CA PRO B 207 6.45 35.38 -14.97
C PRO B 207 5.82 35.48 -16.38
N PRO B 208 6.30 36.43 -17.23
CA PRO B 208 5.67 36.62 -18.56
C PRO B 208 5.74 35.40 -19.47
N HIS B 209 6.70 34.49 -19.20
CA HIS B 209 6.94 33.25 -19.93
C HIS B 209 5.72 32.35 -19.93
N LEU B 210 5.01 32.27 -18.80
CA LEU B 210 3.80 31.47 -18.60
C LEU B 210 2.62 31.92 -19.47
N LEU B 211 2.70 33.13 -20.03
CA LEU B 211 1.67 33.69 -20.90
C LEU B 211 1.93 33.41 -22.41
N GLN B 212 3.06 32.76 -22.73
CA GLN B 212 3.38 32.33 -24.10
C GLN B 212 2.69 30.94 -24.23
N VAL B 213 1.42 30.94 -24.64
CA VAL B 213 0.53 29.77 -24.74
C VAL B 213 0.81 29.00 -26.04
N ILE B 214 1.34 27.76 -25.93
CA ILE B 214 1.74 26.95 -27.10
C ILE B 214 0.55 26.63 -28.05
N LEU B 215 -0.68 26.48 -27.51
CA LEU B 215 -1.86 26.14 -28.31
C LEU B 215 -2.56 27.34 -28.96
N ASN B 216 -2.07 28.56 -28.69
CA ASN B 216 -2.64 29.76 -29.28
C ASN B 216 -1.88 30.18 -30.52
N LYS B 217 -0.64 29.70 -30.69
CA LYS B 217 0.16 30.07 -31.84
C LYS B 217 -0.01 29.07 -32.99
N ASP B 218 -0.18 29.64 -34.19
CA ASP B 218 -0.36 28.93 -35.46
C ASP B 218 0.96 28.32 -35.93
N THR B 219 0.89 27.23 -36.71
CA THR B 219 2.12 26.54 -37.11
C THR B 219 2.47 26.54 -38.61
N GLY B 220 1.70 27.15 -39.48
CA GLY B 220 2.19 27.10 -40.87
C GLY B 220 1.80 25.81 -41.55
N ILE B 221 0.94 25.96 -42.54
CA ILE B 221 0.17 25.00 -43.31
C ILE B 221 0.92 23.86 -43.91
N SER B 222 2.21 24.02 -44.20
CA SER B 222 3.00 22.97 -44.86
C SER B 222 3.30 21.77 -43.97
N CYS B 223 3.34 21.96 -42.63
CA CYS B 223 3.69 20.86 -41.76
C CYS B 223 2.49 20.09 -41.18
N ASP B 224 2.81 18.86 -40.70
CA ASP B 224 1.92 17.92 -40.03
C ASP B 224 1.19 18.67 -38.93
N PRO B 225 -0.17 18.69 -38.98
CA PRO B 225 -0.93 19.48 -37.98
C PRO B 225 -0.77 19.07 -36.48
N ALA B 226 -0.23 17.86 -36.15
CA ALA B 226 0.01 17.48 -34.76
C ALA B 226 1.30 18.09 -34.21
N LEU B 227 2.20 18.52 -35.09
CA LEU B 227 3.46 19.12 -34.69
C LEU B 227 3.32 20.46 -34.00
N LEU B 228 4.19 20.74 -33.02
CA LEU B 228 4.24 22.01 -32.32
C LEU B 228 5.69 22.52 -32.30
N PRO B 229 5.91 23.83 -32.00
CA PRO B 229 7.29 24.33 -31.79
C PRO B 229 7.84 23.75 -30.48
N GLU B 230 9.14 23.88 -30.26
CA GLU B 230 9.81 23.37 -29.06
C GLU B 230 9.42 24.22 -27.86
N PRO B 231 9.01 23.62 -26.72
CA PRO B 231 8.58 24.45 -25.59
C PRO B 231 9.76 24.99 -24.77
N ASN B 232 9.51 26.09 -24.05
CA ASN B 232 10.45 26.62 -23.08
C ASN B 232 10.23 25.72 -21.84
N HIS B 233 11.29 25.19 -21.23
CA HIS B 233 11.24 24.27 -20.07
C HIS B 233 10.36 24.76 -18.90
N VAL B 234 10.32 26.05 -18.75
CA VAL B 234 9.61 26.78 -17.70
C VAL B 234 8.08 26.63 -17.74
N MET B 235 7.47 26.39 -18.93
CA MET B 235 6.02 26.26 -19.07
C MET B 235 5.52 24.79 -19.01
N LEU B 236 6.47 23.82 -18.94
CA LEU B 236 6.17 22.40 -18.79
C LEU B 236 5.50 22.15 -17.45
N ASN B 237 4.53 21.21 -17.40
CA ASN B 237 3.80 20.78 -16.19
C ASN B 237 2.70 21.76 -15.75
N HIS B 238 2.69 22.98 -16.31
CA HIS B 238 1.69 24.02 -16.00
C HIS B 238 0.38 23.77 -16.75
N LEU B 239 -0.74 24.12 -16.11
CA LEU B 239 -2.06 23.88 -16.65
C LEU B 239 -2.63 25.06 -17.41
N TYR B 240 -3.14 24.77 -18.60
CA TYR B 240 -3.84 25.70 -19.50
C TYR B 240 -5.24 25.17 -19.69
N ALA B 241 -6.20 26.06 -19.88
CA ALA B 241 -7.61 25.67 -20.08
C ALA B 241 -8.31 26.55 -21.08
N LEU B 242 -9.46 26.05 -21.56
CA LEU B 242 -10.40 26.78 -22.40
C LEU B 242 -11.57 27.07 -21.48
N SER B 243 -12.27 28.21 -21.67
CA SER B 243 -13.44 28.48 -20.82
C SER B 243 -14.50 27.40 -21.09
N ILE B 244 -15.25 27.00 -20.03
CA ILE B 244 -16.33 25.98 -20.12
C ILE B 244 -17.38 26.48 -21.14
N LYS B 245 -17.57 25.69 -22.19
CA LYS B 245 -18.48 25.88 -23.31
C LYS B 245 -19.20 24.52 -23.46
N ASP B 246 -20.57 24.52 -23.52
CA ASP B 246 -21.43 23.30 -23.47
C ASP B 246 -21.27 22.89 -21.98
N GLY B 247 -21.14 21.60 -21.68
CA GLY B 247 -20.88 21.12 -20.33
C GLY B 247 -19.50 20.50 -20.32
N VAL B 248 -18.61 21.00 -21.22
CA VAL B 248 -17.28 20.43 -21.41
C VAL B 248 -16.16 21.33 -20.91
N MET B 249 -15.30 20.75 -20.06
CA MET B 249 -14.06 21.35 -19.63
C MET B 249 -12.91 20.80 -20.49
N VAL B 250 -12.10 21.71 -21.02
CA VAL B 250 -10.95 21.36 -21.82
C VAL B 250 -9.70 21.81 -21.08
N LEU B 251 -8.77 20.88 -20.80
CA LEU B 251 -7.50 21.19 -20.12
C LEU B 251 -6.32 20.71 -20.97
N SER B 252 -5.14 21.31 -20.79
CA SER B 252 -3.90 20.89 -21.45
C SER B 252 -2.70 21.23 -20.59
N ALA B 253 -1.59 20.58 -20.91
CA ALA B 253 -0.28 20.75 -20.29
C ALA B 253 0.74 20.12 -21.21
N THR B 254 2.01 20.61 -21.17
CA THR B 254 3.11 20.04 -21.94
C THR B 254 3.97 19.30 -20.91
N HIS B 255 4.27 18.02 -21.21
CA HIS B 255 5.09 17.15 -20.38
C HIS B 255 6.23 16.59 -21.20
N ARG B 256 7.35 16.36 -20.54
CA ARG B 256 8.56 15.78 -21.12
C ARG B 256 8.53 14.25 -20.99
N TYR B 257 8.97 13.58 -22.04
CA TYR B 257 9.24 12.13 -22.09
C TYR B 257 10.65 12.05 -22.71
N LYS B 258 11.67 11.71 -21.85
CA LYS B 258 13.08 11.63 -22.21
C LYS B 258 13.47 12.97 -22.85
N LYS B 259 13.69 13.06 -24.17
CA LYS B 259 14.01 14.37 -24.79
C LYS B 259 12.89 14.92 -25.71
N LYS B 260 11.67 14.32 -25.68
CA LYS B 260 10.51 14.75 -26.48
C LYS B 260 9.45 15.38 -25.56
N TYR B 261 8.57 16.18 -26.16
CA TYR B 261 7.49 16.89 -25.47
C TYR B 261 6.16 16.58 -26.10
N VAL B 262 5.19 16.28 -25.22
CA VAL B 262 3.82 16.00 -25.57
C VAL B 262 2.91 17.04 -24.92
N THR B 263 2.07 17.70 -25.72
CA THR B 263 1.04 18.62 -25.26
C THR B 263 -0.27 17.85 -25.34
N THR B 264 -0.78 17.42 -24.17
CA THR B 264 -2.02 16.66 -24.10
C THR B 264 -3.22 17.60 -23.86
N LEU B 265 -4.34 17.32 -24.52
CA LEU B 265 -5.59 18.05 -24.34
C LEU B 265 -6.58 17.05 -23.82
N LEU B 266 -7.37 17.42 -22.80
CA LEU B 266 -8.40 16.51 -22.30
C LEU B 266 -9.77 17.14 -22.42
N TYR B 267 -10.69 16.44 -23.08
CA TYR B 267 -12.09 16.88 -23.18
C TYR B 267 -12.85 16.07 -22.17
N LYS B 268 -13.28 16.73 -21.10
CA LYS B 268 -13.96 16.12 -19.96
C LYS B 268 -15.32 16.80 -19.69
N PRO B 269 -16.46 16.08 -19.80
CA PRO B 269 -17.73 16.70 -19.43
C PRO B 269 -17.75 16.97 -17.92
N ILE B 270 -18.46 18.04 -17.51
CA ILE B 270 -18.63 18.45 -16.11
C ILE B 270 -20.13 18.68 -15.76
N ASN C 25 21.00 -8.73 -49.73
CA ASN C 25 20.72 -7.52 -48.94
C ASN C 25 19.22 -7.18 -48.85
N ASN C 26 18.33 -8.20 -48.72
CA ASN C 26 16.86 -8.08 -48.70
C ASN C 26 16.31 -7.73 -47.30
N SER C 27 16.89 -8.33 -46.25
CA SER C 27 16.53 -8.17 -44.85
C SER C 27 17.04 -6.85 -44.26
N VAL C 28 17.67 -5.97 -45.09
CA VAL C 28 18.28 -4.68 -44.68
C VAL C 28 17.27 -3.72 -44.01
N TYR C 29 15.98 -3.69 -44.45
CA TYR C 29 14.94 -2.83 -43.90
C TYR C 29 14.28 -3.48 -42.68
N THR C 30 14.22 -4.83 -42.64
CA THR C 30 13.71 -5.63 -41.52
C THR C 30 14.68 -5.47 -40.33
N SER C 31 16.01 -5.49 -40.60
CA SER C 31 17.07 -5.31 -39.60
C SER C 31 17.07 -3.91 -39.07
N PHE C 32 16.79 -2.92 -39.95
CA PHE C 32 16.67 -1.50 -39.62
C PHE C 32 15.49 -1.30 -38.64
N MET C 33 14.31 -1.85 -39.00
CA MET C 33 13.07 -1.82 -38.26
C MET C 33 13.23 -2.42 -36.88
N LYS C 34 14.00 -3.52 -36.79
CA LYS C 34 14.30 -4.25 -35.56
C LYS C 34 15.30 -3.51 -34.68
N SER C 35 16.18 -2.70 -35.27
CA SER C 35 17.19 -1.95 -34.49
C SER C 35 16.69 -0.61 -33.90
N HIS C 36 15.61 -0.05 -34.46
CA HIS C 36 15.08 1.23 -34.02
C HIS C 36 13.85 1.09 -33.16
N ARG C 37 13.84 1.86 -32.06
CA ARG C 37 12.75 1.95 -31.09
C ARG C 37 11.67 2.88 -31.67
N CYS C 38 10.41 2.76 -31.22
CA CYS C 38 9.32 3.65 -31.63
C CYS C 38 9.61 5.06 -31.23
N TYR C 39 10.33 5.24 -30.12
CA TYR C 39 10.76 6.52 -29.57
C TYR C 39 11.43 7.41 -30.61
N ASP C 40 12.28 6.81 -31.46
CA ASP C 40 13.05 7.52 -32.49
C ASP C 40 12.19 8.27 -33.48
N LEU C 41 10.99 7.76 -33.71
CA LEU C 41 10.01 8.27 -34.66
C LEU C 41 9.10 9.37 -34.09
N ILE C 42 8.99 9.46 -32.77
CA ILE C 42 8.13 10.45 -32.10
C ILE C 42 8.62 11.90 -32.35
N PRO C 43 7.75 12.86 -32.70
CA PRO C 43 8.23 14.25 -32.87
C PRO C 43 8.85 14.80 -31.57
N THR C 44 9.71 15.81 -31.71
CA THR C 44 10.31 16.47 -30.55
C THR C 44 9.21 17.16 -29.78
N SER C 45 8.24 17.80 -30.48
CA SER C 45 7.10 18.45 -29.86
C SER C 45 5.83 18.23 -30.70
N SER C 46 4.80 17.64 -30.07
CA SER C 46 3.51 17.37 -30.71
C SER C 46 2.34 17.52 -29.73
N LYS C 47 1.14 17.51 -30.32
CA LYS C 47 -0.17 17.72 -29.72
C LYS C 47 -0.95 16.41 -29.76
N LEU C 48 -1.58 16.05 -28.63
CA LEU C 48 -2.37 14.83 -28.48
C LEU C 48 -3.68 15.20 -27.81
N VAL C 49 -4.80 14.90 -28.48
CA VAL C 49 -6.16 15.18 -28.02
C VAL C 49 -6.77 13.91 -27.46
N VAL C 50 -7.20 13.96 -26.20
CA VAL C 50 -7.81 12.82 -25.53
C VAL C 50 -9.26 13.12 -25.24
N PHE C 51 -10.11 12.12 -25.37
CA PHE C 51 -11.53 12.26 -25.05
C PHE C 51 -11.92 11.32 -23.94
N ASP C 52 -12.65 11.84 -22.94
CA ASP C 52 -13.25 11.02 -21.89
C ASP C 52 -14.46 10.36 -22.57
N THR C 53 -14.64 9.04 -22.43
CA THR C 53 -15.72 8.28 -23.09
C THR C 53 -17.16 8.77 -22.81
N SER C 54 -17.37 9.56 -21.76
CA SER C 54 -18.70 10.09 -21.44
C SER C 54 -19.04 11.32 -22.28
N LEU C 55 -18.09 11.79 -23.10
CA LEU C 55 -18.26 12.94 -23.97
C LEU C 55 -19.27 12.65 -25.09
N GLN C 56 -20.14 13.64 -25.41
CA GLN C 56 -21.07 13.54 -26.53
C GLN C 56 -20.23 13.32 -27.81
N VAL C 57 -20.55 12.28 -28.61
CA VAL C 57 -19.78 11.90 -29.80
C VAL C 57 -19.78 13.00 -30.91
N LYS C 58 -20.84 13.83 -31.03
CA LYS C 58 -20.83 14.95 -31.98
C LYS C 58 -19.81 15.99 -31.55
N LYS C 59 -19.68 16.20 -30.23
CA LYS C 59 -18.68 17.14 -29.67
C LYS C 59 -17.28 16.64 -29.94
N ALA C 60 -17.09 15.29 -29.92
CA ALA C 60 -15.81 14.62 -30.18
C ALA C 60 -15.36 14.85 -31.61
N PHE C 61 -16.22 14.64 -32.62
CA PHE C 61 -15.89 14.90 -34.02
C PHE C 61 -15.62 16.37 -34.33
N PHE C 62 -16.34 17.32 -33.68
CA PHE C 62 -16.08 18.75 -33.84
C PHE C 62 -14.73 19.13 -33.25
N ALA C 63 -14.36 18.50 -32.09
CA ALA C 63 -13.09 18.71 -31.40
C ALA C 63 -11.91 18.23 -32.25
N LEU C 64 -12.11 17.18 -33.08
CA LEU C 64 -11.10 16.67 -34.02
C LEU C 64 -10.82 17.78 -35.05
N VAL C 65 -11.89 18.39 -35.61
CA VAL C 65 -11.81 19.47 -36.61
C VAL C 65 -11.11 20.71 -36.01
N THR C 66 -11.60 21.22 -34.87
CA THR C 66 -11.09 22.42 -34.18
C THR C 66 -9.57 22.27 -33.82
N ASN C 67 -9.13 21.06 -33.38
CA ASN C 67 -7.74 20.80 -33.02
C ASN C 67 -6.88 20.33 -34.18
N GLY C 68 -7.49 20.23 -35.36
CA GLY C 68 -6.82 19.83 -36.60
C GLY C 68 -6.20 18.45 -36.59
N VAL C 69 -6.85 17.48 -35.89
CA VAL C 69 -6.37 16.10 -35.70
C VAL C 69 -7.42 15.07 -36.17
N ARG C 70 -6.96 13.92 -36.62
CA ARG C 70 -7.76 12.84 -37.19
C ARG C 70 -8.28 11.83 -36.21
N ALA C 71 -7.49 11.51 -35.22
CA ALA C 71 -7.80 10.47 -34.26
C ALA C 71 -7.54 10.93 -32.82
N ALA C 72 -8.27 10.37 -31.86
CA ALA C 72 -8.05 10.71 -30.47
C ALA C 72 -8.11 9.49 -29.55
N PRO C 73 -7.12 9.24 -28.65
CA PRO C 73 -7.26 8.12 -27.70
C PRO C 73 -8.47 8.32 -26.80
N LEU C 74 -9.08 7.22 -26.35
CA LEU C 74 -10.25 7.29 -25.48
C LEU C 74 -9.94 6.90 -24.06
N TRP C 75 -10.22 7.81 -23.13
CA TRP C 75 -9.98 7.62 -21.70
C TRP C 75 -11.25 7.28 -20.98
N ASP C 76 -11.27 6.12 -20.31
CA ASP C 76 -12.41 5.69 -19.51
C ASP C 76 -12.09 6.06 -18.06
N SER C 77 -12.74 7.12 -17.56
CA SER C 77 -12.57 7.66 -16.22
C SER C 77 -12.89 6.63 -15.13
N LYS C 78 -13.99 5.90 -15.23
CA LYS C 78 -14.37 4.89 -14.24
C LYS C 78 -13.38 3.74 -14.17
N LYS C 79 -12.86 3.28 -15.32
CA LYS C 79 -11.87 2.20 -15.34
C LYS C 79 -10.46 2.71 -15.05
N GLN C 80 -10.21 4.01 -15.29
CA GLN C 80 -8.89 4.65 -15.18
C GLN C 80 -7.90 4.05 -16.19
N SER C 81 -8.33 3.92 -17.47
CA SER C 81 -7.50 3.40 -18.57
C SER C 81 -7.95 3.83 -19.95
N PHE C 82 -7.04 3.73 -20.94
CA PHE C 82 -7.30 4.01 -22.36
C PHE C 82 -7.98 2.74 -22.88
N VAL C 83 -9.12 2.90 -23.59
CA VAL C 83 -9.92 1.74 -23.99
C VAL C 83 -10.03 1.55 -25.51
N GLY C 84 -9.58 2.58 -26.25
CA GLY C 84 -9.61 2.60 -27.70
C GLY C 84 -9.27 3.96 -28.29
N MET C 85 -9.65 4.13 -29.55
CA MET C 85 -9.42 5.34 -30.31
C MET C 85 -10.74 5.78 -30.99
N LEU C 86 -10.92 7.10 -31.13
CA LEU C 86 -11.99 7.66 -31.92
C LEU C 86 -11.34 8.18 -33.21
N THR C 87 -11.80 7.72 -34.38
CA THR C 87 -11.25 8.11 -35.68
C THR C 87 -12.38 8.59 -36.56
N ILE C 88 -12.04 8.97 -37.81
CA ILE C 88 -12.98 9.37 -38.85
C ILE C 88 -13.83 8.17 -39.26
N THR C 89 -13.31 6.91 -39.14
CA THR C 89 -14.08 5.67 -39.42
C THR C 89 -15.29 5.54 -38.47
N ASP C 90 -15.19 6.10 -37.25
CA ASP C 90 -16.28 6.12 -36.28
C ASP C 90 -17.41 7.01 -36.78
N PHE C 91 -17.05 8.13 -37.42
CA PHE C 91 -17.95 9.12 -38.00
C PHE C 91 -18.64 8.50 -39.24
N ILE C 92 -17.87 7.83 -40.12
CA ILE C 92 -18.37 7.09 -41.30
C ILE C 92 -19.41 6.05 -40.86
N ASN C 93 -19.15 5.35 -39.75
CA ASN C 93 -20.04 4.31 -39.23
C ASN C 93 -21.34 4.84 -38.64
N ILE C 94 -21.29 5.97 -37.92
CA ILE C 94 -22.47 6.59 -37.33
C ILE C 94 -23.38 7.12 -38.43
N LEU C 95 -22.78 7.83 -39.40
CA LEU C 95 -23.52 8.41 -40.50
C LEU C 95 -24.23 7.37 -41.33
N HIS C 96 -23.49 6.32 -41.76
CA HIS C 96 -24.07 5.26 -42.58
C HIS C 96 -25.19 4.48 -41.86
N ARG C 97 -24.98 4.12 -40.58
CA ARG C 97 -25.96 3.37 -39.79
C ARG C 97 -27.24 4.16 -39.49
N TYR C 98 -27.11 5.46 -39.15
CA TYR C 98 -28.25 6.23 -38.65
C TYR C 98 -28.87 7.25 -39.59
N TYR C 99 -28.22 7.63 -40.69
CA TYR C 99 -28.83 8.60 -41.59
C TYR C 99 -30.06 8.06 -42.21
N LYS C 100 -31.15 8.84 -42.19
CA LYS C 100 -32.40 8.43 -42.81
C LYS C 100 -32.75 9.33 -44.02
N SER C 101 -32.70 10.63 -43.83
CA SER C 101 -33.11 11.61 -44.84
C SER C 101 -32.53 12.97 -44.47
N ALA C 102 -32.44 13.85 -45.46
CA ALA C 102 -31.98 15.22 -45.28
C ALA C 102 -33.10 16.04 -44.55
N LEU C 103 -34.32 15.48 -44.51
CA LEU C 103 -35.51 16.07 -43.88
C LEU C 103 -35.61 15.75 -42.40
N VAL C 104 -34.77 14.83 -41.90
CA VAL C 104 -34.84 14.37 -40.52
C VAL C 104 -33.48 14.41 -39.89
N GLN C 105 -33.46 14.76 -38.61
CA GLN C 105 -32.23 14.82 -37.81
C GLN C 105 -31.61 13.41 -37.64
N ILE C 106 -30.28 13.34 -37.45
CA ILE C 106 -29.61 12.07 -37.17
C ILE C 106 -29.54 12.07 -35.65
N TYR C 107 -30.66 11.66 -35.00
CA TYR C 107 -30.85 11.72 -33.56
C TYR C 107 -29.69 11.11 -32.76
N GLU C 108 -29.19 9.94 -33.15
CA GLU C 108 -28.12 9.20 -32.46
C GLU C 108 -26.78 9.89 -32.53
N LEU C 109 -26.54 10.66 -33.60
CA LEU C 109 -25.31 11.45 -33.71
C LEU C 109 -25.39 12.60 -32.70
N GLU C 110 -26.59 13.16 -32.50
CA GLU C 110 -26.87 14.26 -31.58
C GLU C 110 -26.98 13.80 -30.13
N GLU C 111 -27.38 12.54 -29.90
CA GLU C 111 -27.67 11.99 -28.57
C GLU C 111 -26.57 11.14 -27.94
N HIS C 112 -25.96 10.19 -28.71
CA HIS C 112 -24.98 9.22 -28.21
C HIS C 112 -23.78 9.88 -27.54
N LYS C 113 -23.20 9.18 -26.57
CA LYS C 113 -21.94 9.49 -25.92
C LYS C 113 -21.00 8.52 -26.62
N ILE C 114 -19.67 8.72 -26.52
CA ILE C 114 -18.70 7.80 -27.11
C ILE C 114 -18.93 6.39 -26.54
N GLU C 115 -19.05 6.32 -25.22
CA GLU C 115 -19.34 5.17 -24.37
C GLU C 115 -20.49 4.32 -24.97
N THR C 116 -21.67 4.95 -25.26
CA THR C 116 -22.86 4.29 -25.81
C THR C 116 -22.74 3.94 -27.28
N TRP C 117 -21.97 4.72 -28.06
CA TRP C 117 -21.80 4.38 -29.46
C TRP C 117 -20.91 3.13 -29.56
N ARG C 118 -19.91 3.02 -28.68
CA ARG C 118 -19.00 1.89 -28.65
C ARG C 118 -19.66 0.57 -28.24
N GLU C 119 -20.68 0.62 -27.34
CA GLU C 119 -21.44 -0.55 -26.88
C GLU C 119 -22.19 -1.16 -28.09
N VAL C 120 -22.75 -0.29 -28.93
CA VAL C 120 -23.50 -0.57 -30.16
C VAL C 120 -22.54 -1.14 -31.23
N TYR C 121 -21.44 -0.41 -31.48
CA TYR C 121 -20.39 -0.69 -32.46
C TYR C 121 -19.73 -2.06 -32.23
N LEU C 122 -19.24 -2.30 -31.01
CA LEU C 122 -18.53 -3.54 -30.63
C LEU C 122 -19.42 -4.57 -29.89
N GLN C 123 -20.72 -4.59 -30.24
CA GLN C 123 -21.72 -5.50 -29.66
C GLN C 123 -21.53 -6.93 -30.14
N ASP C 124 -21.29 -7.13 -31.46
CA ASP C 124 -21.13 -8.44 -32.11
C ASP C 124 -19.78 -9.13 -31.83
N SER C 125 -18.66 -8.38 -31.87
CA SER C 125 -17.32 -8.92 -31.66
C SER C 125 -16.50 -8.21 -30.56
N PHE C 126 -15.38 -8.84 -30.16
CA PHE C 126 -14.43 -8.39 -29.15
C PHE C 126 -13.20 -7.72 -29.78
N LYS C 127 -12.78 -6.57 -29.22
CA LYS C 127 -11.63 -5.81 -29.70
C LYS C 127 -11.02 -4.94 -28.56
N PRO C 128 -9.94 -5.41 -27.88
CA PRO C 128 -9.33 -4.57 -26.82
C PRO C 128 -8.41 -3.47 -27.39
N LEU C 129 -7.77 -2.67 -26.51
CA LEU C 129 -6.87 -1.59 -26.92
C LEU C 129 -5.59 -2.14 -27.54
N VAL C 130 -5.29 -1.71 -28.76
CA VAL C 130 -4.07 -2.11 -29.45
C VAL C 130 -3.10 -0.95 -29.23
N CYS C 131 -1.99 -1.20 -28.52
CA CYS C 131 -1.00 -0.15 -28.28
C CYS C 131 0.43 -0.67 -28.32
N ILE C 132 1.38 0.25 -28.32
CA ILE C 132 2.78 -0.10 -28.36
C ILE C 132 3.54 0.73 -27.33
N SER C 133 4.69 0.20 -26.86
CA SER C 133 5.56 0.87 -25.92
C SER C 133 6.57 1.74 -26.70
N PRO C 134 6.99 2.92 -26.17
CA PRO C 134 8.02 3.71 -26.88
C PRO C 134 9.36 2.97 -27.08
N ASN C 135 9.61 1.94 -26.24
CA ASN C 135 10.82 1.09 -26.25
C ASN C 135 10.70 -0.13 -27.17
N ALA C 136 9.49 -0.43 -27.69
CA ALA C 136 9.34 -1.52 -28.65
C ALA C 136 9.90 -1.05 -30.04
N SER C 137 10.41 -2.00 -30.83
CA SER C 137 10.99 -1.76 -32.15
C SER C 137 9.96 -1.28 -33.18
N LEU C 138 10.46 -0.67 -34.29
CA LEU C 138 9.60 -0.27 -35.39
C LEU C 138 9.05 -1.49 -36.12
N PHE C 139 9.78 -2.65 -36.05
CA PHE C 139 9.34 -3.90 -36.60
C PHE C 139 8.03 -4.32 -35.92
N ASP C 140 7.97 -4.23 -34.57
CA ASP C 140 6.78 -4.55 -33.78
C ASP C 140 5.62 -3.64 -34.14
N ALA C 141 5.89 -2.34 -34.38
CA ALA C 141 4.89 -1.35 -34.77
C ALA C 141 4.25 -1.69 -36.13
N VAL C 142 5.07 -1.99 -37.16
CA VAL C 142 4.61 -2.39 -38.49
C VAL C 142 3.77 -3.72 -38.37
N SER C 143 4.27 -4.70 -37.59
CA SER C 143 3.59 -5.98 -37.33
C SER C 143 2.21 -5.78 -36.72
N SER C 144 2.09 -4.92 -35.71
CA SER C 144 0.83 -4.62 -35.06
C SER C 144 -0.15 -3.87 -35.98
N LEU C 145 0.35 -2.95 -36.85
CA LEU C 145 -0.53 -2.22 -37.78
C LEU C 145 -1.21 -3.19 -38.76
N ILE C 146 -0.43 -4.10 -39.37
CA ILE C 146 -0.93 -5.06 -40.35
C ILE C 146 -1.79 -6.15 -39.72
N ARG C 147 -1.24 -6.88 -38.74
CA ARG C 147 -1.88 -7.95 -37.99
C ARG C 147 -3.27 -7.53 -37.51
N ASN C 148 -3.40 -6.31 -36.92
CA ASN C 148 -4.68 -5.81 -36.42
C ASN C 148 -5.48 -4.95 -37.41
N LYS C 149 -5.02 -4.90 -38.69
CA LYS C 149 -5.68 -4.15 -39.78
C LYS C 149 -6.09 -2.72 -39.34
N ILE C 150 -5.15 -1.99 -38.71
CA ILE C 150 -5.37 -0.62 -38.23
C ILE C 150 -4.47 0.39 -38.98
N HIS C 151 -4.75 1.68 -38.81
CA HIS C 151 -3.97 2.76 -39.41
C HIS C 151 -3.31 3.66 -38.35
N ARG C 152 -3.85 3.63 -37.13
CA ARG C 152 -3.44 4.43 -35.98
C ARG C 152 -3.11 3.54 -34.81
N LEU C 153 -1.88 3.62 -34.32
CA LEU C 153 -1.38 2.83 -33.20
C LEU C 153 -0.91 3.76 -32.10
N PRO C 154 -1.62 3.88 -30.94
CA PRO C 154 -1.09 4.75 -29.86
C PRO C 154 0.15 4.20 -29.17
N VAL C 155 1.17 5.06 -29.00
CA VAL C 155 2.42 4.78 -28.29
C VAL C 155 2.14 5.17 -26.80
N ILE C 156 2.04 4.18 -25.92
CA ILE C 156 1.73 4.39 -24.50
C ILE C 156 2.95 4.00 -23.65
N ASP C 157 3.46 4.95 -22.83
CA ASP C 157 4.58 4.71 -21.93
C ASP C 157 4.14 3.79 -20.79
N PRO C 158 4.76 2.60 -20.61
CA PRO C 158 4.31 1.70 -19.53
C PRO C 158 4.60 2.23 -18.11
N GLU C 159 5.66 3.03 -17.97
CA GLU C 159 6.09 3.58 -16.69
C GLU C 159 5.13 4.63 -16.12
N SER C 160 4.75 5.64 -16.89
CA SER C 160 3.85 6.73 -16.48
C SER C 160 2.40 6.48 -16.86
N GLY C 161 2.17 5.53 -17.76
CA GLY C 161 0.86 5.21 -18.31
C GLY C 161 0.34 6.23 -19.33
N ASN C 162 1.16 7.21 -19.70
CA ASN C 162 0.74 8.24 -20.63
C ASN C 162 0.86 7.84 -22.08
N THR C 163 -0.14 8.25 -22.89
CA THR C 163 -0.13 8.11 -24.34
C THR C 163 0.74 9.26 -24.79
N LEU C 164 1.75 8.95 -25.60
CA LEU C 164 2.69 9.97 -26.06
C LEU C 164 2.46 10.45 -27.48
N TYR C 165 2.02 9.52 -28.37
CA TYR C 165 1.93 9.76 -29.80
C TYR C 165 1.04 8.73 -30.51
N ILE C 166 0.44 9.13 -31.65
CA ILE C 166 -0.36 8.23 -32.51
C ILE C 166 0.44 7.93 -33.79
N LEU C 167 1.00 6.73 -33.85
CA LEU C 167 1.83 6.21 -34.92
C LEU C 167 1.01 5.74 -36.15
N THR C 168 1.52 6.05 -37.37
CA THR C 168 0.86 5.71 -38.63
C THR C 168 1.85 5.11 -39.62
N HIS C 169 1.34 4.58 -40.73
CA HIS C 169 2.14 4.07 -41.85
C HIS C 169 2.92 5.21 -42.50
N LYS C 170 2.29 6.40 -42.63
CA LYS C 170 2.93 7.57 -43.24
C LYS C 170 4.21 7.91 -42.52
N ARG C 171 4.12 7.98 -41.18
CA ARG C 171 5.22 8.30 -40.29
C ARG C 171 6.37 7.33 -40.40
N ILE C 172 6.06 6.03 -40.42
CA ILE C 172 7.04 4.95 -40.51
C ILE C 172 7.78 4.97 -41.88
N LEU C 173 7.04 5.06 -43.00
CA LEU C 173 7.66 5.10 -44.32
C LEU C 173 8.55 6.34 -44.49
N LYS C 174 8.13 7.52 -44.02
CA LYS C 174 8.94 8.74 -44.09
C LYS C 174 10.25 8.58 -43.26
N PHE C 175 10.18 8.01 -42.04
CA PHE C 175 11.36 7.71 -41.21
C PHE C 175 12.34 6.75 -41.94
N LEU C 176 11.79 5.71 -42.62
CA LEU C 176 12.56 4.75 -43.40
C LEU C 176 13.25 5.42 -44.61
N LYS C 177 12.58 6.35 -45.29
CA LYS C 177 13.15 7.08 -46.45
C LYS C 177 14.37 7.95 -46.05
N LEU C 178 14.36 8.51 -44.83
CA LEU C 178 15.47 9.33 -44.32
C LEU C 178 16.75 8.55 -44.23
N PHE C 179 16.65 7.21 -43.94
CA PHE C 179 17.80 6.33 -43.78
C PHE C 179 18.09 5.40 -44.95
N ILE C 180 17.39 5.54 -46.11
CA ILE C 180 17.65 4.60 -47.22
C ILE C 180 19.08 4.75 -47.78
N THR C 181 19.71 5.95 -47.60
CA THR C 181 21.08 6.27 -48.01
C THR C 181 22.11 5.65 -47.08
N GLU C 182 21.71 5.29 -45.84
CA GLU C 182 22.59 4.74 -44.79
C GLU C 182 22.93 3.27 -44.96
N PHE C 183 22.31 2.60 -45.94
CA PHE C 183 22.46 1.16 -46.14
C PHE C 183 22.53 0.79 -47.61
N PRO C 184 23.03 -0.43 -47.97
CA PRO C 184 22.96 -0.85 -49.38
C PRO C 184 21.50 -0.95 -49.83
N LYS C 185 21.22 -0.59 -51.09
CA LYS C 185 19.84 -0.66 -51.57
C LYS C 185 19.56 -2.08 -52.08
N PRO C 186 18.52 -2.79 -51.54
CA PRO C 186 18.19 -4.13 -52.06
C PRO C 186 17.82 -4.04 -53.53
N GLU C 187 17.98 -5.15 -54.26
CA GLU C 187 17.69 -5.22 -55.70
C GLU C 187 16.22 -5.02 -56.04
N PHE C 188 15.29 -5.29 -55.10
CA PHE C 188 13.86 -5.12 -55.35
C PHE C 188 13.44 -3.64 -55.49
N MET C 189 14.22 -2.73 -54.91
CA MET C 189 13.98 -1.27 -54.98
C MET C 189 13.97 -0.75 -56.43
N SER C 190 14.79 -1.36 -57.31
CA SER C 190 14.90 -0.98 -58.73
C SER C 190 14.01 -1.84 -59.64
N LYS C 191 13.26 -2.79 -59.04
CA LYS C 191 12.34 -3.68 -59.76
C LYS C 191 10.97 -3.00 -59.89
N SER C 192 10.29 -3.23 -61.04
CA SER C 192 8.98 -2.62 -61.32
C SER C 192 7.87 -3.15 -60.42
N LEU C 193 6.71 -2.44 -60.40
CA LEU C 193 5.51 -2.80 -59.64
C LEU C 193 4.92 -4.12 -60.14
N GLU C 194 4.99 -4.33 -61.47
CA GLU C 194 4.52 -5.53 -62.15
C GLU C 194 5.30 -6.77 -61.65
N GLU C 195 6.65 -6.72 -61.66
CA GLU C 195 7.55 -7.79 -61.22
C GLU C 195 7.36 -8.16 -59.75
N LEU C 196 7.22 -7.13 -58.89
CA LEU C 196 7.13 -7.30 -57.44
C LEU C 196 5.75 -7.69 -56.95
N GLN C 197 4.69 -7.30 -57.71
CA GLN C 197 3.26 -7.53 -57.43
C GLN C 197 2.82 -6.98 -56.04
N ILE C 198 3.23 -5.73 -55.75
CA ILE C 198 2.89 -5.02 -54.53
C ILE C 198 1.64 -4.19 -54.83
N GLY C 199 0.59 -4.41 -54.06
CA GLY C 199 -0.68 -3.72 -54.22
C GLY C 199 -1.83 -4.63 -54.60
N THR C 200 -3.01 -4.00 -54.81
CA THR C 200 -4.28 -4.63 -55.19
C THR C 200 -4.60 -4.29 -56.64
N TYR C 201 -4.87 -5.31 -57.47
CA TYR C 201 -5.12 -5.10 -58.89
C TYR C 201 -6.45 -5.72 -59.35
N ALA C 202 -7.25 -6.18 -58.38
CA ALA C 202 -8.55 -6.79 -58.63
C ALA C 202 -9.58 -6.38 -57.57
N ASN C 203 -10.85 -6.23 -58.02
CA ASN C 203 -12.04 -5.82 -57.23
C ASN C 203 -11.79 -4.51 -56.48
N ILE C 204 -11.48 -3.45 -57.24
CA ILE C 204 -11.18 -2.12 -56.73
C ILE C 204 -12.47 -1.34 -56.48
N ALA C 205 -12.71 -1.01 -55.19
CA ALA C 205 -13.86 -0.24 -54.75
C ALA C 205 -13.69 1.22 -55.24
N MET C 206 -14.58 1.62 -56.15
CA MET C 206 -14.58 2.94 -56.78
C MET C 206 -15.96 3.53 -56.78
N VAL C 207 -16.01 4.85 -56.98
CA VAL C 207 -17.26 5.59 -57.04
C VAL C 207 -17.35 6.41 -58.32
N ARG C 208 -18.57 6.77 -58.71
CA ARG C 208 -18.75 7.61 -59.88
C ARG C 208 -18.81 9.09 -59.41
N THR C 209 -18.68 10.01 -60.38
CA THR C 209 -18.75 11.47 -60.21
C THR C 209 -20.06 11.85 -59.49
N THR C 210 -21.15 11.11 -59.83
CA THR C 210 -22.52 11.30 -59.34
C THR C 210 -22.87 10.51 -58.08
N THR C 211 -21.99 9.61 -57.63
CA THR C 211 -22.26 8.77 -56.48
C THR C 211 -22.57 9.57 -55.20
N PRO C 212 -23.79 9.38 -54.61
CA PRO C 212 -24.10 10.07 -53.36
C PRO C 212 -23.11 9.72 -52.25
N VAL C 213 -22.85 10.67 -51.37
CA VAL C 213 -21.95 10.49 -50.21
C VAL C 213 -22.32 9.26 -49.38
N TYR C 214 -23.62 9.05 -49.10
CA TYR C 214 -24.13 7.92 -48.34
C TYR C 214 -23.68 6.57 -48.91
N VAL C 215 -23.72 6.43 -50.24
CA VAL C 215 -23.34 5.22 -50.96
C VAL C 215 -21.84 4.94 -50.76
N ALA C 216 -21.00 5.99 -50.91
CA ALA C 216 -19.55 5.96 -50.70
C ALA C 216 -19.21 5.50 -49.27
N LEU C 217 -19.98 5.96 -48.27
CA LEU C 217 -19.81 5.57 -46.86
C LEU C 217 -20.12 4.11 -46.68
N GLY C 218 -21.11 3.62 -47.42
CA GLY C 218 -21.49 2.21 -47.39
C GLY C 218 -20.37 1.33 -47.89
N ILE C 219 -19.66 1.81 -48.94
CA ILE C 219 -18.52 1.14 -49.55
C ILE C 219 -17.32 1.10 -48.57
N PHE C 220 -17.11 2.16 -47.77
CA PHE C 220 -16.03 2.17 -46.78
C PHE C 220 -16.35 1.12 -45.72
N VAL C 221 -17.61 1.08 -45.23
CA VAL C 221 -18.09 0.17 -44.18
C VAL C 221 -18.01 -1.32 -44.64
N GLN C 222 -18.39 -1.60 -45.90
CA GLN C 222 -18.39 -2.96 -46.43
C GLN C 222 -17.00 -3.45 -46.83
N HIS C 223 -16.23 -2.61 -47.55
CA HIS C 223 -14.94 -3.02 -48.08
C HIS C 223 -13.74 -2.71 -47.20
N ARG C 224 -13.92 -1.88 -46.14
CA ARG C 224 -12.87 -1.49 -45.18
C ARG C 224 -11.58 -0.98 -45.87
N VAL C 225 -11.77 -0.17 -46.95
CA VAL C 225 -10.70 0.47 -47.73
C VAL C 225 -10.61 1.92 -47.21
N SER C 226 -9.46 2.57 -47.37
CA SER C 226 -9.25 3.95 -46.85
C SER C 226 -9.57 5.08 -47.87
N ALA C 227 -9.73 4.76 -49.17
CA ALA C 227 -10.05 5.77 -50.18
C ALA C 227 -10.67 5.18 -51.40
N LEU C 228 -11.53 5.95 -52.06
CA LEU C 228 -12.22 5.51 -53.26
C LEU C 228 -11.87 6.40 -54.43
N PRO C 229 -11.26 5.84 -55.49
CA PRO C 229 -11.05 6.64 -56.70
C PRO C 229 -12.41 7.03 -57.29
N VAL C 230 -12.55 8.30 -57.68
CA VAL C 230 -13.76 8.85 -58.31
C VAL C 230 -13.52 8.77 -59.81
N VAL C 231 -14.36 7.98 -60.51
CA VAL C 231 -14.20 7.75 -61.95
C VAL C 231 -15.33 8.35 -62.80
N ASP C 232 -14.99 8.65 -64.06
CA ASP C 232 -15.91 9.16 -65.08
C ASP C 232 -16.62 7.97 -65.76
N GLU C 233 -17.47 8.22 -66.79
CA GLU C 233 -18.18 7.16 -67.50
C GLU C 233 -17.25 6.15 -68.22
N LYS C 234 -16.05 6.62 -68.65
CA LYS C 234 -15.07 5.78 -69.36
C LYS C 234 -14.14 4.98 -68.42
N GLY C 235 -14.24 5.22 -67.11
CA GLY C 235 -13.48 4.51 -66.08
C GLY C 235 -12.16 5.13 -65.68
N ARG C 236 -11.98 6.44 -65.98
CA ARG C 236 -10.77 7.19 -65.68
C ARG C 236 -10.86 8.03 -64.39
N VAL C 237 -9.77 8.01 -63.55
CA VAL C 237 -9.69 8.81 -62.31
C VAL C 237 -9.76 10.31 -62.59
N VAL C 238 -10.62 10.98 -61.82
CA VAL C 238 -10.87 12.41 -61.93
C VAL C 238 -10.61 13.04 -60.53
N ASP C 239 -10.97 12.31 -59.48
CA ASP C 239 -10.76 12.71 -58.11
C ASP C 239 -10.59 11.47 -57.24
N ILE C 240 -10.41 11.68 -55.94
CA ILE C 240 -10.26 10.63 -54.93
C ILE C 240 -11.03 11.05 -53.68
N TYR C 241 -11.92 10.17 -53.19
CA TYR C 241 -12.65 10.39 -51.95
C TYR C 241 -12.00 9.54 -50.85
N SER C 242 -11.17 10.17 -50.06
CA SER C 242 -10.51 9.51 -48.92
C SER C 242 -11.40 9.65 -47.70
N LYS C 243 -11.20 8.75 -46.71
CA LYS C 243 -11.93 8.80 -45.43
C LYS C 243 -11.69 10.17 -44.75
N PHE C 244 -10.49 10.75 -44.93
CA PHE C 244 -10.13 12.06 -44.40
C PHE C 244 -11.10 13.14 -44.86
N ASP C 245 -11.55 13.07 -46.13
CA ASP C 245 -12.45 14.03 -46.75
C ASP C 245 -13.86 14.03 -46.17
N VAL C 246 -14.24 12.92 -45.51
CA VAL C 246 -15.53 12.77 -44.84
C VAL C 246 -15.60 13.72 -43.63
N ILE C 247 -14.43 14.08 -43.01
CA ILE C 247 -14.43 14.96 -41.83
C ILE C 247 -14.89 16.40 -42.19
N ASN C 248 -14.86 16.72 -43.49
CA ASN C 248 -15.35 18.00 -43.99
C ASN C 248 -16.89 18.16 -43.80
N LEU C 249 -17.61 17.02 -43.68
CA LEU C 249 -19.05 17.02 -43.39
C LEU C 249 -19.27 17.56 -41.99
N ALA C 250 -18.34 17.24 -41.04
CA ALA C 250 -18.36 17.74 -39.65
C ALA C 250 -17.90 19.20 -39.59
N ALA C 251 -16.83 19.58 -40.34
CA ALA C 251 -16.26 20.93 -40.40
C ALA C 251 -17.27 21.97 -40.93
N GLU C 252 -17.87 21.67 -42.10
CA GLU C 252 -18.84 22.53 -42.77
C GLU C 252 -20.26 22.31 -42.24
N LYS C 253 -20.47 21.35 -41.30
CA LYS C 253 -21.78 20.98 -40.70
C LYS C 253 -22.82 20.63 -41.79
N THR C 254 -22.37 19.92 -42.85
CA THR C 254 -23.16 19.48 -44.01
C THR C 254 -23.47 17.96 -43.94
N TYR C 255 -23.30 17.36 -42.73
CA TYR C 255 -23.50 15.93 -42.48
C TYR C 255 -24.95 15.48 -42.55
N ASN C 256 -25.93 16.40 -42.50
CA ASN C 256 -27.33 16.01 -42.53
C ASN C 256 -27.89 15.88 -43.94
N ASN C 257 -27.06 16.03 -44.96
CA ASN C 257 -27.42 15.82 -46.34
C ASN C 257 -26.35 14.96 -47.01
N LEU C 258 -26.60 13.64 -47.04
CA LEU C 258 -25.65 12.67 -47.60
C LEU C 258 -26.10 12.20 -48.99
N ASP C 259 -27.11 12.88 -49.55
CA ASP C 259 -27.69 12.61 -50.86
C ASP C 259 -26.83 13.27 -51.94
N VAL C 260 -26.13 14.34 -51.53
CA VAL C 260 -25.22 15.16 -52.32
C VAL C 260 -24.12 14.29 -52.97
N SER C 261 -23.80 14.57 -54.24
CA SER C 261 -22.77 13.80 -54.95
C SER C 261 -21.40 13.89 -54.26
N VAL C 262 -20.57 12.89 -54.54
CA VAL C 262 -19.20 12.81 -54.04
C VAL C 262 -18.38 14.01 -54.60
N THR C 263 -18.75 14.51 -55.82
CA THR C 263 -18.16 15.70 -56.47
C THR C 263 -18.50 16.97 -55.66
N LYS C 264 -19.80 17.15 -55.29
CA LYS C 264 -20.23 18.31 -54.49
C LYS C 264 -19.54 18.31 -53.14
N ALA C 265 -19.28 17.11 -52.56
CA ALA C 265 -18.60 16.93 -51.27
C ALA C 265 -17.11 17.26 -51.35
N LEU C 266 -16.52 17.18 -52.55
CA LEU C 266 -15.10 17.46 -52.74
C LEU C 266 -14.80 18.87 -53.25
N GLN C 267 -15.83 19.63 -53.67
CA GLN C 267 -15.78 21.00 -54.21
C GLN C 267 -14.99 22.00 -53.35
N HIS C 268 -15.00 21.82 -52.02
CA HIS C 268 -14.32 22.68 -51.05
C HIS C 268 -12.80 22.81 -51.27
N ARG C 269 -12.16 21.78 -51.86
CA ARG C 269 -10.72 21.72 -52.07
C ARG C 269 -10.28 21.85 -53.55
N SER C 270 -11.21 22.22 -54.45
CA SER C 270 -10.95 22.37 -55.90
C SER C 270 -9.96 23.49 -56.25
N HIS C 271 -9.89 24.55 -55.42
CA HIS C 271 -9.00 25.71 -55.58
C HIS C 271 -7.51 25.42 -55.19
N TYR C 272 -7.27 24.32 -54.46
CA TYR C 272 -5.91 23.93 -54.12
C TYR C 272 -5.59 22.46 -54.46
N PHE C 273 -6.47 21.80 -55.24
CA PHE C 273 -6.26 20.39 -55.61
C PHE C 273 -5.38 20.26 -56.86
N GLU C 274 -4.15 19.75 -56.66
CA GLU C 274 -3.18 19.56 -57.74
C GLU C 274 -3.49 18.35 -58.68
N GLY C 275 -4.49 17.54 -58.33
CA GLY C 275 -4.87 16.37 -59.11
C GLY C 275 -4.61 15.06 -58.38
N VAL C 276 -4.97 13.92 -59.02
CA VAL C 276 -4.80 12.59 -58.45
C VAL C 276 -3.39 12.07 -58.65
N LEU C 277 -2.75 11.69 -57.54
CA LEU C 277 -1.41 11.12 -57.52
C LEU C 277 -1.51 9.66 -57.91
N LYS C 278 -0.84 9.35 -59.01
CA LYS C 278 -0.87 8.03 -59.61
C LYS C 278 0.51 7.51 -59.96
N CYS C 279 0.55 6.24 -60.40
CA CYS C 279 1.75 5.56 -60.83
C CYS C 279 1.44 4.51 -61.92
N TYR C 280 2.48 4.05 -62.61
CA TYR C 280 2.37 3.02 -63.65
C TYR C 280 2.99 1.73 -63.17
N LEU C 281 2.52 0.59 -63.72
CA LEU C 281 3.04 -0.74 -63.37
C LEU C 281 4.52 -0.91 -63.70
N HIS C 282 5.02 -0.16 -64.72
CA HIS C 282 6.41 -0.22 -65.17
C HIS C 282 7.38 0.53 -64.26
N GLU C 283 6.84 1.36 -63.35
CA GLU C 283 7.62 2.19 -62.43
C GLU C 283 8.20 1.37 -61.30
N THR C 284 9.38 1.79 -60.81
CA THR C 284 10.11 1.05 -59.76
C THR C 284 9.55 1.34 -58.38
N LEU C 285 9.81 0.43 -57.42
CA LEU C 285 9.37 0.53 -56.04
C LEU C 285 9.91 1.78 -55.38
N GLU C 286 11.21 2.06 -55.60
CA GLU C 286 11.90 3.25 -55.06
C GLU C 286 11.20 4.55 -55.52
N THR C 287 10.86 4.66 -56.82
CA THR C 287 10.17 5.81 -57.40
C THR C 287 8.86 6.05 -56.66
N ILE C 288 8.03 4.98 -56.52
CA ILE C 288 6.73 4.95 -55.86
C ILE C 288 6.86 5.38 -54.38
N ILE C 289 7.82 4.82 -53.66
CA ILE C 289 8.10 5.18 -52.25
C ILE C 289 8.43 6.69 -52.16
N ASN C 290 9.33 7.17 -53.03
CA ASN C 290 9.71 8.57 -53.07
C ASN C 290 8.52 9.47 -53.36
N ARG C 291 7.64 9.06 -54.29
CA ARG C 291 6.45 9.81 -54.68
C ARG C 291 5.48 9.92 -53.48
N LEU C 292 5.24 8.80 -52.79
CA LEU C 292 4.34 8.73 -51.65
C LEU C 292 4.80 9.53 -50.44
N VAL C 293 6.09 9.42 -50.11
CA VAL C 293 6.69 10.13 -48.99
C VAL C 293 6.63 11.67 -49.23
N GLU C 294 7.01 12.13 -50.44
CA GLU C 294 6.95 13.55 -50.83
C GLU C 294 5.51 14.09 -50.80
N ALA C 295 4.54 13.31 -51.33
CA ALA C 295 3.14 13.69 -51.41
C ALA C 295 2.43 13.67 -50.06
N GLU C 296 2.90 12.86 -49.10
CA GLU C 296 2.33 12.69 -47.75
C GLU C 296 0.88 12.16 -47.80
N VAL C 297 0.63 11.20 -48.71
CA VAL C 297 -0.67 10.54 -48.91
C VAL C 297 -0.51 9.05 -48.65
N HIS C 298 -1.60 8.34 -48.35
CA HIS C 298 -1.55 6.93 -47.96
C HIS C 298 -1.49 5.95 -49.13
N ARG C 299 -1.93 6.38 -50.33
CA ARG C 299 -1.90 5.51 -51.51
C ARG C 299 -1.83 6.28 -52.84
N LEU C 300 -1.47 5.55 -53.91
CA LEU C 300 -1.41 6.02 -55.31
C LEU C 300 -2.32 5.13 -56.10
N VAL C 301 -2.98 5.71 -57.11
CA VAL C 301 -3.87 4.97 -57.99
C VAL C 301 -3.04 4.45 -59.16
N VAL C 302 -2.94 3.11 -59.31
CA VAL C 302 -2.20 2.53 -60.43
C VAL C 302 -3.09 2.66 -61.66
N VAL C 303 -2.62 3.40 -62.68
CA VAL C 303 -3.35 3.64 -63.92
C VAL C 303 -2.58 3.13 -65.16
N ASP C 304 -3.28 3.06 -66.31
CA ASP C 304 -2.68 2.71 -67.60
C ASP C 304 -2.35 4.01 -68.38
N GLU C 305 -2.03 3.88 -69.68
CA GLU C 305 -1.72 5.00 -70.57
C GLU C 305 -2.75 6.15 -70.50
N ASN C 306 -4.06 5.79 -70.57
CA ASN C 306 -5.20 6.70 -70.65
C ASN C 306 -6.00 6.92 -69.32
N ASP C 307 -5.30 7.01 -68.16
CA ASP C 307 -5.83 7.28 -66.81
C ASP C 307 -6.89 6.29 -66.29
N VAL C 308 -7.08 5.13 -66.94
CA VAL C 308 -8.03 4.11 -66.50
C VAL C 308 -7.39 3.33 -65.32
N VAL C 309 -8.09 3.29 -64.18
CA VAL C 309 -7.68 2.60 -62.94
C VAL C 309 -7.39 1.12 -63.23
N LYS C 310 -6.21 0.65 -62.84
CA LYS C 310 -5.75 -0.73 -62.98
C LYS C 310 -5.50 -1.36 -61.61
N GLY C 311 -5.32 -0.52 -60.58
CA GLY C 311 -5.07 -0.98 -59.23
C GLY C 311 -4.75 0.10 -58.21
N ILE C 312 -4.41 -0.34 -56.98
CA ILE C 312 -4.05 0.50 -55.83
C ILE C 312 -2.74 0.03 -55.18
N VAL C 313 -1.88 1.00 -54.83
CA VAL C 313 -0.65 0.72 -54.09
C VAL C 313 -0.65 1.65 -52.87
N SER C 314 -0.94 1.04 -51.73
CA SER C 314 -1.05 1.68 -50.44
C SER C 314 0.20 1.48 -49.56
N LEU C 315 0.38 2.38 -48.61
CA LEU C 315 1.48 2.37 -47.64
C LEU C 315 1.46 1.06 -46.86
N SER C 316 0.25 0.51 -46.60
CA SER C 316 0.09 -0.76 -45.90
C SER C 316 0.63 -1.92 -46.78
N ASP C 317 0.40 -1.87 -48.11
CA ASP C 317 0.98 -2.85 -49.04
C ASP C 317 2.51 -2.73 -49.06
N ILE C 318 3.02 -1.49 -49.02
CA ILE C 318 4.45 -1.21 -49.11
C ILE C 318 5.16 -1.68 -47.87
N LEU C 319 4.66 -1.30 -46.70
CA LEU C 319 5.28 -1.71 -45.47
C LEU C 319 5.22 -3.23 -45.25
N GLN C 320 4.12 -3.87 -45.67
CA GLN C 320 3.95 -5.30 -45.59
C GLN C 320 5.06 -6.00 -46.40
N ALA C 321 5.32 -5.53 -47.64
CA ALA C 321 6.39 -6.02 -48.52
C ALA C 321 7.80 -5.79 -47.99
N LEU C 322 8.07 -4.59 -47.43
CA LEU C 322 9.39 -4.21 -46.96
C LEU C 322 9.80 -4.91 -45.68
N VAL C 323 8.83 -5.18 -44.79
CA VAL C 323 9.01 -5.74 -43.44
C VAL C 323 8.28 -7.12 -43.35
N LEU C 324 8.67 -8.03 -44.28
CA LEU C 324 8.16 -9.39 -44.50
C LEU C 324 9.34 -10.38 -44.43
N GLY D 16 -38.61 24.73 6.58
CA GLY D 16 -37.23 25.08 6.23
C GLY D 16 -36.14 24.21 6.83
N ARG D 17 -36.39 23.65 8.02
CA ARG D 17 -35.44 22.80 8.77
C ARG D 17 -35.20 21.43 8.10
N VAL D 18 -34.06 20.77 8.41
CA VAL D 18 -33.66 19.51 7.80
C VAL D 18 -34.07 18.35 8.69
N LYS D 19 -35.00 17.50 8.23
CA LYS D 19 -35.57 16.41 9.01
C LYS D 19 -35.31 15.03 8.46
N ILE D 20 -34.84 14.12 9.34
CA ILE D 20 -34.62 12.70 9.06
C ILE D 20 -35.38 12.00 10.16
N GLY D 21 -36.40 11.25 9.77
CA GLY D 21 -37.34 10.68 10.74
C GLY D 21 -38.18 11.85 11.21
N HIS D 22 -38.31 11.98 12.54
CA HIS D 22 -39.03 13.09 13.18
C HIS D 22 -38.04 14.02 13.88
N TYR D 23 -36.75 13.84 13.54
CA TYR D 23 -35.61 14.56 14.09
C TYR D 23 -35.10 15.64 13.17
N VAL D 24 -35.04 16.86 13.72
CA VAL D 24 -34.53 18.04 13.03
C VAL D 24 -33.03 18.04 13.28
N LEU D 25 -32.25 18.05 12.19
CA LEU D 25 -30.79 18.07 12.21
C LEU D 25 -30.25 19.46 12.55
N GLY D 26 -29.32 19.49 13.50
CA GLY D 26 -28.67 20.73 13.94
C GLY D 26 -27.22 20.78 13.55
N ASP D 27 -26.39 21.27 14.48
CA ASP D 27 -24.95 21.41 14.26
C ASP D 27 -24.21 20.11 14.31
N THR D 28 -23.05 20.10 13.62
CA THR D 28 -22.11 18.98 13.61
C THR D 28 -21.49 18.87 15.00
N LEU D 29 -21.56 17.68 15.57
CA LEU D 29 -20.94 17.37 16.85
C LEU D 29 -19.43 17.18 16.60
N GLY D 30 -19.11 16.54 15.48
CA GLY D 30 -17.76 16.27 15.00
C GLY D 30 -17.72 15.36 13.80
N VAL D 31 -16.51 15.01 13.35
CA VAL D 31 -16.29 14.06 12.24
C VAL D 31 -15.44 12.89 12.78
N GLY D 32 -15.94 11.68 12.63
CA GLY D 32 -15.25 10.48 13.10
C GLY D 32 -14.43 9.85 12.02
N THR D 33 -14.05 8.56 12.21
CA THR D 33 -13.23 7.78 11.25
C THR D 33 -13.84 7.84 9.85
N PHE D 34 -15.11 7.41 9.74
CA PHE D 34 -15.93 7.50 8.54
C PHE D 34 -17.21 8.13 9.02
N GLY D 35 -17.64 9.22 8.37
CA GLY D 35 -18.92 9.84 8.71
C GLY D 35 -18.91 11.15 9.47
N LYS D 36 -20.01 11.88 9.39
CA LYS D 36 -20.20 13.19 10.02
C LYS D 36 -21.32 13.03 11.06
N VAL D 37 -21.05 13.45 12.30
CA VAL D 37 -22.05 13.34 13.36
C VAL D 37 -22.72 14.71 13.55
N LYS D 38 -24.05 14.77 13.40
CA LYS D 38 -24.83 15.96 13.65
C LYS D 38 -25.78 15.66 14.83
N ILE D 39 -26.19 16.69 15.57
CA ILE D 39 -27.16 16.50 16.63
C ILE D 39 -28.55 16.53 15.97
N GLY D 40 -29.48 15.75 16.53
CA GLY D 40 -30.87 15.69 16.11
C GLY D 40 -31.83 15.98 17.26
N GLU D 41 -32.81 16.82 17.00
CA GLU D 41 -33.81 17.14 18.03
C GLU D 41 -35.22 16.78 17.55
N HIS D 42 -35.96 16.02 18.32
CA HIS D 42 -37.31 15.64 17.94
C HIS D 42 -38.19 16.91 17.91
N GLN D 43 -38.84 17.17 16.76
CA GLN D 43 -39.70 18.37 16.59
C GLN D 43 -40.80 18.50 17.63
N LEU D 44 -41.44 17.37 18.00
CA LEU D 44 -42.54 17.37 18.94
C LEU D 44 -42.11 17.36 20.39
N THR D 45 -41.15 16.50 20.75
CA THR D 45 -40.73 16.32 22.14
C THR D 45 -39.44 17.03 22.55
N GLY D 46 -38.56 17.33 21.62
CA GLY D 46 -37.27 17.95 21.94
C GLY D 46 -36.21 16.94 22.35
N HIS D 47 -36.54 15.60 22.29
CA HIS D 47 -35.62 14.50 22.59
C HIS D 47 -34.39 14.62 21.64
N LYS D 48 -33.20 14.51 22.23
CA LYS D 48 -31.95 14.64 21.49
C LYS D 48 -31.31 13.33 21.13
N VAL D 49 -30.80 13.26 19.89
CA VAL D 49 -30.06 12.10 19.37
C VAL D 49 -28.77 12.62 18.69
N ALA D 50 -27.82 11.71 18.46
CA ALA D 50 -26.61 11.98 17.68
C ALA D 50 -26.79 11.15 16.41
N VAL D 51 -26.79 11.80 15.25
CA VAL D 51 -27.00 11.14 13.96
C VAL D 51 -25.68 11.08 13.17
N LYS D 52 -25.15 9.85 12.93
CA LYS D 52 -23.93 9.64 12.14
C LYS D 52 -24.36 9.43 10.71
N ILE D 53 -23.97 10.35 9.82
CA ILE D 53 -24.28 10.33 8.41
C ILE D 53 -23.11 9.68 7.70
N LEU D 54 -23.39 8.63 6.87
CA LEU D 54 -22.41 7.90 6.06
C LEU D 54 -22.81 8.03 4.60
N ASN D 55 -21.93 8.59 3.74
CA ASN D 55 -22.18 8.73 2.30
C ASN D 55 -21.92 7.41 1.57
N ARG D 56 -22.94 6.87 0.90
CA ARG D 56 -22.89 5.61 0.15
C ARG D 56 -21.76 5.59 -0.91
N GLN D 57 -21.63 6.67 -1.69
CA GLN D 57 -20.60 6.83 -2.73
C GLN D 57 -19.19 6.81 -2.14
N LYS D 58 -19.01 7.45 -0.97
CA LYS D 58 -17.72 7.47 -0.26
C LYS D 58 -17.34 6.06 0.20
N ILE D 59 -18.31 5.28 0.72
CA ILE D 59 -18.10 3.88 1.17
C ILE D 59 -17.70 3.01 -0.02
N ARG D 60 -18.36 3.21 -1.18
CA ARG D 60 -18.07 2.47 -2.40
C ARG D 60 -16.68 2.74 -2.93
N SER D 61 -16.32 4.02 -3.07
CA SER D 61 -15.02 4.46 -3.60
C SER D 61 -13.85 4.09 -2.68
N LEU D 62 -14.08 4.01 -1.35
CA LEU D 62 -13.05 3.60 -0.40
C LEU D 62 -13.02 2.09 -0.23
N ASP D 63 -14.02 1.38 -0.82
CA ASP D 63 -14.27 -0.07 -0.82
C ASP D 63 -14.33 -0.63 0.62
N VAL D 64 -15.13 0.01 1.48
CA VAL D 64 -15.25 -0.34 2.89
C VAL D 64 -16.69 -0.79 3.24
N VAL D 65 -17.42 -1.34 2.25
CA VAL D 65 -18.81 -1.76 2.39
C VAL D 65 -18.96 -2.88 3.46
N GLY D 66 -18.07 -3.88 3.46
CA GLY D 66 -18.06 -4.97 4.44
C GLY D 66 -17.77 -4.50 5.86
N LYS D 67 -16.77 -3.59 5.98
CA LYS D 67 -16.36 -2.96 7.23
C LYS D 67 -17.57 -2.25 7.86
N ILE D 68 -18.32 -1.47 7.05
CA ILE D 68 -19.52 -0.76 7.48
C ILE D 68 -20.63 -1.74 7.86
N LYS D 69 -20.84 -2.79 7.04
CA LYS D 69 -21.85 -3.83 7.30
C LYS D 69 -21.64 -4.46 8.69
N ARG D 70 -20.40 -4.89 8.99
CA ARG D 70 -20.03 -5.49 10.29
C ARG D 70 -20.18 -4.52 11.47
N GLU D 71 -19.73 -3.28 11.29
CA GLU D 71 -19.86 -2.21 12.26
C GLU D 71 -21.35 -2.02 12.66
N ILE D 72 -22.26 -1.99 11.67
CA ILE D 72 -23.70 -1.85 11.86
C ILE D 72 -24.29 -3.08 12.57
N GLN D 73 -23.86 -4.30 12.15
CA GLN D 73 -24.27 -5.56 12.76
C GLN D 73 -23.88 -5.58 14.24
N ASN D 74 -22.65 -5.11 14.55
CA ASN D 74 -22.09 -5.04 15.90
C ASN D 74 -22.79 -4.05 16.78
N LEU D 75 -23.04 -2.83 16.30
CA LEU D 75 -23.75 -1.82 17.07
C LEU D 75 -25.22 -2.16 17.32
N LYS D 76 -25.86 -2.87 16.38
CA LYS D 76 -27.25 -3.33 16.52
C LYS D 76 -27.31 -4.38 17.65
N LEU D 77 -26.26 -5.21 17.75
CA LEU D 77 -26.16 -6.24 18.77
C LEU D 77 -25.82 -5.73 20.21
N PHE D 78 -24.85 -4.82 20.34
CA PHE D 78 -24.39 -4.31 21.64
C PHE D 78 -25.48 -3.63 22.45
N ARG D 79 -25.48 -3.86 23.77
CA ARG D 79 -26.45 -3.31 24.72
C ARG D 79 -25.70 -3.30 26.03
N HIS D 80 -24.91 -2.24 26.25
CA HIS D 80 -24.07 -2.05 27.43
C HIS D 80 -24.22 -0.59 27.89
N PRO D 81 -24.29 -0.32 29.22
CA PRO D 81 -24.48 1.06 29.67
C PRO D 81 -23.30 2.01 29.43
N HIS D 82 -22.09 1.50 29.07
CA HIS D 82 -20.93 2.39 28.85
C HIS D 82 -20.41 2.37 27.38
N ILE D 83 -21.31 2.00 26.44
CA ILE D 83 -21.09 2.02 25.00
C ILE D 83 -22.28 2.75 24.42
N ILE D 84 -22.06 3.74 23.53
CA ILE D 84 -23.17 4.48 22.88
C ILE D 84 -24.09 3.47 22.15
N LYS D 85 -25.39 3.53 22.42
CA LYS D 85 -26.39 2.66 21.80
C LYS D 85 -26.80 3.17 20.41
N LEU D 86 -27.00 2.22 19.47
CA LEU D 86 -27.53 2.51 18.15
C LEU D 86 -29.05 2.27 18.23
N TYR D 87 -29.89 3.30 18.00
CA TYR D 87 -31.35 3.16 18.04
C TYR D 87 -31.90 2.66 16.72
N GLN D 88 -31.53 3.27 15.59
CA GLN D 88 -31.99 2.83 14.28
C GLN D 88 -31.06 3.29 13.18
N VAL D 89 -31.18 2.69 11.99
CA VAL D 89 -30.44 3.18 10.85
C VAL D 89 -31.41 3.37 9.71
N ILE D 90 -31.45 4.59 9.17
CA ILE D 90 -32.29 5.00 8.05
C ILE D 90 -31.44 4.99 6.78
N SER D 91 -31.87 4.19 5.83
CA SER D 91 -31.23 4.10 4.54
C SER D 91 -31.97 5.02 3.53
N THR D 92 -31.22 5.70 2.67
CA THR D 92 -31.74 6.60 1.64
C THR D 92 -30.91 6.31 0.35
N PRO D 93 -31.33 6.78 -0.86
CA PRO D 93 -30.52 6.50 -2.09
C PRO D 93 -29.05 6.94 -2.09
N THR D 94 -28.68 7.94 -1.27
CA THR D 94 -27.31 8.48 -1.24
C THR D 94 -26.54 8.31 0.08
N ASP D 95 -27.25 8.19 1.24
CA ASP D 95 -26.62 8.15 2.56
C ASP D 95 -27.34 7.26 3.57
N PHE D 96 -26.62 6.84 4.63
CA PHE D 96 -27.15 6.07 5.76
C PHE D 96 -27.12 6.98 6.98
N PHE D 97 -28.20 6.97 7.76
CA PHE D 97 -28.31 7.79 8.97
C PHE D 97 -28.40 6.86 10.15
N MET D 98 -27.38 6.86 10.99
CA MET D 98 -27.35 6.03 12.20
C MET D 98 -27.77 6.89 13.38
N VAL D 99 -28.99 6.64 13.87
CA VAL D 99 -29.58 7.36 14.99
C VAL D 99 -29.13 6.75 16.29
N MET D 100 -28.28 7.49 17.01
CA MET D 100 -27.68 6.99 18.24
C MET D 100 -28.03 7.80 19.46
N GLU D 101 -27.76 7.21 20.62
CA GLU D 101 -27.89 7.82 21.94
C GLU D 101 -27.00 9.09 21.99
N TYR D 102 -27.55 10.23 22.44
CA TYR D 102 -26.82 11.49 22.60
C TYR D 102 -26.39 11.67 24.05
N VAL D 103 -25.13 12.08 24.29
CA VAL D 103 -24.60 12.37 25.62
C VAL D 103 -24.09 13.83 25.64
N SER D 104 -24.60 14.63 26.57
CA SER D 104 -24.34 16.08 26.61
C SER D 104 -23.00 16.55 27.18
N GLY D 105 -22.32 15.69 27.94
CA GLY D 105 -21.07 16.03 28.60
C GLY D 105 -19.83 16.28 27.73
N GLY D 106 -19.89 15.92 26.44
CA GLY D 106 -18.76 16.08 25.54
C GLY D 106 -17.71 15.00 25.73
N GLU D 107 -16.51 15.18 25.15
CA GLU D 107 -15.37 14.28 25.22
C GLU D 107 -14.74 14.25 26.61
N LEU D 108 -14.21 13.08 27.04
CA LEU D 108 -13.46 12.94 28.28
C LEU D 108 -12.18 13.80 28.15
N PHE D 109 -11.67 13.94 26.91
CA PHE D 109 -10.51 14.73 26.56
C PHE D 109 -10.61 16.17 27.10
N ASP D 110 -11.69 16.88 26.71
CA ASP D 110 -11.98 18.25 27.12
C ASP D 110 -12.17 18.36 28.61
N TYR D 111 -12.70 17.31 29.27
CA TYR D 111 -12.88 17.28 30.71
C TYR D 111 -11.54 17.31 31.43
N ILE D 112 -10.58 16.50 30.97
CA ILE D 112 -9.23 16.43 31.53
C ILE D 112 -8.53 17.76 31.29
N CYS D 113 -8.84 18.46 30.19
CA CYS D 113 -8.25 19.76 29.89
C CYS D 113 -8.83 20.87 30.77
N LYS D 114 -10.15 20.82 31.06
CA LYS D 114 -10.92 21.74 31.91
C LYS D 114 -10.32 21.75 33.32
N HIS D 115 -10.25 20.56 33.96
CA HIS D 115 -9.65 20.38 35.28
C HIS D 115 -8.39 19.65 34.95
N GLY D 116 -7.26 20.33 35.00
CA GLY D 116 -5.92 19.82 34.67
C GLY D 116 -5.65 18.33 34.77
N ARG D 117 -6.16 17.67 35.83
CA ARG D 117 -6.05 16.26 36.21
C ARG D 117 -7.40 15.81 36.75
N VAL D 118 -7.59 14.50 36.91
CA VAL D 118 -8.80 14.00 37.54
C VAL D 118 -8.42 13.39 38.91
N GLU D 119 -9.18 13.80 39.95
CA GLU D 119 -9.08 13.32 41.34
C GLU D 119 -9.23 11.79 41.31
N GLU D 120 -8.35 11.10 42.03
CA GLU D 120 -8.21 9.65 42.14
C GLU D 120 -9.52 8.86 42.17
N MET D 121 -10.49 9.27 43.00
CA MET D 121 -11.78 8.60 43.13
C MET D 121 -12.62 8.64 41.86
N GLU D 122 -12.69 9.83 41.22
CA GLU D 122 -13.42 10.03 39.98
C GLU D 122 -12.69 9.40 38.78
N ALA D 123 -11.34 9.39 38.80
CA ALA D 123 -10.49 8.76 37.76
C ALA D 123 -10.71 7.23 37.79
N ARG D 124 -10.79 6.66 39.00
CA ARG D 124 -11.03 5.23 39.24
C ARG D 124 -12.41 4.83 38.74
N ARG D 125 -13.43 5.66 38.98
CA ARG D 125 -14.80 5.35 38.55
C ARG D 125 -14.88 5.35 37.03
N LEU D 126 -14.33 6.40 36.39
CA LEU D 126 -14.33 6.53 34.93
C LEU D 126 -13.60 5.36 34.28
N PHE D 127 -12.42 5.01 34.81
CA PHE D 127 -11.61 3.90 34.31
C PHE D 127 -12.31 2.54 34.44
N GLN D 128 -12.99 2.31 35.58
CA GLN D 128 -13.76 1.08 35.81
C GLN D 128 -14.87 0.96 34.77
N GLN D 129 -15.56 2.05 34.46
CA GLN D 129 -16.64 2.11 33.44
C GLN D 129 -16.11 1.84 32.01
N ILE D 130 -14.95 2.42 31.64
CA ILE D 130 -14.32 2.25 30.33
C ILE D 130 -13.90 0.79 30.16
N LEU D 131 -13.25 0.19 31.19
CA LEU D 131 -12.79 -1.21 31.14
C LEU D 131 -13.93 -2.20 31.02
N SER D 132 -15.06 -1.90 31.69
CA SER D 132 -16.29 -2.69 31.62
C SER D 132 -16.77 -2.78 30.15
N ALA D 133 -16.80 -1.64 29.44
CA ALA D 133 -17.20 -1.51 28.03
C ALA D 133 -16.23 -2.25 27.11
N VAL D 134 -14.91 -2.17 27.42
CA VAL D 134 -13.85 -2.81 26.64
C VAL D 134 -13.93 -4.35 26.77
N ASP D 135 -14.16 -4.85 27.99
CA ASP D 135 -14.33 -6.28 28.27
C ASP D 135 -15.55 -6.87 27.50
N TYR D 136 -16.66 -6.13 27.55
CA TYR D 136 -17.89 -6.49 26.85
C TYR D 136 -17.59 -6.63 25.35
N CYS D 137 -16.79 -5.72 24.76
CA CYS D 137 -16.43 -5.80 23.34
C CYS D 137 -15.66 -7.08 23.06
N HIS D 138 -14.61 -7.35 23.85
CA HIS D 138 -13.73 -8.51 23.72
C HIS D 138 -14.49 -9.83 23.86
N ARG D 139 -15.48 -9.88 24.78
CA ARG D 139 -16.30 -11.06 25.01
C ARG D 139 -17.21 -11.29 23.81
N HIS D 140 -17.51 -10.26 23.01
CA HIS D 140 -18.29 -10.32 21.78
C HIS D 140 -17.39 -10.40 20.59
N MET D 141 -16.08 -10.66 20.82
CA MET D 141 -15.03 -10.87 19.80
C MET D 141 -14.74 -9.62 18.95
N VAL D 142 -14.90 -8.44 19.53
CA VAL D 142 -14.62 -7.17 18.87
C VAL D 142 -13.52 -6.42 19.65
N VAL D 143 -12.51 -5.90 18.92
CA VAL D 143 -11.48 -4.99 19.45
C VAL D 143 -11.75 -3.58 18.90
N HIS D 144 -11.77 -2.57 19.76
CA HIS D 144 -12.06 -1.18 19.38
C HIS D 144 -10.94 -0.59 18.49
N ARG D 145 -9.67 -0.69 18.94
CA ARG D 145 -8.45 -0.26 18.27
C ARG D 145 -8.23 1.26 18.20
N ASP D 146 -9.20 2.06 18.66
CA ASP D 146 -9.06 3.52 18.63
C ASP D 146 -9.56 4.15 19.95
N LEU D 147 -9.18 3.51 21.08
CA LEU D 147 -9.53 3.96 22.43
C LEU D 147 -8.61 5.13 22.82
N LYS D 148 -9.22 6.28 23.18
CA LYS D 148 -8.55 7.53 23.56
C LYS D 148 -9.58 8.44 24.23
N PRO D 149 -9.17 9.47 25.02
CA PRO D 149 -10.17 10.31 25.71
C PRO D 149 -11.12 11.07 24.78
N GLU D 150 -10.70 11.29 23.52
CA GLU D 150 -11.53 11.95 22.49
C GLU D 150 -12.69 11.05 22.06
N ASN D 151 -12.54 9.71 22.12
CA ASN D 151 -13.56 8.71 21.74
C ASN D 151 -14.36 8.18 22.95
N VAL D 152 -14.10 8.72 24.17
CA VAL D 152 -14.83 8.39 25.39
C VAL D 152 -15.69 9.65 25.68
N LEU D 153 -17.01 9.52 25.58
CA LEU D 153 -17.90 10.65 25.81
C LEU D 153 -18.51 10.54 27.19
N LEU D 154 -18.91 11.70 27.77
CA LEU D 154 -19.50 11.79 29.10
C LEU D 154 -20.97 12.19 29.06
N ASP D 155 -21.82 11.54 29.87
CA ASP D 155 -23.22 11.96 29.91
C ASP D 155 -23.42 13.04 31.02
N ALA D 156 -24.68 13.50 31.21
CA ALA D 156 -25.02 14.52 32.21
C ALA D 156 -24.61 14.16 33.66
N HIS D 157 -24.54 12.85 34.01
CA HIS D 157 -24.11 12.37 35.35
C HIS D 157 -22.68 11.88 35.39
N MET D 158 -21.85 12.35 34.43
CA MET D 158 -20.43 12.04 34.34
C MET D 158 -20.13 10.55 34.11
N ASN D 159 -21.03 9.82 33.42
CA ASN D 159 -20.84 8.41 33.05
C ASN D 159 -20.18 8.35 31.71
N ALA D 160 -19.20 7.45 31.59
CA ALA D 160 -18.42 7.27 30.38
C ALA D 160 -19.16 6.40 29.41
N LYS D 161 -18.99 6.69 28.09
CA LYS D 161 -19.58 5.93 26.97
C LYS D 161 -18.53 5.88 25.87
N ILE D 162 -18.03 4.68 25.54
CA ILE D 162 -17.10 4.55 24.44
C ILE D 162 -17.89 4.61 23.12
N ALA D 163 -17.30 5.28 22.12
CA ALA D 163 -17.88 5.53 20.80
C ALA D 163 -16.83 5.40 19.69
N ASP D 164 -17.28 5.47 18.43
CA ASP D 164 -16.53 5.39 17.18
C ASP D 164 -15.85 4.04 16.99
N PHE D 165 -16.64 3.11 16.49
CA PHE D 165 -16.20 1.75 16.18
C PHE D 165 -15.66 1.68 14.75
N GLY D 166 -15.27 2.84 14.22
CA GLY D 166 -14.78 3.01 12.85
C GLY D 166 -13.55 2.17 12.53
N LEU D 167 -12.65 2.01 13.52
CA LEU D 167 -11.38 1.26 13.37
C LEU D 167 -11.45 -0.15 13.90
N SER D 168 -12.58 -0.51 14.58
CA SER D 168 -12.79 -1.82 15.16
C SER D 168 -12.64 -3.01 14.17
N ASN D 169 -12.51 -4.22 14.71
CA ASN D 169 -12.40 -5.46 13.95
C ASN D 169 -12.83 -6.64 14.77
N MET D 170 -13.14 -7.75 14.05
CA MET D 170 -13.54 -9.03 14.61
C MET D 170 -12.32 -9.84 14.96
N MET D 171 -12.38 -10.52 16.10
CA MET D 171 -11.34 -11.42 16.55
C MET D 171 -11.78 -12.83 16.11
N SER D 172 -11.04 -13.40 15.15
CA SER D 172 -11.31 -14.74 14.61
C SER D 172 -10.34 -15.79 15.15
N ASP D 173 -10.86 -17.01 15.40
CA ASP D 173 -10.10 -18.14 15.94
C ASP D 173 -8.93 -18.50 15.06
N GLY D 174 -7.74 -18.50 15.66
CA GLY D 174 -6.45 -18.81 15.04
C GLY D 174 -5.86 -17.73 14.17
N GLU D 175 -6.49 -16.55 14.15
CA GLU D 175 -6.17 -15.41 13.30
C GLU D 175 -5.60 -14.23 14.04
N PHE D 176 -4.71 -13.50 13.35
CA PHE D 176 -4.03 -12.32 13.87
C PHE D 176 -4.42 -11.07 13.07
N LEU D 177 -4.31 -9.91 13.73
CA LEU D 177 -4.60 -8.65 13.07
C LEU D 177 -3.28 -7.92 12.76
N ARG D 178 -3.26 -7.15 11.67
CA ARG D 178 -2.07 -6.38 11.28
C ARG D 178 -2.36 -4.89 11.13
N THR D 179 -3.60 -4.53 10.73
CA THR D 179 -3.99 -3.14 10.50
C THR D 179 -3.33 -2.19 11.54
N SER D 180 -2.33 -1.43 11.11
CA SER D 180 -1.69 -0.47 11.99
C SER D 180 -2.60 0.74 11.99
N CYS D 181 -3.43 0.87 13.04
CA CYS D 181 -4.42 1.95 13.07
C CYS D 181 -4.58 2.65 14.44
N GLY D 182 -4.96 3.93 14.39
CA GLY D 182 -5.20 4.76 15.57
C GLY D 182 -4.17 5.86 15.81
N SER D 183 -4.42 6.66 16.87
CA SER D 183 -3.55 7.76 17.33
C SER D 183 -2.19 7.17 17.76
N PRO D 184 -1.05 7.77 17.33
CA PRO D 184 0.26 7.19 17.69
C PRO D 184 0.52 7.18 19.18
N ASN D 185 0.02 8.21 19.90
CA ASN D 185 0.16 8.37 21.36
C ASN D 185 -0.51 7.26 22.12
N TYR D 186 -1.54 6.68 21.53
CA TYR D 186 -2.31 5.62 22.15
C TYR D 186 -2.04 4.22 21.59
N ALA D 187 -1.25 4.13 20.52
CA ALA D 187 -0.89 2.88 19.86
C ALA D 187 0.21 2.09 20.59
N ALA D 188 -0.02 0.78 20.76
CA ALA D 188 0.84 -0.20 21.39
C ALA D 188 2.15 -0.36 20.59
N PRO D 189 3.27 -0.72 21.25
CA PRO D 189 4.53 -0.88 20.50
C PRO D 189 4.42 -1.77 19.26
N GLU D 190 3.70 -2.91 19.37
CA GLU D 190 3.51 -3.88 18.26
C GLU D 190 2.66 -3.33 17.10
N VAL D 191 1.81 -2.34 17.37
CA VAL D 191 0.96 -1.68 16.37
C VAL D 191 1.83 -0.72 15.54
N ILE D 192 2.63 0.15 16.20
CA ILE D 192 3.50 1.12 15.51
C ILE D 192 4.62 0.41 14.74
N SER D 193 4.95 -0.84 15.16
CA SER D 193 5.99 -1.66 14.52
C SER D 193 5.51 -2.45 13.28
N GLY D 194 4.21 -2.44 13.02
CA GLY D 194 3.64 -3.15 11.88
C GLY D 194 3.66 -4.68 12.02
N ARG D 195 3.71 -5.16 13.28
CA ARG D 195 3.74 -6.56 13.65
C ARG D 195 2.33 -7.13 13.76
N LEU D 196 2.19 -8.46 13.73
CA LEU D 196 0.93 -9.15 13.90
C LEU D 196 0.60 -9.17 15.40
N TYR D 197 -0.67 -8.89 15.73
CA TYR D 197 -1.11 -8.86 17.13
C TYR D 197 -2.45 -9.60 17.29
N ALA D 198 -2.82 -9.94 18.53
CA ALA D 198 -4.05 -10.66 18.77
C ALA D 198 -5.30 -9.74 18.68
N GLY D 199 -5.21 -8.59 19.38
CA GLY D 199 -6.23 -7.57 19.49
C GLY D 199 -6.41 -7.07 20.91
N PRO D 200 -6.89 -7.93 21.86
CA PRO D 200 -7.16 -7.43 23.23
C PRO D 200 -6.04 -6.67 23.93
N GLU D 201 -4.77 -7.12 23.76
CA GLU D 201 -3.59 -6.49 24.38
C GLU D 201 -3.35 -5.04 23.96
N VAL D 202 -3.71 -4.76 22.72
CA VAL D 202 -3.60 -3.49 22.03
C VAL D 202 -4.65 -2.49 22.57
N ASP D 203 -5.84 -2.99 22.94
CA ASP D 203 -6.88 -2.18 23.59
C ASP D 203 -6.48 -1.95 25.06
N ILE D 204 -5.83 -2.93 25.73
CA ILE D 204 -5.35 -2.80 27.11
C ILE D 204 -4.31 -1.68 27.17
N TRP D 205 -3.36 -1.63 26.21
CA TRP D 205 -2.34 -0.60 26.12
C TRP D 205 -2.99 0.80 26.12
N SER D 206 -3.92 1.05 25.19
CA SER D 206 -4.66 2.30 25.03
C SER D 206 -5.34 2.70 26.31
N CYS D 207 -5.88 1.72 27.07
CA CYS D 207 -6.53 1.93 28.36
C CYS D 207 -5.53 2.35 29.40
N GLY D 208 -4.31 1.83 29.28
CA GLY D 208 -3.20 2.21 30.16
C GLY D 208 -2.85 3.68 29.97
N VAL D 209 -2.81 4.18 28.72
CA VAL D 209 -2.47 5.56 28.50
C VAL D 209 -3.69 6.49 28.83
N ILE D 210 -4.95 6.03 28.69
CA ILE D 210 -6.12 6.77 29.15
C ILE D 210 -6.06 6.93 30.69
N LEU D 211 -5.73 5.85 31.42
CA LEU D 211 -5.56 5.91 32.89
C LEU D 211 -4.49 6.92 33.28
N TYR D 212 -3.33 6.89 32.60
CA TYR D 212 -2.24 7.83 32.83
C TYR D 212 -2.72 9.28 32.58
N ALA D 213 -3.44 9.52 31.46
CA ALA D 213 -3.96 10.84 31.11
C ALA D 213 -5.03 11.35 32.10
N LEU D 214 -5.83 10.42 32.65
CA LEU D 214 -6.89 10.70 33.63
C LEU D 214 -6.21 11.24 34.93
N LEU D 215 -5.25 10.45 35.46
CA LEU D 215 -4.50 10.76 36.69
C LEU D 215 -3.49 11.89 36.59
N CYS D 216 -2.78 12.02 35.45
CA CYS D 216 -1.70 13.01 35.30
C CYS D 216 -2.05 14.25 34.49
N GLY D 217 -3.01 14.15 33.59
CA GLY D 217 -3.38 15.28 32.74
C GLY D 217 -2.39 15.51 31.62
N THR D 218 -1.54 14.50 31.37
CA THR D 218 -0.51 14.48 30.34
C THR D 218 -0.39 13.05 29.77
N LEU D 219 0.29 12.90 28.62
CA LEU D 219 0.50 11.59 28.00
C LEU D 219 1.81 10.97 28.48
N PRO D 220 1.90 9.62 28.63
CA PRO D 220 3.17 9.03 29.08
C PRO D 220 4.26 8.99 28.00
N PHE D 221 3.86 8.99 26.71
CA PHE D 221 4.78 9.02 25.59
C PHE D 221 4.34 10.16 24.68
N ASP D 222 5.15 11.22 24.62
CA ASP D 222 4.86 12.39 23.79
C ASP D 222 6.12 13.06 23.27
N ASP D 223 6.12 13.36 21.96
CA ASP D 223 7.19 14.04 21.25
C ASP D 223 6.68 14.64 19.94
N GLU D 224 7.10 15.89 19.62
CA GLU D 224 6.72 16.58 18.38
C GLU D 224 7.34 15.89 17.16
N HIS D 225 8.52 15.27 17.36
CA HIS D 225 9.24 14.52 16.34
C HIS D 225 8.79 13.06 16.44
N VAL D 226 7.89 12.66 15.54
CA VAL D 226 7.24 11.33 15.47
C VAL D 226 8.27 10.17 15.63
N PRO D 227 9.42 10.11 14.91
CA PRO D 227 10.36 9.01 15.13
C PRO D 227 10.82 8.83 16.59
N THR D 228 10.98 9.96 17.33
CA THR D 228 11.38 9.96 18.75
C THR D 228 10.24 9.43 19.65
N LEU D 229 8.98 9.77 19.33
CA LEU D 229 7.77 9.29 20.00
C LEU D 229 7.69 7.76 19.83
N PHE D 230 7.80 7.25 18.58
CA PHE D 230 7.74 5.81 18.27
C PHE D 230 8.77 5.03 19.06
N LYS D 231 10.00 5.56 19.13
CA LYS D 231 11.13 5.00 19.87
C LYS D 231 10.82 5.00 21.37
N LYS D 232 10.16 6.07 21.88
CA LYS D 232 9.78 6.20 23.31
C LYS D 232 8.77 5.12 23.69
N ILE D 233 7.78 4.85 22.79
CA ILE D 233 6.73 3.83 22.91
C ILE D 233 7.39 2.44 22.90
N ARG D 234 8.23 2.14 21.86
CA ARG D 234 8.97 0.88 21.72
C ARG D 234 9.87 0.60 22.91
N GLY D 235 10.43 1.66 23.49
CA GLY D 235 11.28 1.62 24.68
C GLY D 235 10.50 1.30 25.94
N GLY D 236 9.30 1.86 26.04
CA GLY D 236 8.42 1.68 27.19
C GLY D 236 8.83 2.44 28.42
N VAL D 237 9.78 3.37 28.30
CA VAL D 237 10.18 4.17 29.45
C VAL D 237 9.28 5.40 29.51
N PHE D 238 8.58 5.55 30.63
CA PHE D 238 7.69 6.67 30.90
C PHE D 238 7.85 7.07 32.37
N TYR D 239 7.51 8.32 32.68
CA TYR D 239 7.67 8.90 34.01
C TYR D 239 6.41 8.72 34.84
N ILE D 240 6.56 8.14 36.03
CA ILE D 240 5.47 7.97 36.98
C ILE D 240 5.66 9.07 38.07
N PRO D 241 4.79 10.13 38.08
CA PRO D 241 4.92 11.19 39.09
C PRO D 241 4.82 10.71 40.53
N GLU D 242 5.39 11.49 41.44
CA GLU D 242 5.44 11.19 42.86
C GLU D 242 4.07 11.18 43.56
N TYR D 243 3.10 12.01 43.08
CA TYR D 243 1.75 12.13 43.65
C TYR D 243 0.89 10.88 43.48
N LEU D 244 1.31 10.01 42.54
CA LEU D 244 0.71 8.72 42.22
C LEU D 244 1.26 7.70 43.21
N ASN D 245 0.35 7.05 43.96
CA ASN D 245 0.67 6.00 44.95
C ASN D 245 1.26 4.73 44.29
N ARG D 246 2.03 3.97 45.05
CA ARG D 246 2.70 2.76 44.60
C ARG D 246 1.74 1.72 44.01
N SER D 247 0.48 1.69 44.50
CA SER D 247 -0.58 0.79 44.07
C SER D 247 -0.94 1.03 42.58
N VAL D 248 -1.40 2.25 42.24
CA VAL D 248 -1.78 2.60 40.88
C VAL D 248 -0.59 2.56 39.89
N ALA D 249 0.63 2.88 40.38
CA ALA D 249 1.86 2.87 39.59
C ALA D 249 2.16 1.45 39.08
N THR D 250 1.98 0.40 39.93
CA THR D 250 2.21 -1.00 39.52
C THR D 250 1.20 -1.39 38.41
N LEU D 251 -0.06 -0.93 38.57
CA LEU D 251 -1.13 -1.17 37.59
C LEU D 251 -0.74 -0.58 36.23
N LEU D 252 -0.33 0.70 36.20
CA LEU D 252 0.10 1.41 35.00
C LEU D 252 1.27 0.71 34.33
N MET D 253 2.28 0.28 35.13
CA MET D 253 3.48 -0.42 34.67
C MET D 253 3.16 -1.76 34.00
N HIS D 254 2.14 -2.47 34.52
CA HIS D 254 1.68 -3.75 34.01
C HIS D 254 0.82 -3.61 32.71
N MET D 255 0.04 -2.51 32.59
CA MET D 255 -0.80 -2.26 31.41
C MET D 255 0.04 -1.72 30.26
N LEU D 256 1.11 -1.02 30.59
CA LEU D 256 2.02 -0.40 29.61
C LEU D 256 3.34 -1.18 29.44
N GLN D 257 3.25 -2.53 29.53
CA GLN D 257 4.37 -3.45 29.30
C GLN D 257 4.59 -3.54 27.80
N VAL D 258 5.84 -3.41 27.36
CA VAL D 258 6.22 -3.49 25.95
C VAL D 258 5.93 -4.89 25.39
N ASP D 259 6.33 -5.94 26.14
CA ASP D 259 6.11 -7.35 25.81
C ASP D 259 4.63 -7.69 26.04
N PRO D 260 3.86 -7.98 24.95
CA PRO D 260 2.42 -8.26 25.08
C PRO D 260 2.05 -9.46 25.97
N LEU D 261 2.96 -10.43 26.08
CA LEU D 261 2.78 -11.61 26.91
C LEU D 261 2.96 -11.29 28.41
N LYS D 262 3.75 -10.26 28.73
CA LYS D 262 3.96 -9.83 30.12
C LYS D 262 2.90 -8.78 30.51
N ARG D 263 2.19 -8.21 29.50
CA ARG D 263 1.16 -7.18 29.67
C ARG D 263 -0.11 -7.68 30.40
N ALA D 264 -0.66 -6.80 31.28
CA ALA D 264 -1.89 -7.04 32.05
C ALA D 264 -3.05 -7.41 31.14
N THR D 265 -3.86 -8.39 31.59
CA THR D 265 -5.09 -8.82 30.94
C THR D 265 -6.20 -8.16 31.77
N ILE D 266 -7.47 -8.21 31.30
CA ILE D 266 -8.62 -7.66 32.05
C ILE D 266 -8.76 -8.41 33.38
N LYS D 267 -8.42 -9.71 33.41
CA LYS D 267 -8.42 -10.53 34.63
C LYS D 267 -7.38 -10.00 35.63
N ASP D 268 -6.16 -9.67 35.14
CA ASP D 268 -5.11 -9.07 35.95
C ASP D 268 -5.58 -7.74 36.55
N ILE D 269 -6.18 -6.86 35.73
CA ILE D 269 -6.70 -5.56 36.16
C ILE D 269 -7.81 -5.71 37.20
N ARG D 270 -8.78 -6.62 36.94
CA ARG D 270 -9.90 -6.86 37.86
C ARG D 270 -9.48 -7.35 39.26
N GLU D 271 -8.30 -8.02 39.34
CA GLU D 271 -7.68 -8.55 40.55
C GLU D 271 -6.87 -7.47 41.30
N HIS D 272 -6.50 -6.37 40.62
CA HIS D 272 -5.67 -5.30 41.18
C HIS D 272 -6.38 -4.50 42.26
N GLU D 273 -5.69 -4.33 43.39
CA GLU D 273 -6.17 -3.66 44.60
C GLU D 273 -6.75 -2.28 44.37
N TRP D 274 -6.11 -1.50 43.48
CA TRP D 274 -6.54 -0.14 43.16
C TRP D 274 -7.85 -0.14 42.34
N PHE D 275 -8.02 -1.13 41.45
CA PHE D 275 -9.19 -1.29 40.60
C PHE D 275 -10.42 -1.81 41.40
N LYS D 276 -10.19 -2.75 42.33
CA LYS D 276 -11.23 -3.38 43.15
C LYS D 276 -11.94 -2.39 44.05
N GLN D 277 -11.21 -1.35 44.50
CA GLN D 277 -11.75 -0.31 45.38
C GLN D 277 -13.01 0.34 44.84
N ASP D 278 -14.10 0.27 45.65
CA ASP D 278 -15.43 0.85 45.39
C ASP D 278 -16.06 0.40 44.06
N LEU D 279 -15.64 -0.75 43.52
CA LEU D 279 -16.13 -1.29 42.26
C LEU D 279 -17.62 -1.66 42.29
N PRO D 280 -18.49 -1.00 41.49
CA PRO D 280 -19.91 -1.39 41.45
C PRO D 280 -20.08 -2.80 40.86
N SER D 281 -21.13 -3.51 41.32
CA SER D 281 -21.38 -4.92 41.00
C SER D 281 -22.09 -5.20 39.66
N TYR D 282 -22.49 -4.18 38.89
CA TYR D 282 -23.19 -4.40 37.62
C TYR D 282 -22.28 -4.38 36.40
N LEU D 283 -21.01 -4.07 36.64
CA LEU D 283 -20.01 -3.82 35.60
C LEU D 283 -19.42 -5.04 34.95
N PHE D 284 -19.22 -6.15 35.69
CA PHE D 284 -18.59 -7.31 35.07
C PHE D 284 -19.46 -8.58 35.10
N PRO D 285 -19.28 -9.55 34.16
CA PRO D 285 -20.21 -10.70 34.13
C PRO D 285 -20.21 -11.66 35.32
N GLU D 286 -19.09 -11.82 36.03
CA GLU D 286 -19.10 -12.73 37.18
C GLU D 286 -19.74 -12.05 38.42
N ASP D 287 -19.67 -10.70 38.46
CA ASP D 287 -20.21 -9.80 39.49
C ASP D 287 -21.75 -10.01 39.74
N PRO D 288 -22.22 -9.69 40.98
CA PRO D 288 -23.63 -9.98 41.33
C PRO D 288 -24.75 -9.34 40.49
N SER D 289 -24.69 -8.02 40.16
CA SER D 289 -25.77 -7.32 39.44
C SER D 289 -25.73 -7.36 37.90
N TYR D 290 -24.65 -7.88 37.27
CA TYR D 290 -24.52 -7.90 35.80
C TYR D 290 -25.69 -8.57 35.07
N ASP D 291 -26.03 -9.83 35.42
CA ASP D 291 -27.11 -10.59 34.77
C ASP D 291 -28.50 -9.95 34.87
N ALA D 292 -28.75 -9.18 35.94
CA ALA D 292 -30.02 -8.50 36.15
C ALA D 292 -30.18 -7.26 35.26
N ASN D 293 -29.06 -6.67 34.80
CA ASN D 293 -29.05 -5.44 34.01
C ASN D 293 -28.61 -5.62 32.54
N VAL D 294 -27.48 -6.32 32.29
CA VAL D 294 -26.95 -6.50 30.92
C VAL D 294 -27.44 -7.83 30.25
N ILE D 295 -28.08 -7.69 29.07
CA ILE D 295 -28.62 -8.76 28.21
C ILE D 295 -27.53 -9.76 27.78
N ASP D 296 -27.87 -11.07 27.78
CA ASP D 296 -27.00 -12.13 27.29
C ASP D 296 -27.55 -12.55 25.93
N ASP D 297 -26.88 -12.10 24.85
CA ASP D 297 -27.20 -12.34 23.44
C ASP D 297 -27.26 -13.84 23.08
N GLU D 298 -26.33 -14.65 23.66
CA GLU D 298 -26.26 -16.12 23.50
C GLU D 298 -27.54 -16.80 24.06
N ALA D 299 -28.00 -16.36 25.26
CA ALA D 299 -29.22 -16.85 25.93
C ALA D 299 -30.47 -16.44 25.16
N VAL D 300 -30.46 -15.24 24.51
CA VAL D 300 -31.58 -14.79 23.68
C VAL D 300 -31.71 -15.76 22.48
N LYS D 301 -30.57 -16.08 21.82
CA LYS D 301 -30.49 -17.03 20.69
C LYS D 301 -30.99 -18.43 21.07
N GLU D 302 -30.64 -18.93 22.28
CA GLU D 302 -31.09 -20.24 22.79
C GLU D 302 -32.60 -20.30 22.90
N VAL D 303 -33.23 -19.19 23.36
CA VAL D 303 -34.67 -19.05 23.51
C VAL D 303 -35.35 -19.08 22.12
N CYS D 304 -34.82 -18.31 21.14
CA CYS D 304 -35.31 -18.25 19.75
C CYS D 304 -35.32 -19.66 19.12
N GLU D 305 -34.28 -20.46 19.44
CA GLU D 305 -34.06 -21.84 19.01
C GLU D 305 -35.07 -22.79 19.70
N LYS D 306 -35.04 -22.87 21.06
CA LYS D 306 -35.91 -23.73 21.90
C LYS D 306 -37.38 -23.56 21.57
N PHE D 307 -37.79 -22.31 21.27
CA PHE D 307 -39.13 -21.91 20.88
C PHE D 307 -39.13 -21.73 19.34
N GLU D 308 -39.55 -20.56 18.83
CA GLU D 308 -39.59 -20.20 17.41
C GLU D 308 -40.00 -18.73 17.35
N CYS D 309 -39.12 -17.86 17.86
CA CYS D 309 -39.38 -16.43 17.94
C CYS D 309 -38.20 -15.60 17.45
N THR D 310 -38.33 -14.25 17.45
CA THR D 310 -37.31 -13.30 17.02
C THR D 310 -36.45 -12.78 18.18
N GLU D 311 -35.19 -12.41 17.84
CA GLU D 311 -34.15 -11.87 18.75
C GLU D 311 -34.47 -10.46 19.29
N SER D 312 -35.74 -10.00 19.12
CA SER D 312 -36.24 -8.68 19.59
C SER D 312 -37.68 -8.75 20.17
N GLU D 313 -38.27 -9.97 20.24
CA GLU D 313 -39.59 -10.23 20.83
C GLU D 313 -39.41 -11.04 22.13
N VAL D 314 -38.16 -11.49 22.38
CA VAL D 314 -37.73 -12.17 23.59
C VAL D 314 -37.35 -11.03 24.55
N MET D 315 -36.72 -9.95 24.02
CA MET D 315 -36.34 -8.74 24.75
C MET D 315 -37.56 -7.97 25.28
N ASN D 316 -38.68 -7.99 24.52
CA ASN D 316 -39.94 -7.34 24.91
C ASN D 316 -40.56 -7.96 26.16
N SER D 317 -40.53 -9.30 26.29
CA SER D 317 -41.03 -9.99 27.48
C SER D 317 -40.14 -9.75 28.71
N LEU D 318 -38.87 -9.35 28.50
CA LEU D 318 -37.91 -9.03 29.56
C LEU D 318 -38.08 -7.55 30.00
N TYR D 319 -38.06 -6.63 29.01
CA TYR D 319 -38.20 -5.19 29.24
C TYR D 319 -39.62 -4.78 29.62
N PRO D 323 -43.80 -11.14 34.43
CA PRO D 323 -42.77 -11.99 35.09
C PRO D 323 -42.92 -13.50 34.83
N GLN D 324 -44.18 -13.97 34.69
CA GLN D 324 -44.51 -15.37 34.43
C GLN D 324 -44.42 -15.79 32.94
N ASP D 325 -44.16 -14.81 32.01
CA ASP D 325 -44.03 -14.98 30.55
C ASP D 325 -43.12 -16.17 30.18
N GLN D 326 -43.54 -17.01 29.21
CA GLN D 326 -42.82 -18.21 28.76
C GLN D 326 -41.37 -17.94 28.32
N LEU D 327 -41.15 -16.85 27.50
CA LEU D 327 -39.85 -16.41 26.97
C LEU D 327 -38.89 -15.90 28.05
N ALA D 328 -39.39 -14.99 28.93
CA ALA D 328 -38.67 -14.40 30.06
C ALA D 328 -38.23 -15.48 31.07
N VAL D 329 -39.11 -16.49 31.35
CA VAL D 329 -38.88 -17.63 32.24
C VAL D 329 -37.71 -18.49 31.69
N ALA D 330 -37.79 -18.84 30.38
CA ALA D 330 -36.81 -19.60 29.62
C ALA D 330 -35.45 -18.89 29.65
N TYR D 331 -35.44 -17.55 29.38
CA TYR D 331 -34.24 -16.71 29.41
C TYR D 331 -33.54 -16.77 30.80
N HIS D 332 -34.31 -16.52 31.89
CA HIS D 332 -33.76 -16.50 33.25
C HIS D 332 -33.29 -17.87 33.72
N LEU D 333 -33.92 -18.96 33.24
CA LEU D 333 -33.48 -20.33 33.54
C LEU D 333 -32.07 -20.62 32.92
N ILE D 334 -31.81 -20.18 31.67
CA ILE D 334 -30.49 -20.35 31.06
C ILE D 334 -29.47 -19.55 31.88
N ILE D 335 -29.84 -18.32 32.30
CA ILE D 335 -29.03 -17.38 33.09
C ILE D 335 -28.72 -17.93 34.51
N ASP D 336 -29.71 -18.63 35.14
CA ASP D 336 -29.62 -19.24 36.49
C ASP D 336 -28.70 -20.43 36.45
N ASN D 337 -28.94 -21.37 35.49
CA ASN D 337 -28.13 -22.57 35.28
C ASN D 337 -26.69 -22.24 34.91
N ARG D 338 -26.49 -21.17 34.10
CA ARG D 338 -25.18 -20.64 33.70
C ARG D 338 -24.42 -20.16 34.93
N ARG D 339 -25.12 -19.54 35.91
CA ARG D 339 -24.54 -19.04 37.15
C ARG D 339 -24.03 -20.20 38.03
N ILE D 340 -24.85 -21.27 38.18
CA ILE D 340 -24.48 -22.49 38.93
C ILE D 340 -23.13 -23.02 38.43
N MET D 341 -23.03 -23.19 37.10
CA MET D 341 -21.88 -23.69 36.38
C MET D 341 -20.67 -22.75 36.39
N ASN D 342 -20.90 -21.42 36.34
CA ASN D 342 -19.85 -20.38 36.44
C ASN D 342 -19.27 -20.28 37.84
N GLN D 343 -20.08 -20.61 38.87
CA GLN D 343 -19.63 -20.54 40.26
C GLN D 343 -18.95 -21.84 40.74
N ALA D 344 -18.88 -22.86 39.86
CA ALA D 344 -18.17 -24.12 40.07
C ALA D 344 -17.04 -24.07 39.03
N SER D 345 -16.22 -22.98 39.09
CA SER D 345 -15.14 -22.68 38.14
C SER D 345 -14.05 -23.74 38.04
N GLU D 346 -13.74 -24.40 39.19
CA GLU D 346 -12.73 -25.46 39.36
C GLU D 346 -13.17 -26.81 38.74
N PHE D 347 -14.46 -26.91 38.42
CA PHE D 347 -15.11 -28.04 37.80
C PHE D 347 -15.05 -27.90 36.26
N TYR D 348 -14.92 -26.66 35.74
CA TYR D 348 -14.88 -26.36 34.31
C TYR D 348 -13.52 -25.92 33.78
N LEU D 349 -12.63 -25.39 34.64
CA LEU D 349 -11.29 -24.94 34.26
C LEU D 349 -10.22 -25.36 35.25
N ALA D 350 -8.97 -25.41 34.77
CA ALA D 350 -7.83 -25.76 35.60
C ALA D 350 -7.33 -24.58 36.37
N SER D 351 -6.94 -24.84 37.63
CA SER D 351 -6.33 -23.92 38.57
C SER D 351 -4.88 -23.65 38.15
N SER D 352 -4.35 -22.44 38.44
CA SER D 352 -2.97 -22.08 38.11
C SER D 352 -2.01 -22.66 39.16
N PRO D 353 -0.76 -23.08 38.81
CA PRO D 353 0.14 -23.66 39.83
C PRO D 353 0.87 -22.59 40.66
N LEU D 370 -3.04 -27.35 48.00
CA LEU D 370 -4.19 -28.13 48.46
C LEU D 370 -3.94 -29.68 48.41
N LYS D 371 -4.97 -30.49 48.75
CA LYS D 371 -4.86 -31.96 48.72
C LYS D 371 -4.93 -32.43 47.25
N PRO D 372 -3.88 -33.14 46.73
CA PRO D 372 -3.90 -33.57 45.32
C PRO D 372 -5.11 -34.41 44.92
N HIS D 373 -5.55 -34.23 43.65
CA HIS D 373 -6.68 -34.93 43.06
C HIS D 373 -6.42 -36.45 43.14
N PRO D 374 -7.42 -37.28 43.53
CA PRO D 374 -7.18 -38.74 43.62
C PRO D 374 -6.59 -39.41 42.37
N GLU D 375 -6.86 -38.84 41.19
CA GLU D 375 -6.39 -39.39 39.93
C GLU D 375 -5.09 -38.74 39.40
N ARG D 376 -4.33 -38.04 40.27
CA ARG D 376 -3.04 -37.47 39.88
C ARG D 376 -2.04 -38.60 39.74
N MET D 377 -1.49 -38.75 38.53
CA MET D 377 -0.53 -39.80 38.19
C MET D 377 0.84 -39.45 38.72
N PRO D 378 1.62 -40.47 39.19
CA PRO D 378 3.02 -40.19 39.55
C PRO D 378 3.82 -39.98 38.24
N PRO D 379 4.96 -39.24 38.22
CA PRO D 379 5.70 -39.09 36.95
C PRO D 379 6.31 -40.42 36.45
N LEU D 380 6.55 -40.52 35.13
CA LEU D 380 7.18 -41.71 34.53
C LEU D 380 8.69 -41.70 34.87
N ILE D 381 9.15 -42.77 35.54
CA ILE D 381 10.53 -42.94 35.96
C ILE D 381 11.44 -43.27 34.75
N ALA D 382 12.66 -42.66 34.73
CA ALA D 382 13.69 -42.85 33.71
C ALA D 382 14.41 -44.20 33.86
N LYS D 406 11.85 -34.13 31.09
CA LYS D 406 10.51 -33.74 30.66
C LYS D 406 10.51 -33.18 29.22
N ALA D 407 9.75 -33.84 28.31
CA ALA D 407 9.65 -33.43 26.90
C ALA D 407 8.75 -32.22 26.76
N LYS D 408 9.15 -31.31 25.86
CA LYS D 408 8.41 -30.07 25.63
C LYS D 408 7.83 -29.99 24.23
N TRP D 409 6.59 -29.49 24.19
CA TRP D 409 5.83 -29.27 22.99
C TRP D 409 6.32 -28.04 22.27
N HIS D 410 6.29 -28.08 20.95
CA HIS D 410 6.72 -26.94 20.15
C HIS D 410 5.74 -26.71 19.02
N LEU D 411 5.68 -25.48 18.55
CA LEU D 411 4.80 -25.05 17.47
C LEU D 411 5.40 -25.40 16.11
N GLY D 412 4.58 -26.04 15.28
CA GLY D 412 4.94 -26.45 13.92
C GLY D 412 6.29 -27.11 13.82
N ILE D 413 7.06 -26.71 12.80
CA ILE D 413 8.42 -27.20 12.53
C ILE D 413 9.36 -26.03 12.24
N ARG D 414 10.59 -26.09 12.77
CA ARG D 414 11.60 -25.04 12.59
C ARG D 414 12.64 -25.44 11.55
N SER D 415 13.19 -24.44 10.84
CA SER D 415 14.24 -24.64 9.84
C SER D 415 15.23 -23.45 9.84
N GLN D 416 16.53 -23.76 9.70
CA GLN D 416 17.61 -22.77 9.64
C GLN D 416 17.94 -22.37 8.18
N SER D 417 17.30 -23.05 7.21
CA SER D 417 17.46 -22.83 5.76
C SER D 417 16.93 -21.46 5.32
N LYS D 418 17.26 -21.05 4.09
CA LYS D 418 16.82 -19.78 3.53
C LYS D 418 15.31 -19.86 3.20
N PRO D 419 14.51 -18.77 3.42
CA PRO D 419 13.06 -18.83 3.15
C PRO D 419 12.60 -19.51 1.86
N TYR D 420 13.16 -19.12 0.70
CA TYR D 420 12.73 -19.70 -0.57
C TYR D 420 13.22 -21.12 -0.78
N ASP D 421 14.23 -21.55 0.00
CA ASP D 421 14.74 -22.93 0.02
C ASP D 421 13.81 -23.81 0.85
N ILE D 422 13.13 -23.22 1.89
CA ILE D 422 12.16 -23.91 2.75
C ILE D 422 10.88 -24.13 1.91
N MET D 423 10.44 -23.09 1.18
CA MET D 423 9.25 -23.11 0.33
C MET D 423 9.40 -24.10 -0.82
N ALA D 424 10.60 -24.20 -1.41
CA ALA D 424 10.94 -25.16 -2.47
C ALA D 424 10.85 -26.61 -1.92
N GLU D 425 11.16 -26.78 -0.63
CA GLU D 425 11.03 -28.07 0.01
C GLU D 425 9.57 -28.44 0.27
N VAL D 426 8.69 -27.44 0.60
CA VAL D 426 7.25 -27.72 0.82
C VAL D 426 6.60 -28.07 -0.53
N TYR D 427 6.88 -27.29 -1.60
CA TYR D 427 6.36 -27.56 -2.95
C TYR D 427 6.71 -28.96 -3.46
N ARG D 428 7.97 -29.41 -3.27
CA ARG D 428 8.39 -30.73 -3.73
C ARG D 428 7.80 -31.85 -2.85
N ALA D 429 7.61 -31.59 -1.53
CA ALA D 429 7.02 -32.58 -0.65
C ALA D 429 5.50 -32.67 -0.87
N MET D 430 4.84 -31.55 -1.22
CA MET D 430 3.40 -31.54 -1.48
C MET D 430 3.01 -32.31 -2.72
N LYS D 431 3.74 -32.12 -3.84
CA LYS D 431 3.51 -32.80 -5.11
C LYS D 431 3.69 -34.32 -4.96
N GLN D 432 4.73 -34.71 -4.20
CA GLN D 432 5.05 -36.11 -3.88
C GLN D 432 3.87 -36.80 -3.14
N LEU D 433 3.13 -36.03 -2.32
CA LEU D 433 1.98 -36.50 -1.54
C LEU D 433 0.67 -36.37 -2.31
N ASP D 434 0.73 -35.78 -3.50
CA ASP D 434 -0.43 -35.50 -4.37
C ASP D 434 -1.40 -34.52 -3.66
N PHE D 435 -0.82 -33.46 -3.07
CA PHE D 435 -1.53 -32.39 -2.38
C PHE D 435 -1.69 -31.24 -3.37
N GLU D 436 -2.88 -30.61 -3.40
CA GLU D 436 -3.17 -29.44 -4.25
C GLU D 436 -3.07 -28.18 -3.41
N TRP D 437 -2.77 -27.03 -4.03
CA TRP D 437 -2.65 -25.80 -3.28
C TRP D 437 -3.05 -24.54 -4.03
N LYS D 438 -3.13 -23.44 -3.27
CA LYS D 438 -3.40 -22.07 -3.68
C LYS D 438 -2.37 -21.19 -2.97
N VAL D 439 -1.64 -20.38 -3.75
CA VAL D 439 -0.63 -19.47 -3.20
C VAL D 439 -1.35 -18.17 -2.77
N VAL D 440 -1.39 -17.88 -1.46
CA VAL D 440 -1.99 -16.66 -0.93
C VAL D 440 -0.96 -15.52 -1.10
N ASN D 441 0.33 -15.87 -0.86
CA ASN D 441 1.52 -15.04 -1.00
C ASN D 441 2.74 -15.95 -0.91
N ALA D 442 3.95 -15.40 -1.08
CA ALA D 442 5.18 -16.20 -1.05
C ALA D 442 5.34 -17.09 0.19
N TYR D 443 4.82 -16.64 1.37
CA TYR D 443 4.99 -17.43 2.58
C TYR D 443 3.69 -17.94 3.17
N HIS D 444 2.61 -17.90 2.38
CA HIS D 444 1.31 -18.35 2.84
C HIS D 444 0.57 -19.13 1.75
N LEU D 445 0.32 -20.43 2.02
CA LEU D 445 -0.37 -21.38 1.13
C LEU D 445 -1.61 -21.98 1.80
N ARG D 446 -2.64 -22.24 1.00
CA ARG D 446 -3.88 -22.92 1.36
C ARG D 446 -3.74 -24.25 0.65
N VAL D 447 -3.65 -25.35 1.41
CA VAL D 447 -3.40 -26.66 0.83
C VAL D 447 -4.55 -27.63 1.08
N ARG D 448 -4.77 -28.54 0.12
CA ARG D 448 -5.89 -29.47 0.13
C ARG D 448 -5.51 -30.90 -0.31
N ARG D 449 -6.22 -31.89 0.23
CA ARG D 449 -6.06 -33.31 -0.06
C ARG D 449 -7.42 -34.02 0.11
N LYS D 450 -7.70 -35.05 -0.71
CA LYS D 450 -8.95 -35.81 -0.59
C LYS D 450 -8.75 -37.04 0.33
N ASN D 451 -9.64 -37.23 1.32
CA ASN D 451 -9.58 -38.43 2.18
C ASN D 451 -10.15 -39.61 1.35
N PRO D 452 -9.35 -40.64 1.01
CA PRO D 452 -9.87 -41.70 0.13
C PRO D 452 -10.95 -42.59 0.74
N VAL D 453 -11.05 -42.61 2.08
CA VAL D 453 -12.01 -43.44 2.81
C VAL D 453 -13.36 -42.71 2.95
N THR D 454 -13.34 -41.46 3.41
CA THR D 454 -14.54 -40.67 3.67
C THR D 454 -15.00 -39.83 2.45
N GLY D 455 -14.12 -39.65 1.47
CA GLY D 455 -14.41 -38.88 0.27
C GLY D 455 -14.26 -37.38 0.39
N ASN D 456 -14.34 -36.83 1.63
CA ASN D 456 -14.22 -35.40 1.94
C ASN D 456 -12.81 -34.86 1.67
N TYR D 457 -12.73 -33.55 1.38
CA TYR D 457 -11.47 -32.86 1.23
C TYR D 457 -11.02 -32.36 2.60
N VAL D 458 -9.69 -32.30 2.81
CA VAL D 458 -9.05 -31.86 4.06
C VAL D 458 -8.25 -30.61 3.70
N LYS D 459 -8.49 -29.52 4.42
CA LYS D 459 -7.83 -28.26 4.14
C LYS D 459 -7.05 -27.76 5.36
N MET D 460 -5.88 -27.18 5.08
CA MET D 460 -5.03 -26.54 6.06
C MET D 460 -4.30 -25.35 5.46
N SER D 461 -3.87 -24.43 6.33
CA SER D 461 -3.13 -23.24 5.94
C SER D 461 -1.68 -23.34 6.44
N LEU D 462 -0.72 -23.05 5.56
CA LEU D 462 0.71 -23.07 5.89
C LEU D 462 1.26 -21.64 5.87
N GLN D 463 1.88 -21.22 6.96
CA GLN D 463 2.47 -19.89 7.07
C GLN D 463 3.90 -20.00 7.51
N LEU D 464 4.83 -19.39 6.76
CA LEU D 464 6.23 -19.35 7.15
C LEU D 464 6.42 -18.05 7.92
N TYR D 465 7.15 -18.14 9.03
CA TYR D 465 7.41 -17.03 9.91
C TYR D 465 8.88 -16.90 10.22
N LEU D 466 9.30 -15.69 10.62
CA LEU D 466 10.64 -15.39 11.05
C LEU D 466 10.63 -15.45 12.59
N VAL D 467 11.58 -16.19 13.18
CA VAL D 467 11.67 -16.33 14.65
C VAL D 467 12.76 -15.38 15.20
N ASP D 468 14.01 -15.55 14.75
CA ASP D 468 15.20 -14.76 15.12
C ASP D 468 16.04 -14.56 13.84
N ASN D 469 17.33 -14.24 14.01
CA ASN D 469 18.26 -14.08 12.89
C ASN D 469 18.62 -15.48 12.35
N ARG D 470 18.31 -15.71 11.05
CA ARG D 470 18.58 -16.96 10.30
C ARG D 470 17.71 -18.17 10.73
N SER D 471 16.71 -18.00 11.64
CA SER D 471 15.85 -19.11 12.10
C SER D 471 14.37 -18.90 11.73
N TYR D 472 13.75 -19.94 11.16
CA TYR D 472 12.35 -19.85 10.69
C TYR D 472 11.45 -20.91 11.26
N LEU D 473 10.14 -20.70 11.15
CA LEU D 473 9.11 -21.64 11.63
C LEU D 473 7.97 -21.76 10.62
N LEU D 474 7.58 -23.01 10.31
CA LEU D 474 6.46 -23.29 9.42
C LEU D 474 5.27 -23.72 10.26
N ASP D 475 4.22 -22.86 10.27
CA ASP D 475 2.99 -23.01 11.01
C ASP D 475 1.93 -23.78 10.23
N PHE D 476 1.25 -24.74 10.90
CA PHE D 476 0.16 -25.58 10.37
C PHE D 476 -1.13 -25.22 11.11
N LYS D 477 -2.13 -24.70 10.37
CA LYS D 477 -3.42 -24.28 10.91
C LYS D 477 -4.57 -24.98 10.16
N SER D 478 -5.50 -25.61 10.90
CA SER D 478 -6.65 -26.30 10.30
C SER D 478 -7.71 -25.33 9.79
N ILE D 479 -8.51 -25.76 8.82
CA ILE D 479 -9.57 -24.95 8.24
C ILE D 479 -10.88 -25.75 8.40
N ASP D 480 -11.89 -25.15 9.06
CA ASP D 480 -13.21 -25.73 9.29
C ASP D 480 -14.23 -25.22 8.28
N LEU D 539 -18.70 -38.99 8.88
CA LEU D 539 -17.79 -40.07 8.52
C LEU D 539 -16.41 -39.52 8.68
N GLY D 540 -15.68 -40.07 9.64
CA GLY D 540 -14.34 -39.67 10.01
C GLY D 540 -14.33 -38.70 11.18
N SER D 541 -13.24 -37.95 11.29
CA SER D 541 -13.03 -36.90 12.29
C SER D 541 -12.23 -35.76 11.67
N HIS D 542 -12.76 -34.53 11.79
CA HIS D 542 -12.12 -33.31 11.27
C HIS D 542 -10.71 -33.11 11.87
N THR D 543 -10.58 -33.27 13.21
CA THR D 543 -9.31 -33.16 13.97
C THR D 543 -8.32 -34.28 13.54
N MET D 544 -8.82 -35.53 13.35
CA MET D 544 -7.97 -36.63 12.93
C MET D 544 -7.43 -36.39 11.54
N ASP D 545 -8.27 -35.83 10.66
CA ASP D 545 -7.89 -35.51 9.28
C ASP D 545 -6.80 -34.45 9.26
N PHE D 546 -6.92 -33.43 10.13
CA PHE D 546 -5.91 -32.38 10.20
C PHE D 546 -4.55 -32.97 10.65
N PHE D 547 -4.54 -33.78 11.71
CA PHE D 547 -3.33 -34.40 12.22
C PHE D 547 -2.70 -35.34 11.19
N GLU D 548 -3.51 -36.10 10.45
CA GLU D 548 -2.98 -37.04 9.45
C GLU D 548 -2.35 -36.35 8.24
N MET D 549 -2.91 -35.21 7.83
CA MET D 549 -2.40 -34.42 6.72
C MET D 549 -1.06 -33.80 7.12
N CYS D 550 -1.00 -33.31 8.36
CA CYS D 550 0.18 -32.71 8.97
C CYS D 550 1.28 -33.73 9.09
N ALA D 551 0.97 -34.89 9.69
CA ALA D 551 1.93 -35.98 9.90
C ALA D 551 2.56 -36.42 8.58
N SER D 552 1.77 -36.55 7.49
CA SER D 552 2.30 -36.98 6.21
C SER D 552 3.18 -35.90 5.54
N LEU D 553 2.90 -34.61 5.78
CA LEU D 553 3.72 -33.54 5.22
C LEU D 553 5.03 -33.39 6.03
N ILE D 554 4.97 -33.43 7.37
CA ILE D 554 6.14 -33.35 8.25
C ILE D 554 7.14 -34.46 7.93
N THR D 555 6.62 -35.71 7.79
CA THR D 555 7.31 -36.95 7.50
C THR D 555 8.09 -36.86 6.16
N THR D 556 7.45 -36.41 5.07
CA THR D 556 8.06 -36.28 3.74
C THR D 556 8.92 -35.00 3.55
N LEU D 557 8.90 -34.07 4.52
CA LEU D 557 9.69 -32.83 4.46
C LEU D 557 11.16 -33.16 4.81
N ALA D 558 12.12 -32.50 4.11
CA ALA D 558 13.57 -32.65 4.32
C ALA D 558 14.01 -31.78 5.50
N ARG E 78 -40.05 7.35 2.81
CA ARG E 78 -39.09 7.23 1.71
C ARG E 78 -38.16 8.49 1.59
N PRO E 79 -37.30 8.79 2.62
CA PRO E 79 -36.45 10.00 2.55
C PRO E 79 -35.36 9.98 1.47
N THR E 80 -35.26 11.11 0.73
CA THR E 80 -34.31 11.30 -0.35
C THR E 80 -33.57 12.61 -0.10
N VAL E 81 -32.23 12.52 -0.05
CA VAL E 81 -31.36 13.69 0.17
C VAL E 81 -31.04 14.40 -1.17
N PHE E 82 -31.23 15.73 -1.17
CA PHE E 82 -30.85 16.62 -2.27
C PHE E 82 -29.81 17.56 -1.68
N ARG E 83 -28.54 17.35 -2.04
CA ARG E 83 -27.46 18.14 -1.47
C ARG E 83 -26.66 18.82 -2.56
N TRP E 84 -26.53 20.15 -2.43
CA TRP E 84 -25.77 20.98 -3.34
C TRP E 84 -24.35 21.12 -2.81
N THR E 85 -23.45 20.42 -3.50
CA THR E 85 -22.01 20.25 -3.28
C THR E 85 -21.23 21.58 -3.32
N GLY E 86 -21.43 22.39 -4.36
CA GLY E 86 -20.74 23.66 -4.54
C GLY E 86 -21.12 24.74 -3.54
N GLY E 87 -20.60 25.95 -3.78
CA GLY E 87 -20.93 27.09 -2.94
C GLY E 87 -22.09 27.90 -3.51
N GLY E 88 -22.17 29.14 -3.08
CA GLY E 88 -23.22 30.07 -3.51
C GLY E 88 -23.85 30.75 -2.32
N LYS E 89 -24.72 31.72 -2.59
CA LYS E 89 -25.41 32.51 -1.56
C LYS E 89 -26.80 31.90 -1.29
N GLU E 90 -27.54 31.57 -2.35
CA GLU E 90 -28.85 30.94 -2.23
C GLU E 90 -29.07 29.92 -3.29
N VAL E 91 -29.57 28.76 -2.87
CA VAL E 91 -29.79 27.62 -3.74
C VAL E 91 -31.23 27.16 -3.58
N TYR E 92 -31.87 26.85 -4.73
CA TYR E 92 -33.22 26.31 -4.83
C TYR E 92 -33.21 24.98 -5.58
N LEU E 93 -34.14 24.09 -5.24
CA LEU E 93 -34.31 22.81 -5.90
C LEU E 93 -35.62 22.81 -6.67
N SER E 94 -35.57 22.42 -7.95
CA SER E 94 -36.72 22.28 -8.86
C SER E 94 -36.66 20.87 -9.45
N GLY E 95 -37.82 20.29 -9.66
CA GLY E 95 -37.92 18.96 -10.24
C GLY E 95 -39.34 18.56 -10.57
N SER E 96 -39.49 17.35 -11.10
CA SER E 96 -40.78 16.76 -11.45
C SER E 96 -41.70 16.60 -10.21
N PHE E 97 -41.09 16.32 -9.06
CA PHE E 97 -41.75 16.14 -7.75
C PHE E 97 -42.40 17.42 -7.14
N ASN E 98 -42.04 18.63 -7.64
CA ASN E 98 -42.60 19.88 -7.13
C ASN E 98 -43.12 20.79 -8.25
N ASN E 99 -43.32 20.22 -9.46
CA ASN E 99 -43.80 20.90 -10.67
C ASN E 99 -42.89 22.07 -11.09
N TRP E 100 -41.56 21.89 -10.93
CA TRP E 100 -40.52 22.86 -11.28
C TRP E 100 -40.67 24.25 -10.59
N SER E 101 -41.13 24.22 -9.30
CA SER E 101 -41.22 25.34 -8.35
C SER E 101 -39.81 25.52 -7.76
N LYS E 102 -39.55 26.62 -7.03
CA LYS E 102 -38.25 26.80 -6.40
C LYS E 102 -38.31 26.44 -4.93
N LEU E 103 -37.74 25.29 -4.55
CA LEU E 103 -37.73 24.90 -3.14
C LEU E 103 -36.44 25.44 -2.49
N PRO E 104 -36.52 26.43 -1.56
CA PRO E 104 -35.28 26.95 -0.95
C PRO E 104 -34.58 25.96 -0.06
N LEU E 105 -33.28 25.75 -0.28
CA LEU E 105 -32.51 24.82 0.53
C LEU E 105 -31.79 25.56 1.64
N THR E 106 -31.63 24.89 2.78
CA THR E 106 -30.92 25.45 3.94
C THR E 106 -29.47 25.05 3.91
N ARG E 107 -28.62 25.97 4.37
CA ARG E 107 -27.18 25.82 4.38
C ARG E 107 -26.67 25.53 5.78
N HIS E 109 -22.32 24.91 7.02
CA HIS E 109 -21.14 25.71 6.76
C HIS E 109 -20.89 25.75 5.27
N ASN E 110 -21.09 24.61 4.56
CA ASN E 110 -20.90 24.56 3.10
C ASN E 110 -22.12 24.03 2.34
N ASN E 111 -22.66 22.85 2.75
CA ASN E 111 -23.75 22.17 2.05
C ASN E 111 -25.11 22.84 2.15
N PHE E 112 -25.84 22.83 1.02
CA PHE E 112 -27.22 23.25 0.89
C PHE E 112 -27.97 21.93 0.76
N VAL E 113 -28.99 21.71 1.61
CA VAL E 113 -29.65 20.41 1.62
C VAL E 113 -31.18 20.50 1.79
N ALA E 114 -31.87 19.42 1.42
CA ALA E 114 -33.32 19.18 1.57
C ALA E 114 -33.52 17.68 1.56
N ILE E 115 -34.40 17.19 2.47
CA ILE E 115 -34.73 15.76 2.56
C ILE E 115 -36.22 15.66 2.23
N LEU E 116 -36.57 15.00 1.12
CA LEU E 116 -37.94 14.88 0.64
C LEU E 116 -38.41 13.46 0.64
N ASP E 117 -39.73 13.24 0.73
CA ASP E 117 -40.31 11.91 0.64
C ASP E 117 -40.67 11.63 -0.79
N LEU E 118 -39.92 10.71 -1.43
CA LEU E 118 -40.12 10.39 -2.85
C LEU E 118 -40.46 8.93 -3.09
N PRO E 119 -41.47 8.68 -3.95
CA PRO E 119 -41.80 7.28 -4.28
C PRO E 119 -40.72 6.65 -5.17
N GLU E 120 -40.77 5.33 -5.35
CA GLU E 120 -39.83 4.64 -6.23
C GLU E 120 -39.98 5.14 -7.69
N GLY E 121 -38.93 4.97 -8.48
CA GLY E 121 -38.92 5.37 -9.88
C GLY E 121 -37.98 6.51 -10.23
N GLU E 122 -38.10 6.97 -11.48
CA GLU E 122 -37.30 8.06 -12.04
C GLU E 122 -37.84 9.41 -11.59
N HIS E 123 -36.93 10.33 -11.23
CA HIS E 123 -37.23 11.71 -10.82
C HIS E 123 -36.21 12.65 -11.44
N GLN E 124 -36.73 13.64 -12.17
CA GLN E 124 -35.94 14.66 -12.86
C GLN E 124 -35.86 15.90 -11.98
N TYR E 125 -34.67 16.54 -11.90
CA TYR E 125 -34.46 17.71 -11.05
C TYR E 125 -33.31 18.59 -11.55
N LYS E 126 -33.21 19.82 -11.01
CA LYS E 126 -32.18 20.81 -11.35
C LYS E 126 -32.09 21.78 -10.18
N PHE E 127 -30.88 22.31 -9.94
CA PHE E 127 -30.61 23.29 -8.90
C PHE E 127 -30.60 24.68 -9.52
N PHE E 128 -31.02 25.66 -8.74
CA PHE E 128 -31.04 27.05 -9.13
C PHE E 128 -30.17 27.78 -8.13
N VAL E 129 -28.97 28.16 -8.57
CA VAL E 129 -27.95 28.79 -7.74
C VAL E 129 -27.71 30.22 -8.19
N ASP E 130 -28.03 31.18 -7.30
CA ASP E 130 -27.83 32.61 -7.52
C ASP E 130 -28.35 33.09 -8.90
N GLY E 131 -29.65 32.93 -9.11
CA GLY E 131 -30.33 33.31 -10.34
C GLY E 131 -30.00 32.48 -11.58
N GLN E 132 -29.23 31.39 -11.42
CA GLN E 132 -28.85 30.55 -12.57
C GLN E 132 -29.14 29.08 -12.41
N TRP E 133 -29.64 28.46 -13.48
CA TRP E 133 -29.83 27.01 -13.51
C TRP E 133 -28.45 26.35 -13.63
N THR E 134 -28.28 25.21 -12.90
CA THR E 134 -27.08 24.34 -12.87
C THR E 134 -27.45 22.99 -12.27
N HIS E 135 -26.76 21.89 -12.66
CA HIS E 135 -27.01 20.55 -12.11
C HIS E 135 -25.79 20.01 -11.36
N ASP E 136 -25.97 18.91 -10.62
CA ASP E 136 -24.88 18.30 -9.85
C ASP E 136 -24.07 17.34 -10.74
N PRO E 137 -22.72 17.41 -10.73
CA PRO E 137 -21.91 16.48 -11.56
C PRO E 137 -21.85 15.05 -10.98
N SER E 138 -22.25 14.89 -9.72
CA SER E 138 -22.30 13.60 -9.02
C SER E 138 -23.47 12.69 -9.46
N GLU E 139 -24.27 13.11 -10.45
CA GLU E 139 -25.44 12.35 -10.91
C GLU E 139 -25.61 12.34 -12.45
N PRO E 140 -26.34 11.35 -13.03
CA PRO E 140 -26.54 11.35 -14.48
C PRO E 140 -27.50 12.46 -14.93
N ILE E 141 -27.48 12.77 -16.23
CA ILE E 141 -28.32 13.81 -16.84
C ILE E 141 -29.23 13.25 -17.92
N VAL E 142 -30.22 14.05 -18.34
CA VAL E 142 -31.18 13.73 -19.39
C VAL E 142 -31.42 15.01 -20.24
N THR E 143 -31.55 14.88 -21.57
CA THR E 143 -31.76 16.04 -22.45
C THR E 143 -33.10 15.94 -23.17
N SER E 144 -33.92 17.00 -23.07
CA SER E 144 -35.24 17.04 -23.68
C SER E 144 -35.19 17.45 -25.15
N GLN E 145 -36.32 17.32 -25.86
CA GLN E 145 -36.47 17.69 -27.26
C GLN E 145 -36.04 19.13 -27.53
N LEU E 146 -36.31 20.04 -26.58
CA LEU E 146 -35.99 21.46 -26.70
C LEU E 146 -34.65 21.84 -26.03
N GLY E 147 -33.83 20.83 -25.73
CA GLY E 147 -32.49 20.98 -25.18
C GLY E 147 -32.35 21.28 -23.70
N THR E 148 -33.40 21.03 -22.89
CA THR E 148 -33.34 21.22 -21.44
C THR E 148 -32.53 20.07 -20.83
N VAL E 149 -31.45 20.40 -20.11
CA VAL E 149 -30.58 19.40 -19.48
C VAL E 149 -30.85 19.40 -17.99
N ASN E 150 -31.34 18.29 -17.40
CA ASN E 150 -31.55 18.26 -15.96
C ASN E 150 -31.37 16.85 -15.35
N ASN E 151 -30.73 16.78 -14.16
CA ASN E 151 -30.42 15.57 -13.38
C ASN E 151 -31.56 14.56 -13.29
N ILE E 152 -31.22 13.27 -13.32
CA ILE E 152 -32.18 12.18 -13.23
C ILE E 152 -31.70 11.18 -12.16
N ILE E 153 -32.54 10.97 -11.15
CA ILE E 153 -32.30 10.07 -10.01
C ILE E 153 -33.22 8.86 -10.08
N GLN E 154 -32.73 7.73 -9.59
CA GLN E 154 -33.48 6.48 -9.51
C GLN E 154 -33.69 6.14 -8.05
N VAL E 155 -34.95 5.93 -7.69
CA VAL E 155 -35.33 5.58 -6.34
C VAL E 155 -35.70 4.09 -6.41
N LYS E 156 -34.84 3.24 -5.84
CA LYS E 156 -35.05 1.80 -5.86
C LYS E 156 -35.57 1.31 -4.52
N LYS E 157 -36.18 0.10 -4.52
CA LYS E 157 -36.70 -0.54 -3.32
C LYS E 157 -35.54 -0.77 -2.34
N THR E 158 -34.39 -1.25 -2.87
CA THR E 158 -33.18 -1.58 -2.12
C THR E 158 -32.55 -0.38 -1.37
N ASP E 159 -32.96 0.84 -1.70
CA ASP E 159 -32.42 2.04 -1.07
C ASP E 159 -32.94 2.30 0.33
N PHE E 160 -34.02 1.62 0.75
CA PHE E 160 -34.66 1.94 2.03
C PHE E 160 -34.46 0.94 3.18
N GLU E 161 -33.55 -0.04 3.01
CA GLU E 161 -33.18 -1.01 4.05
C GLU E 161 -31.68 -1.20 3.94
N VAL E 162 -30.93 -0.82 5.00
CA VAL E 162 -29.46 -0.88 5.07
C VAL E 162 -28.84 -2.09 4.41
N PHE E 163 -29.26 -3.28 4.83
CA PHE E 163 -28.63 -4.51 4.38
C PHE E 163 -28.91 -4.77 2.91
N ASP E 164 -30.09 -4.35 2.41
CA ASP E 164 -30.40 -4.45 0.98
C ASP E 164 -29.53 -3.46 0.20
N ALA E 165 -29.38 -2.20 0.70
CA ALA E 165 -28.53 -1.17 0.11
C ALA E 165 -27.03 -1.59 0.14
N LEU E 166 -26.56 -2.16 1.27
CA LEU E 166 -25.19 -2.62 1.42
C LEU E 166 -24.88 -3.82 0.52
N MET E 167 -25.90 -4.65 0.22
CA MET E 167 -25.72 -5.82 -0.63
C MET E 167 -25.51 -5.38 -2.07
N VAL E 168 -26.24 -4.36 -2.51
CA VAL E 168 -26.09 -3.81 -3.85
C VAL E 168 -24.76 -3.03 -3.93
N ASP E 169 -24.43 -2.24 -2.90
CA ASP E 169 -23.20 -1.44 -2.80
C ASP E 169 -21.96 -2.33 -2.88
N SER E 170 -22.02 -3.52 -2.25
CA SER E 170 -20.93 -4.51 -2.25
C SER E 170 -20.76 -5.14 -3.63
N GLN E 171 -21.89 -5.32 -4.37
CA GLN E 171 -21.94 -5.88 -5.72
C GLN E 171 -21.26 -4.94 -6.70
N LYS E 172 -21.45 -3.60 -6.53
CA LYS E 172 -20.84 -2.54 -7.36
C LYS E 172 -19.32 -2.53 -7.20
N CYS E 173 -18.82 -2.81 -5.98
CA CYS E 173 -17.39 -2.89 -5.67
C CYS E 173 -16.78 -4.16 -6.22
N PRO E 186 -8.61 -21.38 -7.89
CA PRO E 186 -8.54 -22.75 -8.41
C PRO E 186 -7.32 -23.52 -7.90
N TYR E 187 -7.54 -24.73 -7.31
CA TYR E 187 -6.48 -25.57 -6.76
C TYR E 187 -5.62 -26.17 -7.84
N HIS E 188 -4.29 -26.08 -7.65
CA HIS E 188 -3.29 -26.54 -8.62
C HIS E 188 -2.04 -27.10 -7.93
N GLN E 189 -1.08 -27.58 -8.71
CA GLN E 189 0.18 -28.11 -8.19
C GLN E 189 1.38 -27.36 -8.82
N GLU E 190 1.22 -26.03 -8.99
CA GLU E 190 2.24 -25.14 -9.56
C GLU E 190 2.96 -24.24 -8.51
N PRO E 191 4.29 -24.42 -8.30
CA PRO E 191 5.03 -23.56 -7.33
C PRO E 191 5.07 -22.08 -7.73
N TYR E 192 5.15 -21.17 -6.73
CA TYR E 192 5.18 -19.70 -6.95
C TYR E 192 6.55 -19.19 -7.37
N ALA E 202 10.78 -10.91 2.72
CA ALA E 202 11.06 -11.54 4.01
C ALA E 202 9.77 -12.07 4.71
N PRO E 203 9.77 -13.29 5.34
CA PRO E 203 8.53 -13.78 6.00
C PRO E 203 8.15 -12.99 7.26
N PRO E 204 6.83 -12.91 7.64
CA PRO E 204 6.45 -12.14 8.83
C PRO E 204 7.01 -12.68 10.14
N ILE E 205 7.24 -11.79 11.12
CA ILE E 205 7.74 -12.14 12.46
C ILE E 205 6.63 -12.93 13.16
N LEU E 206 7.02 -14.01 13.83
CA LEU E 206 6.13 -14.89 14.56
C LEU E 206 5.42 -14.16 15.73
N PRO E 207 4.07 -14.24 15.82
CA PRO E 207 3.37 -13.67 16.98
C PRO E 207 3.77 -14.39 18.29
N PRO E 208 4.19 -13.64 19.35
CA PRO E 208 4.65 -14.30 20.59
C PRO E 208 3.62 -15.18 21.29
N HIS E 209 2.33 -14.93 21.00
CA HIS E 209 1.18 -15.63 21.55
C HIS E 209 1.21 -17.11 21.21
N LEU E 210 1.65 -17.45 19.98
CA LEU E 210 1.78 -18.82 19.50
C LEU E 210 2.82 -19.65 20.26
N LEU E 211 3.69 -18.99 21.03
CA LEU E 211 4.72 -19.63 21.84
C LEU E 211 4.26 -19.95 23.29
N GLN E 212 3.02 -19.55 23.63
CA GLN E 212 2.40 -19.86 24.92
C GLN E 212 1.75 -21.25 24.71
N VAL E 213 2.52 -22.32 24.94
CA VAL E 213 2.14 -23.73 24.71
C VAL E 213 1.28 -24.26 25.87
N ILE E 214 -0.02 -24.56 25.61
CA ILE E 214 -0.97 -24.98 26.65
C ILE E 214 -0.54 -26.30 27.37
N LEU E 215 0.15 -27.22 26.66
CA LEU E 215 0.56 -28.52 27.21
C LEU E 215 1.88 -28.47 27.97
N ASN E 216 2.55 -27.31 27.98
CA ASN E 216 3.82 -27.16 28.69
C ASN E 216 3.61 -26.58 30.07
N LYS E 217 2.47 -25.93 30.30
CA LYS E 217 2.18 -25.34 31.60
C LYS E 217 1.45 -26.31 32.52
N ASP E 218 1.94 -26.39 33.76
CA ASP E 218 1.42 -27.23 34.84
C ASP E 218 0.11 -26.65 35.38
N THR E 219 -0.75 -27.53 35.90
CA THR E 219 -2.04 -27.17 36.47
C THR E 219 -1.99 -27.58 37.97
N GLY E 220 -2.76 -26.92 38.84
CA GLY E 220 -2.76 -27.20 40.28
C GLY E 220 -3.11 -28.63 40.62
N ILE E 221 -2.19 -29.36 41.35
CA ILE E 221 -2.37 -30.77 41.77
C ILE E 221 -3.77 -31.11 42.31
N SER E 222 -4.48 -30.12 42.85
CA SER E 222 -5.81 -30.31 43.43
C SER E 222 -6.90 -30.61 42.39
N CYS E 223 -6.72 -30.14 41.14
CA CYS E 223 -7.75 -30.33 40.13
C CYS E 223 -7.56 -31.55 39.24
N ASP E 224 -8.68 -31.94 38.61
CA ASP E 224 -8.85 -33.04 37.68
C ASP E 224 -7.78 -32.91 36.61
N PRO E 225 -6.91 -33.94 36.45
CA PRO E 225 -5.81 -33.84 35.48
C PRO E 225 -6.18 -33.62 33.98
N ALA E 226 -7.47 -33.84 33.55
CA ALA E 226 -7.88 -33.60 32.16
C ALA E 226 -8.11 -32.10 31.92
N LEU E 227 -8.37 -31.33 32.99
CA LEU E 227 -8.65 -29.91 32.88
C LEU E 227 -7.45 -29.08 32.44
N LEU E 228 -7.73 -28.03 31.66
CA LEU E 228 -6.71 -27.10 31.18
C LEU E 228 -7.19 -25.67 31.43
N PRO E 229 -6.25 -24.67 31.43
CA PRO E 229 -6.70 -23.25 31.48
C PRO E 229 -7.40 -22.88 30.17
N GLU E 230 -8.11 -21.75 30.16
CA GLU E 230 -8.82 -21.27 28.99
C GLU E 230 -7.84 -20.83 27.90
N PRO E 231 -8.00 -21.27 26.62
CA PRO E 231 -7.04 -20.85 25.61
C PRO E 231 -7.32 -19.47 25.05
N ASN E 232 -6.26 -18.83 24.54
CA ASN E 232 -6.35 -17.56 23.83
C ASN E 232 -6.85 -17.98 22.43
N HIS E 233 -7.90 -17.33 21.89
CA HIS E 233 -8.52 -17.64 20.58
C HIS E 233 -7.52 -17.76 19.40
N VAL E 234 -6.47 -17.00 19.49
CA VAL E 234 -5.40 -16.87 18.51
C VAL E 234 -4.57 -18.15 18.27
N MET E 235 -4.46 -19.02 19.28
CA MET E 235 -3.66 -20.24 19.16
C MET E 235 -4.50 -21.48 18.73
N LEU E 236 -5.85 -21.35 18.71
CA LEU E 236 -6.76 -22.39 18.28
C LEU E 236 -6.45 -22.75 16.84
N ASN E 237 -6.57 -24.08 16.50
CA ASN E 237 -6.37 -24.63 15.14
C ASN E 237 -4.90 -24.79 14.74
N HIS E 238 -3.99 -24.21 15.53
CA HIS E 238 -2.54 -24.29 15.27
C HIS E 238 -1.98 -25.60 15.75
N LEU E 239 -0.95 -26.13 15.04
CA LEU E 239 -0.34 -27.41 15.35
C LEU E 239 0.87 -27.30 16.24
N TYR E 240 0.88 -28.13 17.29
CA TYR E 240 2.00 -28.32 18.23
C TYR E 240 2.47 -29.75 18.12
N ALA E 241 3.74 -30.01 18.37
CA ALA E 241 4.32 -31.36 18.24
C ALA E 241 5.38 -31.63 19.29
N LEU E 242 5.68 -32.92 19.47
CA LEU E 242 6.78 -33.43 20.27
C LEU E 242 7.78 -33.97 19.23
N SER E 243 9.08 -33.88 19.50
CA SER E 243 10.04 -34.44 18.53
C SER E 243 9.82 -35.95 18.40
N ILE E 244 10.02 -36.51 17.19
CA ILE E 244 9.89 -37.95 16.94
C ILE E 244 10.85 -38.74 17.87
N LYS E 245 10.27 -39.60 18.72
CA LYS E 245 10.95 -40.43 19.70
C LYS E 245 10.37 -41.83 19.52
N ASP E 246 11.23 -42.84 19.33
CA ASP E 246 10.89 -44.25 19.13
C ASP E 246 9.97 -44.49 17.90
N GLY E 247 10.18 -43.71 16.83
CA GLY E 247 9.42 -43.79 15.59
C GLY E 247 7.95 -43.51 15.82
N VAL E 248 7.65 -42.65 16.78
CA VAL E 248 6.30 -42.29 17.16
C VAL E 248 6.18 -40.79 17.10
N MET E 249 5.25 -40.31 16.25
CA MET E 249 4.94 -38.89 16.11
C MET E 249 3.78 -38.50 17.07
N VAL E 250 3.97 -37.43 17.85
CA VAL E 250 2.97 -36.93 18.79
C VAL E 250 2.53 -35.51 18.37
N LEU E 251 1.25 -35.35 17.95
CA LEU E 251 0.67 -34.09 17.44
C LEU E 251 -0.46 -33.57 18.31
N SER E 252 -0.59 -32.25 18.39
CA SER E 252 -1.61 -31.62 19.21
C SER E 252 -2.17 -30.32 18.60
N ALA E 253 -3.42 -29.94 18.99
CA ALA E 253 -4.11 -28.70 18.59
C ALA E 253 -5.30 -28.49 19.50
N THR E 254 -5.70 -27.21 19.73
CA THR E 254 -6.88 -26.85 20.52
C THR E 254 -7.93 -26.42 19.52
N HIS E 255 -9.13 -27.00 19.64
CA HIS E 255 -10.27 -26.71 18.77
C HIS E 255 -11.47 -26.34 19.63
N ARG E 256 -12.32 -25.48 19.08
CA ARG E 256 -13.55 -25.01 19.73
C ARG E 256 -14.72 -25.91 19.33
N TYR E 257 -15.58 -26.21 20.30
CA TYR E 257 -16.88 -26.88 20.12
C TYR E 257 -17.86 -25.99 20.89
N LYS E 258 -18.72 -25.24 20.15
CA LYS E 258 -19.69 -24.27 20.71
C LYS E 258 -18.92 -23.30 21.61
N LYS E 259 -19.04 -23.39 22.96
CA LYS E 259 -18.24 -22.50 23.82
C LYS E 259 -17.16 -23.23 24.67
N LYS E 260 -16.88 -24.51 24.36
CA LYS E 260 -15.86 -25.33 25.04
C LYS E 260 -14.66 -25.54 24.12
N TYR E 261 -13.52 -25.87 24.72
CA TYR E 261 -12.26 -26.13 24.03
C TYR E 261 -11.71 -27.48 24.41
N VAL E 262 -11.27 -28.20 23.35
CA VAL E 262 -10.67 -29.52 23.47
C VAL E 262 -9.27 -29.46 22.88
N THR E 263 -8.27 -29.89 23.66
CA THR E 263 -6.89 -30.02 23.23
C THR E 263 -6.67 -31.51 22.98
N THR E 264 -6.64 -31.90 21.70
CA THR E 264 -6.46 -33.31 21.34
C THR E 264 -4.99 -33.63 21.08
N LEU E 265 -4.54 -34.79 21.52
CA LEU E 265 -3.19 -35.30 21.29
C LEU E 265 -3.35 -36.56 20.48
N LEU E 266 -2.52 -36.73 19.47
CA LEU E 266 -2.54 -37.98 18.70
C LEU E 266 -1.18 -38.65 18.74
N TYR E 267 -1.15 -39.92 19.13
CA TYR E 267 0.07 -40.77 19.13
C TYR E 267 -0.05 -41.64 17.91
N LYS E 268 0.79 -41.36 16.92
CA LYS E 268 0.79 -42.00 15.62
C LYS E 268 2.17 -42.58 15.26
N PRO E 269 2.32 -43.92 15.11
CA PRO E 269 3.59 -44.48 14.63
C PRO E 269 3.86 -44.00 13.18
N ILE E 270 5.15 -43.82 12.84
CA ILE E 270 5.59 -43.40 11.50
C ILE E 270 6.68 -44.33 10.92
N ASN F 26 -39.72 -38.03 43.56
CA ASN F 26 -38.78 -39.15 43.44
C ASN F 26 -38.09 -39.21 42.05
N SER F 27 -38.86 -38.88 41.00
CA SER F 27 -38.43 -38.84 39.60
C SER F 27 -37.71 -37.50 39.30
N VAL F 28 -37.45 -36.63 40.30
CA VAL F 28 -36.81 -35.33 40.02
C VAL F 28 -35.42 -35.50 39.42
N TYR F 29 -34.60 -36.42 39.95
CA TYR F 29 -33.24 -36.63 39.43
C TYR F 29 -33.28 -37.22 38.01
N THR F 30 -34.30 -38.06 37.72
CA THR F 30 -34.55 -38.65 36.41
C THR F 30 -34.97 -37.55 35.41
N SER F 31 -35.83 -36.61 35.88
CA SER F 31 -36.30 -35.46 35.10
C SER F 31 -35.18 -34.49 34.83
N PHE F 32 -34.29 -34.32 35.84
CA PHE F 32 -33.09 -33.49 35.77
C PHE F 32 -32.15 -34.03 34.68
N MET F 33 -31.85 -35.33 34.76
CA MET F 33 -31.01 -36.09 33.87
C MET F 33 -31.50 -36.01 32.43
N LYS F 34 -32.84 -36.07 32.26
CA LYS F 34 -33.51 -35.99 30.96
C LYS F 34 -33.51 -34.58 30.39
N SER F 35 -33.48 -33.55 31.24
CA SER F 35 -33.48 -32.15 30.78
C SER F 35 -32.09 -31.58 30.39
N HIS F 36 -31.01 -32.18 30.90
CA HIS F 36 -29.65 -31.72 30.62
C HIS F 36 -28.94 -32.53 29.56
N ARG F 37 -28.27 -31.83 28.65
CA ARG F 37 -27.46 -32.39 27.57
C ARG F 37 -26.10 -32.78 28.13
N CYS F 38 -25.38 -33.72 27.49
CA CYS F 38 -24.02 -34.12 27.90
C CYS F 38 -23.08 -32.96 27.82
N TYR F 39 -23.34 -32.04 26.86
CA TYR F 39 -22.58 -30.82 26.62
C TYR F 39 -22.38 -30.00 27.91
N ASP F 40 -23.43 -29.89 28.73
CA ASP F 40 -23.43 -29.10 29.97
C ASP F 40 -22.36 -29.52 30.96
N LEU F 41 -21.91 -30.82 30.90
CA LEU F 41 -20.87 -31.40 31.78
C LEU F 41 -19.47 -31.29 31.26
N ILE F 42 -19.29 -31.01 29.95
CA ILE F 42 -17.97 -30.91 29.32
C ILE F 42 -17.25 -29.68 29.92
N PRO F 43 -15.99 -29.86 30.38
CA PRO F 43 -15.24 -28.69 30.90
C PRO F 43 -15.11 -27.59 29.85
N THR F 44 -14.86 -26.34 30.28
CA THR F 44 -14.67 -25.25 29.31
C THR F 44 -13.38 -25.52 28.52
N SER F 45 -12.33 -26.05 29.19
CA SER F 45 -11.07 -26.40 28.57
C SER F 45 -10.51 -27.73 29.16
N SER F 46 -10.29 -28.72 28.29
CA SER F 46 -9.75 -30.03 28.69
C SER F 46 -8.82 -30.65 27.64
N LYS F 47 -8.11 -31.66 28.03
CA LYS F 47 -7.11 -32.44 27.30
C LYS F 47 -7.66 -33.84 27.00
N LEU F 48 -7.47 -34.31 25.75
CA LEU F 48 -7.91 -35.61 25.28
C LEU F 48 -6.79 -36.26 24.52
N VAL F 49 -6.36 -37.46 24.96
CA VAL F 49 -5.25 -38.23 24.38
C VAL F 49 -5.82 -39.35 23.51
N VAL F 50 -5.44 -39.37 22.23
CA VAL F 50 -5.91 -40.36 21.28
C VAL F 50 -4.75 -41.24 20.85
N PHE F 51 -5.02 -42.51 20.67
CA PHE F 51 -4.01 -43.45 20.18
C PHE F 51 -4.44 -44.08 18.85
N ASP F 52 -3.53 -44.08 17.86
CA ASP F 52 -3.74 -44.80 16.61
C ASP F 52 -3.53 -46.30 16.98
N THR F 53 -4.44 -47.18 16.58
CA THR F 53 -4.39 -48.62 16.92
C THR F 53 -3.11 -49.37 16.52
N SER F 54 -2.30 -48.80 15.61
CA SER F 54 -1.04 -49.43 15.21
C SER F 54 0.09 -49.13 16.18
N LEU F 55 -0.20 -48.30 17.21
CA LEU F 55 0.76 -47.95 18.26
C LEU F 55 1.11 -49.15 19.15
N GLN F 56 2.39 -49.29 19.51
CA GLN F 56 2.88 -50.32 20.44
C GLN F 56 2.14 -50.12 21.75
N VAL F 57 1.51 -51.19 22.27
CA VAL F 57 0.64 -51.16 23.46
C VAL F 57 1.39 -50.69 24.72
N LYS F 58 2.70 -51.04 24.89
CA LYS F 58 3.50 -50.58 26.03
C LYS F 58 3.71 -49.07 25.96
N LYS F 59 3.88 -48.52 24.73
CA LYS F 59 4.00 -47.08 24.52
C LYS F 59 2.72 -46.36 24.90
N ALA F 60 1.55 -46.99 24.63
CA ALA F 60 0.22 -46.49 24.95
C ALA F 60 0.03 -46.35 26.46
N PHE F 61 0.35 -47.37 27.26
CA PHE F 61 0.28 -47.29 28.74
C PHE F 61 1.25 -46.28 29.36
N PHE F 62 2.47 -46.12 28.78
CA PHE F 62 3.42 -45.08 29.24
C PHE F 62 2.90 -43.68 28.94
N ALA F 63 2.23 -43.51 27.77
CA ALA F 63 1.63 -42.24 27.33
C ALA F 63 0.48 -41.83 28.24
N LEU F 64 -0.25 -42.81 28.82
CA LEU F 64 -1.31 -42.56 29.79
C LEU F 64 -0.70 -41.94 31.04
N VAL F 65 0.41 -42.52 31.53
CA VAL F 65 1.16 -42.03 32.71
C VAL F 65 1.70 -40.61 32.47
N THR F 66 2.47 -40.41 31.37
CA THR F 66 3.09 -39.12 31.05
C THR F 66 2.07 -37.99 30.85
N ASN F 67 0.89 -38.28 30.26
CA ASN F 67 -0.15 -37.27 30.05
C ASN F 67 -1.12 -37.15 31.22
N GLY F 68 -0.89 -37.95 32.27
CA GLY F 68 -1.70 -37.96 33.48
C GLY F 68 -3.16 -38.29 33.30
N VAL F 69 -3.47 -39.22 32.36
CA VAL F 69 -4.81 -39.64 31.98
C VAL F 69 -4.99 -41.17 32.10
N ARG F 70 -6.19 -41.61 32.41
CA ARG F 70 -6.54 -43.00 32.65
C ARG F 70 -6.98 -43.75 31.42
N ALA F 71 -7.67 -43.09 30.51
CA ALA F 71 -8.25 -43.72 29.33
C ALA F 71 -7.96 -42.92 28.07
N ALA F 72 -7.92 -43.58 26.93
CA ALA F 72 -7.69 -42.90 25.66
C ALA F 72 -8.54 -43.49 24.53
N PRO F 73 -9.32 -42.68 23.76
CA PRO F 73 -10.04 -43.23 22.60
C PRO F 73 -9.07 -43.84 21.59
N LEU F 74 -9.53 -44.87 20.86
CA LEU F 74 -8.69 -45.55 19.86
C LEU F 74 -9.12 -45.21 18.46
N TRP F 75 -8.20 -44.66 17.67
CA TRP F 75 -8.43 -44.28 16.29
C TRP F 75 -7.86 -45.32 15.34
N ASP F 76 -8.72 -45.88 14.49
CA ASP F 76 -8.31 -46.84 13.47
C ASP F 76 -8.15 -46.05 12.17
N SER F 77 -6.90 -45.81 11.77
CA SER F 77 -6.50 -45.07 10.57
C SER F 77 -7.07 -45.69 9.29
N LYS F 78 -6.97 -47.02 9.12
CA LYS F 78 -7.47 -47.69 7.92
C LYS F 78 -8.99 -47.59 7.79
N LYS F 79 -9.71 -47.72 8.91
CA LYS F 79 -11.18 -47.59 8.89
C LYS F 79 -11.65 -46.14 8.89
N GLN F 80 -10.80 -45.21 9.39
CA GLN F 80 -11.09 -43.80 9.58
C GLN F 80 -12.23 -43.61 10.59
N SER F 81 -12.13 -44.28 11.76
CA SER F 81 -13.11 -44.20 12.85
C SER F 81 -12.56 -44.60 14.21
N PHE F 82 -13.26 -44.18 15.31
CA PHE F 82 -12.95 -44.53 16.69
C PHE F 82 -13.52 -45.92 16.90
N VAL F 83 -12.73 -46.85 17.44
CA VAL F 83 -13.13 -48.26 17.51
C VAL F 83 -13.26 -48.79 18.95
N GLY F 84 -12.93 -47.96 19.92
CA GLY F 84 -13.00 -48.31 21.33
C GLY F 84 -12.13 -47.42 22.17
N MET F 85 -11.80 -47.89 23.38
CA MET F 85 -11.01 -47.17 24.37
C MET F 85 -9.89 -48.03 24.91
N LEU F 86 -8.76 -47.40 25.27
CA LEU F 86 -7.69 -48.10 25.97
C LEU F 86 -7.77 -47.56 27.40
N THR F 87 -7.89 -48.45 28.39
CA THR F 87 -8.00 -48.08 29.80
C THR F 87 -6.98 -48.90 30.60
N ILE F 88 -6.93 -48.67 31.94
CA ILE F 88 -6.05 -49.39 32.87
C ILE F 88 -6.48 -50.85 32.94
N THR F 89 -7.79 -51.16 32.67
CA THR F 89 -8.31 -52.55 32.63
C THR F 89 -7.61 -53.42 31.58
N ASP F 90 -7.23 -52.81 30.44
CA ASP F 90 -6.48 -53.45 29.35
C ASP F 90 -5.12 -53.87 29.86
N PHE F 91 -4.46 -52.97 30.66
CA PHE F 91 -3.15 -53.22 31.27
C PHE F 91 -3.25 -54.39 32.24
N ILE F 92 -4.27 -54.38 33.12
CA ILE F 92 -4.56 -55.47 34.06
C ILE F 92 -4.72 -56.81 33.34
N ASN F 93 -5.39 -56.78 32.17
CA ASN F 93 -5.66 -57.96 31.38
C ASN F 93 -4.44 -58.53 30.70
N ILE F 94 -3.56 -57.65 30.11
CA ILE F 94 -2.31 -58.05 29.45
C ILE F 94 -1.39 -58.70 30.49
N LEU F 95 -1.26 -58.04 31.65
CA LEU F 95 -0.39 -58.53 32.72
C LEU F 95 -0.83 -59.88 33.23
N HIS F 96 -2.12 -60.07 33.54
CA HIS F 96 -2.64 -61.36 34.04
C HIS F 96 -2.58 -62.51 33.03
N ARG F 97 -2.85 -62.21 31.76
CA ARG F 97 -2.79 -63.23 30.71
C ARG F 97 -1.36 -63.65 30.38
N TYR F 98 -0.41 -62.69 30.33
CA TYR F 98 0.93 -63.00 29.82
C TYR F 98 2.07 -63.09 30.82
N TYR F 99 1.91 -62.56 32.05
CA TYR F 99 2.99 -62.66 33.04
C TYR F 99 3.27 -64.12 33.37
N LYS F 100 4.55 -64.54 33.30
CA LYS F 100 4.95 -65.94 33.62
C LYS F 100 5.81 -65.97 34.89
N SER F 101 6.86 -65.16 34.90
CA SER F 101 7.81 -65.12 36.00
C SER F 101 8.47 -63.75 36.05
N ALA F 102 9.04 -63.37 37.22
CA ALA F 102 9.88 -62.19 37.38
C ALA F 102 11.23 -62.44 36.64
N LEU F 103 11.52 -63.71 36.30
CA LEU F 103 12.73 -64.16 35.62
C LEU F 103 12.65 -64.04 34.12
N VAL F 104 11.44 -63.82 33.58
CA VAL F 104 11.25 -63.77 32.13
C VAL F 104 10.48 -62.54 31.74
N GLN F 105 10.81 -62.02 30.56
CA GLN F 105 10.16 -60.85 29.98
C GLN F 105 8.68 -61.16 29.65
N ILE F 106 7.83 -60.12 29.64
CA ILE F 106 6.43 -60.29 29.23
C ILE F 106 6.48 -59.88 27.76
N TYR F 107 6.90 -60.82 26.89
CA TYR F 107 7.15 -60.58 25.47
C TYR F 107 6.01 -59.87 24.76
N GLU F 108 4.75 -60.28 24.98
CA GLU F 108 3.54 -59.74 24.34
C GLU F 108 3.24 -58.31 24.75
N LEU F 109 3.64 -57.91 25.96
CA LEU F 109 3.49 -56.54 26.41
C LEU F 109 4.49 -55.66 25.64
N GLU F 110 5.69 -56.21 25.38
CA GLU F 110 6.77 -55.55 24.63
C GLU F 110 6.55 -55.56 23.14
N GLU F 111 5.83 -56.58 22.61
CA GLU F 111 5.65 -56.81 21.17
C GLU F 111 4.31 -56.36 20.59
N HIS F 112 3.16 -56.56 21.31
CA HIS F 112 1.82 -56.22 20.79
C HIS F 112 1.64 -54.77 20.40
N LYS F 113 0.83 -54.57 19.34
CA LYS F 113 0.31 -53.27 18.94
C LYS F 113 -1.08 -53.31 19.59
N ILE F 114 -1.74 -52.16 19.76
CA ILE F 114 -3.10 -52.09 20.33
C ILE F 114 -4.04 -53.01 19.49
N GLU F 115 -3.97 -52.82 18.16
CA GLU F 115 -4.64 -53.55 17.08
C GLU F 115 -4.55 -55.08 17.34
N THR F 116 -3.33 -55.58 17.55
CA THR F 116 -3.12 -57.02 17.76
C THR F 116 -3.55 -57.47 19.17
N TRP F 117 -3.42 -56.60 20.19
CA TRP F 117 -3.88 -56.96 21.54
C TRP F 117 -5.41 -57.12 21.52
N ARG F 118 -6.07 -56.27 20.75
CA ARG F 118 -7.51 -56.25 20.63
C ARG F 118 -8.05 -57.45 19.91
N GLU F 119 -7.34 -58.00 18.89
CA GLU F 119 -7.70 -59.22 18.14
C GLU F 119 -7.79 -60.42 19.10
N VAL F 120 -6.85 -60.50 20.06
CA VAL F 120 -6.80 -61.52 21.11
C VAL F 120 -7.94 -61.22 22.12
N TYR F 121 -7.91 -60.06 22.81
CA TYR F 121 -8.90 -59.63 23.80
C TYR F 121 -10.37 -59.97 23.44
N LEU F 122 -10.80 -59.58 22.22
CA LEU F 122 -12.18 -59.70 21.73
C LEU F 122 -12.42 -60.88 20.77
N GLN F 123 -11.61 -61.96 20.92
CA GLN F 123 -11.67 -63.19 20.11
C GLN F 123 -13.08 -63.82 20.05
N ASP F 124 -13.81 -63.80 21.19
CA ASP F 124 -15.17 -64.34 21.35
C ASP F 124 -16.25 -63.24 21.51
N SER F 125 -15.85 -62.05 22.03
CA SER F 125 -16.76 -60.91 22.25
C SER F 125 -16.39 -59.71 21.37
N PHE F 126 -16.84 -59.70 20.09
CA PHE F 126 -16.58 -58.58 19.17
C PHE F 126 -17.37 -57.28 19.58
N LYS F 127 -16.93 -56.66 20.72
CA LYS F 127 -17.49 -55.47 21.39
C LYS F 127 -17.35 -54.20 20.55
N PRO F 128 -18.48 -53.53 20.20
CA PRO F 128 -18.38 -52.29 19.43
C PRO F 128 -18.11 -51.06 20.33
N LEU F 129 -17.90 -49.89 19.69
CA LEU F 129 -17.66 -48.65 20.41
C LEU F 129 -18.97 -48.15 21.04
N VAL F 130 -18.91 -47.93 22.35
CA VAL F 130 -20.02 -47.38 23.09
C VAL F 130 -19.72 -45.88 23.22
N CYS F 131 -20.56 -45.03 22.61
CA CYS F 131 -20.36 -43.57 22.66
C CYS F 131 -21.66 -42.82 22.79
N ILE F 132 -21.54 -41.52 23.07
CA ILE F 132 -22.70 -40.66 23.21
C ILE F 132 -22.48 -39.36 22.45
N SER F 133 -23.57 -38.70 22.04
CA SER F 133 -23.55 -37.40 21.35
C SER F 133 -23.55 -36.27 22.39
N PRO F 134 -22.87 -35.11 22.15
CA PRO F 134 -22.94 -33.99 23.11
C PRO F 134 -24.37 -33.47 23.36
N ASN F 135 -25.29 -33.71 22.38
CA ASN F 135 -26.71 -33.31 22.42
C ASN F 135 -27.63 -34.35 23.10
N ALA F 136 -27.12 -35.55 23.39
CA ALA F 136 -27.91 -36.54 24.10
C ALA F 136 -27.96 -36.15 25.59
N SER F 137 -29.08 -36.44 26.24
CA SER F 137 -29.33 -36.14 27.65
C SER F 137 -28.42 -36.93 28.59
N LEU F 138 -28.28 -36.45 29.83
CA LEU F 138 -27.50 -37.14 30.87
C LEU F 138 -28.14 -38.46 31.28
N PHE F 139 -29.47 -38.58 31.09
CA PHE F 139 -30.22 -39.80 31.36
C PHE F 139 -29.68 -40.92 30.45
N ASP F 140 -29.49 -40.62 29.15
CA ASP F 140 -28.93 -41.56 28.17
C ASP F 140 -27.52 -41.99 28.53
N ALA F 141 -26.69 -41.03 29.05
CA ALA F 141 -25.31 -41.26 29.50
C ALA F 141 -25.26 -42.23 30.68
N VAL F 142 -26.07 -41.99 31.72
CA VAL F 142 -26.19 -42.87 32.90
C VAL F 142 -26.69 -44.28 32.46
N SER F 143 -27.71 -44.34 31.59
CA SER F 143 -28.25 -45.61 31.05
C SER F 143 -27.17 -46.44 30.34
N SER F 144 -26.37 -45.80 29.49
CA SER F 144 -25.31 -46.45 28.77
C SER F 144 -24.17 -46.93 29.69
N LEU F 145 -23.83 -46.14 30.74
CA LEU F 145 -22.78 -46.55 31.68
C LEU F 145 -23.15 -47.85 32.44
N ILE F 146 -24.38 -47.92 32.96
CA ILE F 146 -24.88 -49.07 33.72
C ILE F 146 -25.13 -50.29 32.83
N ARG F 147 -25.98 -50.12 31.80
CA ARG F 147 -26.35 -51.14 30.82
C ARG F 147 -25.10 -51.87 30.30
N ASN F 148 -24.05 -51.11 29.90
CA ASN F 148 -22.83 -51.69 29.34
C ASN F 148 -21.75 -51.98 30.39
N LYS F 149 -22.07 -51.82 31.70
CA LYS F 149 -21.12 -52.04 32.82
C LYS F 149 -19.72 -51.42 32.53
N ILE F 150 -19.73 -50.12 32.19
CA ILE F 150 -18.53 -49.35 31.85
C ILE F 150 -18.35 -48.15 32.78
N HIS F 151 -17.17 -47.56 32.75
CA HIS F 151 -16.83 -46.44 33.59
C HIS F 151 -16.51 -45.18 32.80
N ARG F 152 -16.15 -45.35 31.52
CA ARG F 152 -15.71 -44.29 30.61
C ARG F 152 -16.54 -44.33 29.36
N LEU F 153 -17.21 -43.23 29.06
CA LEU F 153 -18.07 -43.10 27.90
C LEU F 153 -17.59 -41.91 27.05
N PRO F 154 -16.99 -42.12 25.85
CA PRO F 154 -16.60 -40.96 25.02
C PRO F 154 -17.77 -40.20 24.41
N VAL F 155 -17.73 -38.85 24.53
CA VAL F 155 -18.69 -37.92 23.95
C VAL F 155 -18.14 -37.59 22.54
N ILE F 156 -18.80 -38.08 21.48
CA ILE F 156 -18.37 -37.88 20.09
C ILE F 156 -19.38 -37.01 19.34
N ASP F 157 -18.91 -35.86 18.78
CA ASP F 157 -19.76 -34.94 18.03
C ASP F 157 -20.12 -35.57 16.67
N PRO F 158 -21.43 -35.77 16.38
CA PRO F 158 -21.79 -36.40 15.10
C PRO F 158 -21.49 -35.55 13.86
N GLU F 159 -21.53 -34.21 14.01
CA GLU F 159 -21.29 -33.26 12.94
C GLU F 159 -19.84 -33.23 12.43
N SER F 160 -18.86 -33.08 13.33
CA SER F 160 -17.42 -33.05 12.99
C SER F 160 -16.72 -34.40 13.09
N GLY F 161 -17.36 -35.35 13.78
CA GLY F 161 -16.83 -36.68 14.06
C GLY F 161 -15.78 -36.67 15.18
N ASN F 162 -15.55 -35.52 15.82
CA ASN F 162 -14.53 -35.44 16.86
C ASN F 162 -15.00 -35.92 18.22
N THR F 163 -14.11 -36.62 18.95
CA THR F 163 -14.32 -37.01 20.34
C THR F 163 -13.98 -35.74 21.10
N LEU F 164 -14.88 -35.34 21.97
CA LEU F 164 -14.72 -34.10 22.72
C LEU F 164 -14.28 -34.31 24.16
N TYR F 165 -14.76 -35.39 24.81
CA TYR F 165 -14.60 -35.62 26.23
C TYR F 165 -14.89 -37.06 26.64
N ILE F 166 -14.26 -37.54 27.73
CA ILE F 166 -14.50 -38.87 28.31
C ILE F 166 -15.30 -38.71 29.61
N LEU F 167 -16.60 -39.02 29.52
CA LEU F 167 -17.60 -38.93 30.60
C LEU F 167 -17.51 -40.12 31.60
N THR F 168 -17.64 -39.81 32.91
CA THR F 168 -17.54 -40.80 33.99
C THR F 168 -18.65 -40.63 34.97
N HIS F 169 -18.80 -41.58 35.91
CA HIS F 169 -19.75 -41.55 37.02
C HIS F 169 -19.41 -40.40 37.96
N LYS F 170 -18.09 -40.17 38.21
CA LYS F 170 -17.62 -39.10 39.11
C LYS F 170 -18.14 -37.77 38.64
N ARG F 171 -17.96 -37.49 37.33
CA ARG F 171 -18.34 -36.26 36.69
C ARG F 171 -19.84 -36.02 36.77
N ILE F 172 -20.65 -37.03 36.50
CA ILE F 172 -22.12 -36.97 36.54
C ILE F 172 -22.65 -36.70 37.97
N LEU F 173 -22.15 -37.46 38.97
CA LEU F 173 -22.59 -37.26 40.36
C LEU F 173 -22.22 -35.86 40.88
N LYS F 174 -21.01 -35.36 40.57
CA LYS F 174 -20.59 -34.02 40.98
C LYS F 174 -21.45 -32.93 40.32
N PHE F 175 -21.85 -33.10 39.05
CA PHE F 175 -22.73 -32.12 38.36
C PHE F 175 -24.13 -32.10 39.01
N LEU F 176 -24.62 -33.27 39.45
CA LEU F 176 -25.91 -33.40 40.12
C LEU F 176 -25.82 -32.66 41.44
N LYS F 177 -24.67 -32.82 42.14
CA LYS F 177 -24.40 -32.17 43.42
C LYS F 177 -24.48 -30.66 43.34
N LEU F 178 -24.16 -30.07 42.20
CA LEU F 178 -24.23 -28.62 41.98
C LEU F 178 -25.69 -28.10 41.96
N PHE F 179 -26.61 -28.92 41.44
CA PHE F 179 -28.02 -28.59 41.27
C PHE F 179 -28.98 -29.23 42.29
N ILE F 180 -28.48 -29.91 43.36
CA ILE F 180 -29.42 -30.56 44.30
C ILE F 180 -30.30 -29.54 45.03
N THR F 181 -29.83 -28.26 45.17
CA THR F 181 -30.54 -27.14 45.79
C THR F 181 -31.63 -26.57 44.87
N GLU F 182 -31.53 -26.83 43.55
CA GLU F 182 -32.45 -26.32 42.54
C GLU F 182 -33.78 -27.06 42.46
N PHE F 183 -33.92 -28.17 43.20
CA PHE F 183 -35.10 -29.05 43.13
C PHE F 183 -35.49 -29.60 44.49
N PRO F 184 -36.74 -30.12 44.66
CA PRO F 184 -37.08 -30.74 45.93
C PRO F 184 -36.23 -31.98 46.16
N LYS F 185 -35.83 -32.23 47.41
CA LYS F 185 -35.03 -33.39 47.77
C LYS F 185 -35.98 -34.54 48.04
N PRO F 186 -35.97 -35.66 47.28
CA PRO F 186 -36.96 -36.74 47.59
C PRO F 186 -36.59 -37.46 48.88
N GLU F 187 -37.63 -37.87 49.65
CA GLU F 187 -37.57 -38.47 50.98
C GLU F 187 -36.49 -39.55 51.14
N PHE F 188 -36.08 -40.22 50.05
CA PHE F 188 -35.05 -41.26 50.13
C PHE F 188 -33.65 -40.70 50.47
N MET F 189 -33.40 -39.40 50.17
CA MET F 189 -32.15 -38.70 50.44
C MET F 189 -31.78 -38.67 51.94
N SER F 190 -32.80 -38.66 52.81
CA SER F 190 -32.65 -38.65 54.27
C SER F 190 -32.80 -40.06 54.89
N LYS F 191 -33.05 -41.09 54.06
CA LYS F 191 -33.19 -42.49 54.48
C LYS F 191 -31.81 -43.14 54.55
N SER F 192 -31.60 -44.05 55.54
CA SER F 192 -30.33 -44.73 55.76
C SER F 192 -30.00 -45.72 54.63
N LEU F 193 -28.73 -46.15 54.58
CA LEU F 193 -28.26 -47.10 53.58
C LEU F 193 -28.91 -48.48 53.78
N GLU F 194 -29.14 -48.86 55.05
CA GLU F 194 -29.80 -50.11 55.44
C GLU F 194 -31.24 -50.17 54.86
N GLU F 195 -32.04 -49.10 55.05
CA GLU F 195 -33.42 -48.98 54.55
C GLU F 195 -33.48 -49.03 53.01
N LEU F 196 -32.56 -48.32 52.33
CA LEU F 196 -32.54 -48.18 50.88
C LEU F 196 -31.94 -49.37 50.15
N GLN F 197 -31.02 -50.10 50.81
CA GLN F 197 -30.30 -51.27 50.31
C GLN F 197 -29.53 -50.98 48.98
N ILE F 198 -28.80 -49.85 48.95
CA ILE F 198 -27.99 -49.41 47.82
C ILE F 198 -26.58 -49.92 48.09
N GLY F 199 -26.05 -50.71 47.14
CA GLY F 199 -24.72 -51.28 47.25
C GLY F 199 -24.70 -52.79 47.31
N THR F 200 -23.49 -53.37 47.45
CA THR F 200 -23.22 -54.81 47.53
C THR F 200 -22.80 -55.15 48.97
N TYR F 201 -23.46 -56.15 49.56
CA TYR F 201 -23.22 -56.54 50.95
C TYR F 201 -22.90 -58.02 51.09
N ALA F 202 -22.75 -58.72 49.95
CA ALA F 202 -22.43 -60.15 49.89
C ALA F 202 -21.41 -60.46 48.77
N ASN F 203 -20.52 -61.44 49.04
CA ASN F 203 -19.44 -61.91 48.18
C ASN F 203 -18.51 -60.76 47.74
N ILE F 204 -17.93 -60.06 48.74
CA ILE F 204 -17.03 -58.93 48.52
C ILE F 204 -15.60 -59.41 48.21
N ALA F 205 -15.14 -59.11 47.00
CA ALA F 205 -13.79 -59.43 46.53
C ALA F 205 -12.79 -58.53 47.29
N MET F 206 -11.95 -59.18 48.11
CA MET F 206 -10.96 -58.52 48.96
C MET F 206 -9.65 -59.23 48.85
N VAL F 207 -8.59 -58.54 49.28
CA VAL F 207 -7.24 -59.06 49.31
C VAL F 207 -6.59 -58.92 50.68
N ARG F 208 -5.57 -59.73 50.95
CA ARG F 208 -4.83 -59.64 52.20
C ARG F 208 -3.64 -58.68 51.99
N THR F 209 -3.05 -58.25 53.10
CA THR F 209 -1.86 -57.39 53.16
C THR F 209 -0.72 -58.04 52.34
N THR F 210 -0.64 -59.38 52.39
CA THR F 210 0.39 -60.21 51.76
C THR F 210 0.05 -60.71 50.34
N THR F 211 -1.18 -60.48 49.89
CA THR F 211 -1.63 -60.94 48.57
C THR F 211 -0.74 -60.42 47.42
N PRO F 212 -0.12 -61.33 46.64
CA PRO F 212 0.68 -60.90 45.48
C PRO F 212 -0.14 -60.10 44.48
N VAL F 213 0.49 -59.13 43.82
CA VAL F 213 -0.13 -58.29 42.81
C VAL F 213 -0.83 -59.12 41.72
N TYR F 214 -0.18 -60.19 41.22
CA TYR F 214 -0.72 -61.08 40.20
C TYR F 214 -2.08 -61.65 40.59
N VAL F 215 -2.22 -62.08 41.85
CA VAL F 215 -3.45 -62.67 42.40
C VAL F 215 -4.57 -61.63 42.37
N ALA F 216 -4.28 -60.39 42.85
CA ALA F 216 -5.20 -59.25 42.84
C ALA F 216 -5.71 -58.93 41.43
N LEU F 217 -4.80 -59.02 40.42
CA LEU F 217 -5.14 -58.79 39.01
C LEU F 217 -6.09 -59.89 38.51
N GLY F 218 -5.90 -61.11 39.02
CA GLY F 218 -6.76 -62.23 38.67
C GLY F 218 -8.16 -62.01 39.18
N ILE F 219 -8.28 -61.41 40.38
CA ILE F 219 -9.54 -61.07 41.02
C ILE F 219 -10.28 -59.95 40.23
N PHE F 220 -9.52 -58.96 39.66
CA PHE F 220 -10.12 -57.90 38.86
C PHE F 220 -10.70 -58.52 37.59
N VAL F 221 -9.94 -59.40 36.94
CA VAL F 221 -10.32 -60.10 35.69
C VAL F 221 -11.56 -61.02 35.89
N GLN F 222 -11.61 -61.76 37.00
CA GLN F 222 -12.70 -62.68 37.29
C GLN F 222 -13.96 -61.98 37.80
N HIS F 223 -13.82 -61.05 38.76
CA HIS F 223 -14.96 -60.41 39.40
C HIS F 223 -15.39 -59.08 38.79
N ARG F 224 -14.58 -58.50 37.89
CA ARG F 224 -14.87 -57.25 37.18
C ARG F 224 -15.32 -56.08 38.13
N VAL F 225 -14.60 -55.94 39.25
CA VAL F 225 -14.82 -54.92 40.28
C VAL F 225 -13.68 -53.91 40.18
N SER F 226 -13.96 -52.64 40.45
CA SER F 226 -12.98 -51.56 40.25
C SER F 226 -11.95 -51.38 41.39
N ALA F 227 -12.16 -51.99 42.57
CA ALA F 227 -11.23 -51.87 43.69
C ALA F 227 -11.38 -52.99 44.67
N LEU F 228 -10.27 -53.33 45.33
CA LEU F 228 -10.25 -54.40 46.31
C LEU F 228 -9.83 -53.85 47.65
N PRO F 229 -10.70 -53.95 48.69
CA PRO F 229 -10.27 -53.57 50.04
C PRO F 229 -9.15 -54.53 50.48
N VAL F 230 -8.09 -53.96 51.06
CA VAL F 230 -6.92 -54.69 51.58
C VAL F 230 -7.20 -54.88 53.09
N VAL F 231 -7.33 -56.15 53.50
CA VAL F 231 -7.68 -56.46 54.89
C VAL F 231 -6.54 -57.15 55.65
N ASP F 232 -6.55 -56.93 56.99
CA ASP F 232 -5.62 -57.53 57.94
C ASP F 232 -6.13 -58.93 58.32
N GLU F 233 -5.43 -59.60 59.26
CA GLU F 233 -5.80 -60.94 59.72
C GLU F 233 -7.19 -61.00 60.38
N LYS F 234 -7.63 -59.90 61.02
CA LYS F 234 -8.92 -59.81 61.71
C LYS F 234 -10.11 -59.40 60.79
N GLY F 235 -9.81 -59.07 59.52
CA GLY F 235 -10.81 -58.71 58.52
C GLY F 235 -11.16 -57.24 58.40
N ARG F 236 -10.26 -56.38 58.92
CA ARG F 236 -10.42 -54.92 58.92
C ARG F 236 -9.66 -54.23 57.78
N VAL F 237 -10.30 -53.23 57.12
CA VAL F 237 -9.68 -52.42 56.05
C VAL F 237 -8.47 -51.65 56.56
N VAL F 238 -7.38 -51.74 55.82
CA VAL F 238 -6.11 -51.09 56.13
C VAL F 238 -5.73 -50.22 54.92
N ASP F 239 -6.03 -50.72 53.72
CA ASP F 239 -5.78 -50.03 52.47
C ASP F 239 -6.82 -50.44 51.45
N ILE F 240 -6.71 -49.91 50.25
CA ILE F 240 -7.58 -50.20 49.12
C ILE F 240 -6.71 -50.24 47.85
N TYR F 241 -6.80 -51.36 47.11
CA TYR F 241 -6.10 -51.51 45.84
C TYR F 241 -7.11 -51.30 44.70
N SER F 242 -7.16 -50.08 44.14
CA SER F 242 -8.03 -49.75 43.03
C SER F 242 -7.28 -50.06 41.73
N LYS F 243 -8.03 -50.22 40.62
CA LYS F 243 -7.48 -50.46 39.29
C LYS F 243 -6.52 -49.31 38.91
N PHE F 244 -6.82 -48.07 39.35
CA PHE F 244 -6.00 -46.89 39.12
C PHE F 244 -4.56 -47.10 39.64
N ASP F 245 -4.42 -47.77 40.78
CA ASP F 245 -3.13 -48.03 41.44
C ASP F 245 -2.23 -48.99 40.66
N VAL F 246 -2.82 -49.81 39.78
CA VAL F 246 -2.11 -50.76 38.93
C VAL F 246 -1.27 -49.99 37.90
N ILE F 247 -1.69 -48.78 37.47
CA ILE F 247 -0.93 -48.02 36.48
C ILE F 247 0.47 -47.59 37.02
N ASN F 248 0.64 -47.54 38.34
CA ASN F 248 1.91 -47.26 39.00
C ASN F 248 2.98 -48.32 38.60
N LEU F 249 2.57 -49.57 38.28
CA LEU F 249 3.47 -50.61 37.78
C LEU F 249 4.08 -50.13 36.46
N ALA F 250 3.29 -49.40 35.62
CA ALA F 250 3.77 -48.81 34.36
C ALA F 250 4.61 -47.56 34.62
N ALA F 251 4.20 -46.69 35.58
CA ALA F 251 4.90 -45.45 35.97
C ALA F 251 6.31 -45.71 36.51
N GLU F 252 6.40 -46.62 37.49
CA GLU F 252 7.64 -47.02 38.15
C GLU F 252 8.39 -48.11 37.39
N LYS F 253 7.81 -48.64 36.27
CA LYS F 253 8.36 -49.73 35.44
C LYS F 253 8.69 -51.01 36.28
N THR F 254 7.80 -51.32 37.24
CA THR F 254 7.90 -52.44 38.17
C THR F 254 6.93 -53.58 37.81
N TYR F 255 6.40 -53.55 36.55
CA TYR F 255 5.40 -54.48 36.04
C TYR F 255 5.95 -55.91 35.80
N ASN F 256 7.29 -56.10 35.78
CA ASN F 256 7.83 -57.43 35.53
C ASN F 256 8.01 -58.28 36.80
N ASN F 257 7.55 -57.76 37.94
CA ASN F 257 7.55 -58.50 39.19
C ASN F 257 6.19 -58.33 39.85
N LEU F 258 5.33 -59.32 39.61
CA LEU F 258 3.95 -59.34 40.13
C LEU F 258 3.80 -60.27 41.33
N ASP F 259 4.94 -60.75 41.86
CA ASP F 259 5.03 -61.64 43.02
C ASP F 259 4.97 -60.80 44.30
N VAL F 260 5.37 -59.53 44.18
CA VAL F 260 5.41 -58.51 45.21
C VAL F 260 4.03 -58.32 45.86
N SER F 261 3.96 -58.18 47.18
CA SER F 261 2.70 -57.99 47.87
C SER F 261 1.95 -56.73 47.41
N VAL F 262 0.65 -56.73 47.62
CA VAL F 262 -0.23 -55.63 47.32
C VAL F 262 0.17 -54.39 48.20
N THR F 263 0.74 -54.66 49.41
CA THR F 263 1.27 -53.64 50.34
C THR F 263 2.52 -52.98 49.71
N LYS F 264 3.47 -53.78 49.17
CA LYS F 264 4.68 -53.24 48.52
C LYS F 264 4.31 -52.38 47.32
N ALA F 265 3.25 -52.79 46.58
CA ALA F 265 2.72 -52.05 45.42
C ALA F 265 2.01 -50.73 45.82
N LEU F 266 1.49 -50.64 47.08
CA LEU F 266 0.83 -49.44 47.61
C LEU F 266 1.72 -48.53 48.47
N GLN F 267 3.01 -48.91 48.67
CA GLN F 267 4.01 -48.19 49.48
C GLN F 267 4.31 -46.78 48.97
N HIS F 268 4.26 -46.58 47.64
CA HIS F 268 4.57 -45.31 46.99
C HIS F 268 3.72 -44.12 47.46
N ARG F 269 2.48 -44.38 47.92
CA ARG F 269 1.52 -43.37 48.33
C ARG F 269 1.24 -43.33 49.85
N SER F 270 2.03 -44.07 50.66
CA SER F 270 1.87 -44.15 52.13
C SER F 270 2.09 -42.82 52.88
N HIS F 271 2.95 -41.94 52.32
CA HIS F 271 3.30 -40.62 52.87
C HIS F 271 2.18 -39.56 52.67
N TYR F 272 1.22 -39.80 51.75
CA TYR F 272 0.12 -38.88 51.53
C TYR F 272 -1.26 -39.59 51.61
N PHE F 273 -1.30 -40.83 52.16
CA PHE F 273 -2.55 -41.58 52.28
C PHE F 273 -3.28 -41.28 53.60
N GLU F 274 -4.35 -40.47 53.50
CA GLU F 274 -5.20 -40.03 54.62
C GLU F 274 -6.07 -41.16 55.22
N GLY F 275 -6.02 -42.34 54.62
CA GLY F 275 -6.79 -43.49 55.08
C GLY F 275 -7.90 -43.90 54.13
N VAL F 276 -8.58 -45.02 54.46
CA VAL F 276 -9.68 -45.57 53.66
C VAL F 276 -10.99 -44.87 53.98
N LEU F 277 -11.62 -44.31 52.94
CA LEU F 277 -12.89 -43.62 53.03
C LEU F 277 -13.98 -44.67 53.15
N LYS F 278 -14.71 -44.56 54.24
CA LYS F 278 -15.76 -45.51 54.59
C LYS F 278 -17.05 -44.82 55.04
N CYS F 279 -18.09 -45.66 55.22
CA CYS F 279 -19.40 -45.24 55.70
C CYS F 279 -20.07 -46.34 56.52
N TYR F 280 -21.13 -45.98 57.26
CA TYR F 280 -21.90 -46.90 58.09
C TYR F 280 -23.26 -47.10 57.49
N LEU F 281 -23.89 -48.26 57.76
CA LEU F 281 -25.23 -48.59 57.26
C LEU F 281 -26.31 -47.63 57.77
N HIS F 282 -26.09 -47.03 58.96
CA HIS F 282 -27.03 -46.09 59.59
C HIS F 282 -27.02 -44.69 58.95
N GLU F 283 -25.98 -44.39 58.14
CA GLU F 283 -25.80 -43.11 57.50
C GLU F 283 -26.75 -42.91 56.34
N THR F 284 -27.16 -41.65 56.08
CA THR F 284 -28.12 -41.31 55.02
C THR F 284 -27.47 -41.26 53.65
N LEU F 285 -28.29 -41.41 52.58
CA LEU F 285 -27.87 -41.38 51.18
C LEU F 285 -27.21 -40.06 50.85
N GLU F 286 -27.82 -38.95 51.30
CA GLU F 286 -27.31 -37.59 51.08
C GLU F 286 -25.89 -37.43 51.65
N THR F 287 -25.66 -37.90 52.89
CA THR F 287 -24.36 -37.86 53.56
C THR F 287 -23.31 -38.56 52.72
N ILE F 288 -23.61 -39.81 52.28
CA ILE F 288 -22.78 -40.69 51.45
C ILE F 288 -22.45 -40.00 50.11
N ILE F 289 -23.46 -39.44 49.42
CA ILE F 289 -23.27 -38.70 48.15
C ILE F 289 -22.31 -37.53 48.37
N ASN F 290 -22.55 -36.73 49.42
CA ASN F 290 -21.71 -35.60 49.77
C ASN F 290 -20.26 -36.03 50.05
N ARG F 291 -20.08 -37.15 50.77
CA ARG F 291 -18.77 -37.70 51.12
C ARG F 291 -18.02 -38.11 49.85
N LEU F 292 -18.70 -38.84 48.95
CA LEU F 292 -18.13 -39.33 47.68
C LEU F 292 -17.73 -38.22 46.72
N VAL F 293 -18.60 -37.23 46.54
CA VAL F 293 -18.37 -36.08 45.66
C VAL F 293 -17.14 -35.26 46.15
N GLU F 294 -17.09 -34.94 47.47
CA GLU F 294 -15.97 -34.22 48.08
C GLU F 294 -14.65 -35.00 47.97
N ALA F 295 -14.69 -36.32 48.22
CA ALA F 295 -13.52 -37.19 48.18
C ALA F 295 -12.99 -37.45 46.76
N GLU F 296 -13.88 -37.39 45.74
CA GLU F 296 -13.59 -37.64 44.32
C GLU F 296 -13.08 -39.08 44.08
N VAL F 297 -13.64 -40.05 44.86
CA VAL F 297 -13.40 -41.51 44.79
C VAL F 297 -14.62 -42.19 44.17
N HIS F 298 -14.45 -43.40 43.64
CA HIS F 298 -15.54 -44.12 43.00
C HIS F 298 -16.41 -44.92 43.99
N ARG F 299 -15.88 -45.29 45.15
CA ARG F 299 -16.63 -46.04 46.14
C ARG F 299 -16.16 -45.80 47.58
N LEU F 300 -17.03 -46.18 48.54
CA LEU F 300 -16.77 -46.16 49.98
C LEU F 300 -16.92 -47.60 50.46
N VAL F 301 -16.11 -47.97 51.44
CA VAL F 301 -16.17 -49.30 52.04
C VAL F 301 -17.15 -49.23 53.21
N VAL F 302 -18.26 -49.99 53.14
CA VAL F 302 -19.24 -50.01 54.21
C VAL F 302 -18.65 -50.89 55.32
N VAL F 303 -18.42 -50.30 56.51
CA VAL F 303 -17.80 -50.97 57.66
C VAL F 303 -18.74 -50.96 58.87
N ASP F 304 -18.39 -51.78 59.89
CA ASP F 304 -19.10 -51.82 61.18
C ASP F 304 -18.33 -50.94 62.20
N GLU F 305 -18.69 -51.06 63.48
CA GLU F 305 -18.05 -50.32 64.58
C GLU F 305 -16.49 -50.42 64.56
N ASN F 306 -15.97 -51.66 64.39
CA ASN F 306 -14.55 -52.00 64.46
C ASN F 306 -13.82 -52.20 63.10
N ASP F 307 -14.13 -51.35 62.07
CA ASP F 307 -13.52 -51.30 60.72
C ASP F 307 -13.59 -52.62 59.89
N VAL F 308 -14.41 -53.59 60.31
CA VAL F 308 -14.59 -54.84 59.56
C VAL F 308 -15.55 -54.56 58.38
N VAL F 309 -15.09 -54.88 57.15
CA VAL F 309 -15.82 -54.71 55.90
C VAL F 309 -17.18 -55.44 55.98
N LYS F 310 -18.27 -54.74 55.67
CA LYS F 310 -19.63 -55.28 55.64
C LYS F 310 -20.22 -55.18 54.22
N GLY F 311 -19.64 -54.29 53.40
CA GLY F 311 -20.08 -54.08 52.02
C GLY F 311 -19.38 -52.96 51.28
N ILE F 312 -19.93 -52.62 50.09
CA ILE F 312 -19.41 -51.58 49.19
C ILE F 312 -20.56 -50.76 48.65
N VAL F 313 -20.35 -49.45 48.56
CA VAL F 313 -21.29 -48.54 47.93
C VAL F 313 -20.49 -47.70 46.91
N SER F 314 -20.67 -48.02 45.62
CA SER F 314 -19.97 -47.33 44.54
C SER F 314 -20.89 -46.36 43.83
N LEU F 315 -20.29 -45.50 43.00
CA LEU F 315 -20.94 -44.48 42.20
C LEU F 315 -21.95 -45.10 41.24
N SER F 316 -21.65 -46.29 40.72
CA SER F 316 -22.57 -47.00 39.82
C SER F 316 -23.82 -47.44 40.54
N ASP F 317 -23.69 -47.88 41.82
CA ASP F 317 -24.82 -48.28 42.67
C ASP F 317 -25.73 -47.07 42.93
N ILE F 318 -25.09 -45.91 43.17
CA ILE F 318 -25.76 -44.65 43.47
C ILE F 318 -26.45 -44.14 42.22
N LEU F 319 -25.77 -44.13 41.07
CA LEU F 319 -26.40 -43.62 39.86
C LEU F 319 -27.54 -44.50 39.37
N GLN F 320 -27.45 -45.81 39.66
CA GLN F 320 -28.50 -46.76 39.31
C GLN F 320 -29.75 -46.47 40.11
N ALA F 321 -29.63 -46.29 41.44
CA ALA F 321 -30.76 -46.00 42.32
C ALA F 321 -31.41 -44.65 42.00
N LEU F 322 -30.60 -43.59 41.73
CA LEU F 322 -31.10 -42.24 41.42
C LEU F 322 -31.78 -42.12 40.05
N VAL F 323 -31.30 -42.89 39.07
CA VAL F 323 -31.80 -42.90 37.69
C VAL F 323 -32.39 -44.33 37.42
N LEU F 324 -33.52 -44.60 38.10
CA LEU F 324 -34.28 -45.86 38.15
C LEU F 324 -35.78 -45.54 38.02
#